data_1VND
#
_entry.id   1VND
#
_cell.length_a   1.000
_cell.length_b   1.000
_cell.length_c   1.000
_cell.angle_alpha   90.00
_cell.angle_beta   90.00
_cell.angle_gamma   90.00
#
_symmetry.space_group_name_H-M   'P 1'
#
_entity_poly.entity_id   1
_entity_poly.type   'polypeptide(L)'
_entity_poly.pdbx_seq_one_letter_code
;ASDGLPNKKRKRRVLFTKAQTYELERRFRQQRYLSAPEREHLASLIRLTPTQVKIWFQNHRYKTKRAQNEKGYEGHP
;
_entity_poly.pdbx_strand_id   A
#
# COMPACT_ATOMS: atom_id res chain seq x y z
N ALA A 1 0.76 14.40 9.28
CA ALA A 1 0.95 13.15 10.07
C ALA A 1 0.77 11.95 9.20
N SER A 2 -0.40 11.86 8.49
CA SER A 2 -0.79 10.79 7.59
C SER A 2 -0.71 11.30 6.16
N ASP A 3 -0.96 12.62 5.97
CA ASP A 3 -0.87 13.32 4.69
C ASP A 3 -0.05 14.56 4.96
N GLY A 4 1.26 14.35 5.24
CA GLY A 4 2.21 15.40 5.54
C GLY A 4 3.29 14.77 6.35
N LEU A 5 4.49 15.40 6.39
CA LEU A 5 5.64 14.91 7.14
C LEU A 5 6.58 16.10 7.26
N PRO A 6 7.40 16.36 8.33
CA PRO A 6 8.35 17.47 8.35
C PRO A 6 9.73 16.98 7.86
N ASN A 7 9.85 16.62 6.56
CA ASN A 7 11.06 16.12 5.94
C ASN A 7 11.03 16.64 4.53
N LYS A 8 12.09 16.31 3.74
CA LYS A 8 12.21 16.67 2.34
C LYS A 8 12.75 15.44 1.65
N LYS A 9 11.83 14.68 1.00
CA LYS A 9 12.15 13.51 0.22
C LYS A 9 11.04 13.41 -0.79
N ARG A 10 9.90 12.78 -0.40
CA ARG A 10 8.74 12.54 -1.25
C ARG A 10 7.54 12.56 -0.33
N LYS A 11 6.54 13.48 -0.53
CA LYS A 11 6.49 14.64 -1.41
C LYS A 11 6.15 14.32 -2.87
N ARG A 12 5.01 13.65 -3.23
CA ARG A 12 3.84 13.21 -2.54
C ARG A 12 3.96 11.81 -1.99
N ARG A 13 3.73 11.69 -0.65
CA ARG A 13 3.71 10.52 0.16
C ARG A 13 2.38 9.79 0.17
N VAL A 14 2.41 8.58 0.76
CA VAL A 14 1.34 7.96 1.51
C VAL A 14 1.99 7.49 2.78
N LEU A 15 1.33 7.74 3.93
CA LEU A 15 1.79 7.28 5.23
C LEU A 15 0.54 6.78 5.94
N PHE A 16 0.46 5.43 6.07
CA PHE A 16 -0.64 4.63 6.55
C PHE A 16 -0.33 4.13 7.96
N THR A 17 -1.41 3.84 8.76
CA THR A 17 -1.36 3.43 10.17
C THR A 17 -1.41 1.92 10.31
N LYS A 18 -1.51 1.39 11.56
CA LYS A 18 -1.13 0.03 11.97
C LYS A 18 -2.06 -1.11 11.59
N ALA A 19 -3.29 -0.81 11.09
CA ALA A 19 -4.20 -1.76 10.44
C ALA A 19 -3.86 -1.97 8.97
N GLN A 20 -3.53 -0.84 8.28
CA GLN A 20 -3.29 -0.70 6.86
C GLN A 20 -1.94 -1.26 6.46
N THR A 21 -0.88 -0.96 7.27
CA THR A 21 0.51 -1.38 7.11
C THR A 21 0.71 -2.86 7.46
N TYR A 22 -0.18 -3.41 8.36
CA TYR A 22 -0.25 -4.81 8.80
C TYR A 22 -0.68 -5.75 7.69
N GLU A 23 -1.82 -5.44 7.02
CA GLU A 23 -2.42 -6.25 5.95
C GLU A 23 -1.66 -6.24 4.63
N LEU A 24 -1.05 -5.08 4.25
CA LEU A 24 -0.26 -4.88 3.03
C LEU A 24 1.10 -5.56 3.03
N GLU A 25 1.83 -5.52 4.18
CA GLU A 25 3.08 -6.24 4.42
C GLU A 25 2.95 -7.75 4.57
N ARG A 26 1.79 -8.25 5.11
CA ARG A 26 1.54 -9.67 5.34
C ARG A 26 1.13 -10.45 4.11
N ARG A 27 0.52 -9.75 3.11
CA ARG A 27 0.35 -10.24 1.73
C ARG A 27 1.63 -10.08 0.90
N PHE A 28 2.54 -9.10 1.19
CA PHE A 28 3.81 -8.89 0.47
C PHE A 28 4.89 -9.93 0.81
N ARG A 29 4.75 -10.69 1.93
CA ARG A 29 5.62 -11.80 2.35
C ARG A 29 5.23 -13.12 1.69
N GLN A 30 3.91 -13.50 1.65
CA GLN A 30 3.37 -14.74 1.17
C GLN A 30 3.00 -14.71 -0.31
N GLN A 31 2.73 -13.50 -0.89
CA GLN A 31 2.31 -13.32 -2.27
C GLN A 31 3.25 -12.32 -2.92
N ARG A 32 3.12 -12.19 -4.26
CA ARG A 32 3.65 -11.11 -5.09
C ARG A 32 2.55 -10.19 -5.54
N TYR A 33 1.40 -10.81 -5.92
CA TYR A 33 0.34 -10.28 -6.73
C TYR A 33 -0.94 -10.85 -6.18
N LEU A 34 -2.06 -10.10 -6.36
CA LEU A 34 -3.38 -10.39 -5.83
C LEU A 34 -4.31 -9.78 -6.83
N SER A 35 -5.20 -10.64 -7.41
CA SER A 35 -6.13 -10.36 -8.51
C SER A 35 -7.42 -9.75 -7.99
N ALA A 36 -8.22 -9.12 -8.90
CA ALA A 36 -9.41 -8.28 -8.68
C ALA A 36 -10.56 -8.79 -7.79
N PRO A 37 -11.01 -10.07 -7.74
CA PRO A 37 -12.04 -10.55 -6.81
C PRO A 37 -11.63 -10.53 -5.33
N GLU A 38 -10.31 -10.69 -5.04
CA GLU A 38 -9.70 -10.68 -3.72
C GLU A 38 -8.93 -9.41 -3.37
N ARG A 39 -8.55 -8.53 -4.35
CA ARG A 39 -7.84 -7.26 -4.15
C ARG A 39 -8.79 -6.13 -3.80
N GLU A 40 -10.01 -6.11 -4.42
CA GLU A 40 -11.08 -5.15 -4.20
C GLU A 40 -11.86 -5.44 -2.92
N HIS A 41 -11.76 -6.70 -2.43
CA HIS A 41 -12.32 -7.24 -1.19
C HIS A 41 -11.44 -6.90 0.00
N LEU A 42 -10.10 -6.74 -0.25
CA LEU A 42 -9.05 -6.28 0.66
C LEU A 42 -9.10 -4.77 0.89
N ALA A 43 -9.57 -4.00 -0.14
CA ALA A 43 -9.76 -2.55 -0.15
C ALA A 43 -11.07 -2.13 0.48
N SER A 44 -12.11 -3.01 0.46
CA SER A 44 -13.39 -2.86 1.14
C SER A 44 -13.36 -3.31 2.59
N LEU A 45 -12.44 -4.26 2.92
CA LEU A 45 -12.16 -4.79 4.24
C LEU A 45 -11.38 -3.83 5.10
N ILE A 46 -10.40 -3.07 4.50
CA ILE A 46 -9.49 -2.21 5.21
C ILE A 46 -9.86 -0.74 5.08
N ARG A 47 -10.65 -0.36 4.02
CA ARG A 47 -11.23 0.94 3.71
C ARG A 47 -10.27 1.88 2.98
N LEU A 48 -9.94 1.55 1.70
CA LEU A 48 -9.17 2.43 0.82
C LEU A 48 -9.79 2.32 -0.57
N THR A 49 -9.11 2.95 -1.58
CA THR A 49 -9.46 3.02 -2.98
C THR A 49 -8.72 1.89 -3.73
N PRO A 50 -9.30 1.33 -4.83
CA PRO A 50 -8.67 0.39 -5.76
C PRO A 50 -7.38 0.85 -6.46
N THR A 51 -7.16 2.18 -6.62
CA THR A 51 -6.05 2.75 -7.36
C THR A 51 -4.82 2.95 -6.46
N GLN A 52 -5.00 3.18 -5.13
CA GLN A 52 -3.92 3.35 -4.18
C GLN A 52 -3.36 2.03 -3.69
N VAL A 53 -4.22 0.95 -3.61
CA VAL A 53 -3.81 -0.44 -3.34
C VAL A 53 -3.02 -1.09 -4.49
N LYS A 54 -3.48 -0.87 -5.78
CA LYS A 54 -2.83 -1.31 -7.02
C LYS A 54 -1.42 -0.78 -7.24
N ILE A 55 -1.22 0.56 -7.02
CA ILE A 55 0.08 1.23 -7.13
C ILE A 55 0.94 1.14 -5.87
N TRP A 56 0.42 0.60 -4.71
CA TRP A 56 1.21 0.19 -3.53
C TRP A 56 2.02 -1.07 -3.81
N PHE A 57 1.40 -2.09 -4.49
CA PHE A 57 2.03 -3.36 -4.88
C PHE A 57 2.89 -3.25 -6.13
N GLN A 58 2.74 -2.16 -6.92
CA GLN A 58 3.57 -1.74 -8.04
C GLN A 58 4.89 -1.13 -7.60
N ASN A 59 4.87 -0.32 -6.50
CA ASN A 59 5.98 0.48 -5.99
C ASN A 59 6.86 -0.29 -5.01
N HIS A 60 6.33 -1.41 -4.42
CA HIS A 60 7.01 -2.30 -3.48
C HIS A 60 7.94 -3.33 -4.14
N ARG A 61 7.68 -3.73 -5.42
CA ARG A 61 8.52 -4.55 -6.30
C ARG A 61 9.55 -3.74 -7.09
N TYR A 62 10.37 -2.84 -6.47
CA TYR A 62 11.15 -1.85 -7.19
C TYR A 62 12.47 -1.61 -6.52
N LYS A 63 13.24 -2.69 -6.16
CA LYS A 63 14.65 -2.69 -5.67
C LYS A 63 14.87 -1.85 -4.40
N THR A 64 13.94 -2.07 -3.42
CA THR A 64 13.33 -1.03 -2.58
C THR A 64 14.07 -0.61 -1.33
N LYS A 65 15.02 -1.45 -0.82
CA LYS A 65 15.77 -1.24 0.43
C LYS A 65 17.03 -0.40 0.27
N ARG A 66 16.84 0.81 -0.33
CA ARG A 66 17.80 1.87 -0.54
C ARG A 66 16.98 2.95 -1.19
N ALA A 67 17.52 4.19 -1.38
CA ALA A 67 16.84 5.33 -2.01
C ALA A 67 17.04 5.39 -3.52
N GLN A 68 17.48 4.25 -4.12
CA GLN A 68 17.41 3.96 -5.53
C GLN A 68 16.15 3.15 -5.77
N ASN A 69 15.07 3.93 -5.88
CA ASN A 69 13.70 3.51 -6.08
C ASN A 69 13.19 4.53 -7.08
N GLU A 70 13.75 4.46 -8.30
CA GLU A 70 13.61 5.36 -9.46
C GLU A 70 12.22 5.79 -9.97
N LYS A 71 11.26 4.91 -10.41
CA LYS A 71 9.94 5.32 -10.84
C LYS A 71 8.96 4.64 -9.92
N GLY A 72 8.11 5.46 -9.25
CA GLY A 72 7.10 5.07 -8.30
C GLY A 72 7.66 4.93 -6.90
N TYR A 73 7.99 6.07 -6.26
CA TYR A 73 8.47 6.18 -4.92
C TYR A 73 7.75 7.33 -4.28
N GLU A 74 6.90 6.92 -3.32
CA GLU A 74 6.03 7.66 -2.44
C GLU A 74 6.56 7.52 -1.02
N GLY A 75 7.73 8.15 -0.75
CA GLY A 75 8.45 8.11 0.51
C GLY A 75 9.61 7.17 0.38
N HIS A 76 9.43 5.92 0.89
CA HIS A 76 10.35 4.82 0.76
C HIS A 76 9.46 3.58 0.76
N PRO A 77 8.88 3.12 -0.37
CA PRO A 77 7.97 1.99 -0.41
C PRO A 77 8.80 0.71 -0.48
N ALA A 1 -5.43 10.00 3.71
CA ALA A 1 -5.48 8.70 3.00
C ALA A 1 -6.57 8.70 1.97
N SER A 2 -7.84 8.89 2.40
CA SER A 2 -9.03 8.92 1.57
C SER A 2 -9.86 10.10 2.03
N ASP A 3 -9.22 11.15 2.64
CA ASP A 3 -9.88 12.32 3.20
C ASP A 3 -9.27 13.52 2.52
N GLY A 4 -9.60 13.70 1.21
CA GLY A 4 -9.08 14.78 0.41
C GLY A 4 -9.54 14.54 -1.00
N LEU A 5 -8.63 14.79 -1.98
CA LEU A 5 -8.86 14.63 -3.42
C LEU A 5 -7.90 13.61 -4.01
N PRO A 6 -6.54 13.67 -3.95
CA PRO A 6 -5.64 12.79 -4.71
C PRO A 6 -5.31 11.56 -3.88
N ASN A 7 -6.23 10.55 -3.84
CA ASN A 7 -6.13 9.32 -3.04
C ASN A 7 -5.44 8.20 -3.82
N LYS A 8 -4.12 8.36 -4.00
CA LYS A 8 -3.24 7.43 -4.65
C LYS A 8 -1.84 7.83 -4.27
N LYS A 9 -1.48 9.12 -4.52
CA LYS A 9 -0.19 9.69 -4.24
C LYS A 9 -0.48 11.10 -3.79
N ARG A 10 -0.33 11.33 -2.46
CA ARG A 10 -0.50 12.61 -1.79
C ARG A 10 0.71 12.76 -0.90
N LYS A 11 1.31 13.97 -0.63
CA LYS A 11 1.03 15.38 -0.89
C LYS A 11 0.53 16.03 0.37
N ARG A 12 -0.58 15.50 0.94
CA ARG A 12 -1.31 15.94 2.10
C ARG A 12 -0.69 15.75 3.48
N ARG A 13 -0.22 14.54 3.94
CA ARG A 13 0.07 13.28 3.30
C ARG A 13 -1.05 12.34 3.67
N VAL A 14 -0.79 11.03 3.48
CA VAL A 14 -1.56 9.87 3.91
C VAL A 14 -1.52 9.67 5.42
N LEU A 15 -2.71 9.35 5.99
CA LEU A 15 -2.91 9.07 7.39
C LEU A 15 -3.40 7.65 7.54
N PHE A 16 -2.44 6.70 7.73
CA PHE A 16 -2.60 5.30 7.98
C PHE A 16 -2.30 5.07 9.46
N THR A 17 -2.94 4.01 10.02
CA THR A 17 -2.72 3.48 11.37
C THR A 17 -2.09 2.09 11.22
N LYS A 18 -2.01 1.31 12.34
CA LYS A 18 -1.32 0.04 12.47
C LYS A 18 -2.15 -1.16 12.03
N ALA A 19 -3.38 -0.93 11.47
CA ALA A 19 -4.18 -1.88 10.71
C ALA A 19 -3.78 -1.95 9.23
N GLN A 20 -3.41 -0.77 8.65
CA GLN A 20 -3.16 -0.49 7.25
C GLN A 20 -1.80 -1.00 6.81
N THR A 21 -0.73 -0.63 7.57
CA THR A 21 0.68 -1.02 7.37
C THR A 21 0.92 -2.52 7.58
N TYR A 22 0.21 -3.10 8.60
CA TYR A 22 0.17 -4.50 9.01
C TYR A 22 -0.27 -5.43 7.89
N GLU A 23 -1.50 -5.19 7.34
CA GLU A 23 -2.18 -6.00 6.32
C GLU A 23 -1.52 -6.00 4.95
N LEU A 24 -0.95 -4.83 4.53
CA LEU A 24 -0.20 -4.64 3.29
C LEU A 24 1.14 -5.37 3.20
N GLU A 25 1.88 -5.46 4.33
CA GLU A 25 3.15 -6.18 4.48
C GLU A 25 3.02 -7.68 4.59
N ARG A 26 1.85 -8.20 5.12
CA ARG A 26 1.55 -9.63 5.21
C ARG A 26 1.30 -10.26 3.87
N ARG A 27 0.48 -9.53 3.02
CA ARG A 27 0.12 -10.01 1.68
C ARG A 27 1.32 -9.96 0.72
N PHE A 28 2.27 -8.99 0.93
CA PHE A 28 3.47 -8.73 0.14
C PHE A 28 4.54 -9.83 0.25
N ARG A 29 4.69 -10.46 1.45
CA ARG A 29 5.61 -11.56 1.72
C ARG A 29 5.18 -12.91 1.18
N GLN A 30 3.85 -13.11 0.94
CA GLN A 30 3.20 -14.28 0.43
C GLN A 30 3.02 -14.22 -1.10
N GLN A 31 2.92 -13.00 -1.70
CA GLN A 31 2.51 -12.83 -3.08
C GLN A 31 2.75 -11.37 -3.43
N ARG A 32 2.98 -11.06 -4.72
CA ARG A 32 3.24 -9.70 -5.22
C ARG A 32 2.03 -9.16 -5.95
N TYR A 33 1.30 -10.08 -6.62
CA TYR A 33 0.07 -9.82 -7.37
C TYR A 33 -1.06 -10.54 -6.70
N LEU A 34 -2.18 -9.77 -6.61
CA LEU A 34 -3.43 -10.08 -5.97
C LEU A 34 -4.43 -9.38 -6.85
N SER A 35 -5.38 -10.18 -7.42
CA SER A 35 -6.34 -9.80 -8.45
C SER A 35 -7.62 -9.32 -7.81
N ALA A 36 -8.53 -8.68 -8.60
CA ALA A 36 -9.75 -7.96 -8.21
C ALA A 36 -10.75 -8.58 -7.22
N PRO A 37 -11.05 -9.90 -7.15
CA PRO A 37 -11.91 -10.51 -6.12
C PRO A 37 -11.33 -10.49 -4.69
N GLU A 38 -9.98 -10.56 -4.54
CA GLU A 38 -9.25 -10.48 -3.28
C GLU A 38 -8.57 -9.15 -3.01
N ARG A 39 -8.30 -8.28 -4.04
CA ARG A 39 -7.63 -6.98 -3.93
C ARG A 39 -8.59 -5.89 -3.46
N GLU A 40 -9.84 -5.90 -4.03
CA GLU A 40 -10.91 -4.95 -3.77
C GLU A 40 -11.66 -5.27 -2.49
N HIS A 41 -11.56 -6.55 -2.03
CA HIS A 41 -12.09 -7.10 -0.80
C HIS A 41 -11.21 -6.78 0.39
N LEU A 42 -9.87 -6.60 0.14
CA LEU A 42 -8.84 -6.14 1.06
C LEU A 42 -8.92 -4.64 1.32
N ALA A 43 -9.40 -3.86 0.31
CA ALA A 43 -9.66 -2.42 0.34
C ALA A 43 -10.97 -2.05 1.00
N SER A 44 -11.97 -2.98 0.98
CA SER A 44 -13.26 -2.87 1.66
C SER A 44 -13.21 -3.35 3.10
N LEU A 45 -12.24 -4.27 3.40
CA LEU A 45 -11.94 -4.83 4.71
C LEU A 45 -11.19 -3.85 5.59
N ILE A 46 -10.24 -3.08 5.00
CA ILE A 46 -9.35 -2.19 5.74
C ILE A 46 -9.77 -0.73 5.63
N ARG A 47 -10.59 -0.37 4.59
CA ARG A 47 -11.21 0.93 4.33
C ARG A 47 -10.32 1.91 3.59
N LEU A 48 -10.00 1.63 2.31
CA LEU A 48 -9.28 2.54 1.43
C LEU A 48 -9.93 2.51 0.06
N THR A 49 -9.25 3.17 -0.92
CA THR A 49 -9.61 3.28 -2.33
C THR A 49 -8.85 2.20 -3.12
N PRO A 50 -9.44 1.61 -4.20
CA PRO A 50 -8.81 0.71 -5.16
C PRO A 50 -7.59 1.23 -5.92
N THR A 51 -7.41 2.58 -6.02
CA THR A 51 -6.37 3.26 -6.75
C THR A 51 -5.11 3.41 -5.90
N GLN A 52 -5.23 3.56 -4.54
CA GLN A 52 -4.09 3.71 -3.64
C GLN A 52 -3.48 2.40 -3.24
N VAL A 53 -4.31 1.30 -3.15
CA VAL A 53 -3.85 -0.09 -2.99
C VAL A 53 -3.15 -0.62 -4.24
N LYS A 54 -3.64 -0.24 -5.46
CA LYS A 54 -3.01 -0.46 -6.77
C LYS A 54 -1.59 0.09 -6.94
N ILE A 55 -1.32 1.37 -6.54
CA ILE A 55 0.01 2.01 -6.62
C ILE A 55 0.93 1.73 -5.44
N TRP A 56 0.44 1.10 -4.32
CA TRP A 56 1.29 0.60 -3.22
C TRP A 56 2.00 -0.68 -3.64
N PHE A 57 1.27 -1.58 -4.35
CA PHE A 57 1.73 -2.87 -4.86
C PHE A 57 2.42 -2.79 -6.19
N GLN A 58 2.25 -1.69 -6.97
CA GLN A 58 2.89 -1.44 -8.25
C GLN A 58 4.28 -0.84 -8.10
N ASN A 59 4.52 -0.11 -6.97
CA ASN A 59 5.81 0.49 -6.60
C ASN A 59 6.75 -0.45 -5.86
N HIS A 60 6.21 -1.26 -4.89
CA HIS A 60 6.93 -2.10 -3.92
C HIS A 60 7.73 -3.29 -4.46
N ARG A 61 7.33 -3.87 -5.62
CA ARG A 61 7.88 -5.05 -6.28
C ARG A 61 9.06 -4.70 -7.19
N TYR A 62 10.18 -4.12 -6.64
CA TYR A 62 11.46 -4.21 -7.33
C TYR A 62 12.61 -3.59 -6.54
N LYS A 63 12.54 -2.34 -6.04
CA LYS A 63 13.64 -1.68 -5.35
C LYS A 63 13.35 -1.75 -3.88
N THR A 64 13.37 -3.04 -3.45
CA THR A 64 12.76 -3.84 -2.42
C THR A 64 12.67 -3.25 -1.03
N LYS A 65 11.46 -2.69 -0.89
CA LYS A 65 10.94 -1.75 0.08
C LYS A 65 10.28 -2.32 1.33
N ARG A 66 10.74 -3.49 1.88
CA ARG A 66 10.16 -4.09 3.08
C ARG A 66 11.00 -3.77 4.30
N ALA A 67 10.38 -3.86 5.51
CA ALA A 67 10.98 -3.61 6.81
C ALA A 67 11.36 -4.89 7.53
N GLN A 68 11.18 -6.07 6.85
CA GLN A 68 11.44 -7.41 7.36
C GLN A 68 12.74 -7.97 6.79
N ASN A 69 13.75 -7.09 6.83
CA ASN A 69 15.11 -7.19 6.32
C ASN A 69 16.12 -7.09 7.41
N GLU A 70 15.86 -7.88 8.50
CA GLU A 70 16.85 -8.56 9.34
C GLU A 70 17.71 -9.52 8.59
N LYS A 71 19.06 -9.41 8.70
CA LYS A 71 19.94 -8.43 9.34
C LYS A 71 20.23 -7.24 8.46
N GLY A 72 20.48 -6.07 9.10
CA GLY A 72 20.79 -4.79 8.49
C GLY A 72 19.57 -3.96 8.14
N TYR A 73 18.75 -3.58 9.15
CA TYR A 73 17.58 -2.76 9.08
C TYR A 73 17.68 -1.82 10.25
N GLU A 74 17.78 -0.55 9.86
CA GLU A 74 18.05 0.65 10.61
C GLU A 74 16.76 1.44 10.82
N GLY A 75 15.79 0.83 11.53
CA GLY A 75 14.52 1.41 11.92
C GLY A 75 13.41 0.68 11.23
N HIS A 76 12.92 1.24 10.10
CA HIS A 76 11.86 0.68 9.28
C HIS A 76 12.15 1.17 7.88
N PRO A 77 12.84 0.41 7.00
CA PRO A 77 13.03 0.76 5.60
C PRO A 77 11.72 0.70 4.83
N ALA A 1 -15.35 9.77 -0.27
CA ALA A 1 -15.22 8.34 0.10
C ALA A 1 -14.60 7.54 -1.02
N SER A 2 -13.47 8.05 -1.59
CA SER A 2 -12.76 7.39 -2.67
C SER A 2 -11.37 7.98 -2.66
N ASP A 3 -10.82 8.28 -3.86
CA ASP A 3 -9.53 8.89 -4.08
C ASP A 3 -9.77 9.74 -5.31
N GLY A 4 -9.71 11.08 -5.14
CA GLY A 4 -10.10 12.02 -6.19
C GLY A 4 -10.57 13.31 -5.58
N LEU A 5 -11.89 13.64 -5.77
CA LEU A 5 -12.52 14.88 -5.30
C LEU A 5 -13.27 14.74 -3.97
N PRO A 6 -14.17 13.76 -3.66
CA PRO A 6 -14.95 13.73 -2.42
C PRO A 6 -14.11 13.21 -1.26
N ASN A 7 -14.06 13.98 -0.14
CA ASN A 7 -13.13 13.85 0.97
C ASN A 7 -13.68 13.01 2.09
N LYS A 8 -12.90 11.96 2.47
CA LYS A 8 -13.12 11.12 3.62
C LYS A 8 -11.81 10.39 3.83
N LYS A 9 -11.27 9.80 2.74
CA LYS A 9 -10.11 8.92 2.77
C LYS A 9 -9.36 9.06 1.47
N ARG A 10 -9.31 10.31 0.90
CA ARG A 10 -8.61 10.63 -0.34
C ARG A 10 -7.32 11.34 -0.02
N LYS A 11 -6.21 10.86 -0.64
CA LYS A 11 -4.87 11.30 -0.38
C LYS A 11 -4.00 10.64 -1.42
N ARG A 12 -2.92 11.34 -1.87
CA ARG A 12 -1.92 10.98 -2.82
C ARG A 12 -0.93 9.93 -2.30
N ARG A 13 -0.21 10.28 -1.20
CA ARG A 13 0.61 9.39 -0.39
C ARG A 13 -0.12 9.13 0.90
N VAL A 14 0.27 8.03 1.59
CA VAL A 14 -0.55 7.33 2.56
C VAL A 14 -0.12 7.62 3.98
N LEU A 15 -1.10 7.65 4.92
CA LEU A 15 -0.90 7.75 6.34
C LEU A 15 -1.81 6.72 6.99
N PHE A 16 -1.34 5.45 7.12
CA PHE A 16 -2.05 4.31 7.62
C PHE A 16 -1.59 3.94 9.01
N THR A 17 -2.52 3.34 9.81
CA THR A 17 -2.35 2.87 11.19
C THR A 17 -2.19 1.37 11.22
N LYS A 18 -2.17 0.72 12.43
CA LYS A 18 -1.70 -0.63 12.71
C LYS A 18 -2.60 -1.78 12.30
N ALA A 19 -3.84 -1.49 11.81
CA ALA A 19 -4.73 -2.43 11.13
C ALA A 19 -4.42 -2.53 9.64
N GLN A 20 -4.19 -1.35 8.99
CA GLN A 20 -4.03 -1.15 7.57
C GLN A 20 -2.64 -1.54 7.10
N THR A 21 -1.58 -1.25 7.92
CA THR A 21 -0.18 -1.56 7.69
C THR A 21 0.14 -3.04 7.90
N TYR A 22 -0.64 -3.71 8.81
CA TYR A 22 -0.61 -5.12 9.16
C TYR A 22 -1.03 -6.02 8.01
N GLU A 23 -2.20 -5.70 7.40
CA GLU A 23 -2.82 -6.46 6.30
C GLU A 23 -2.14 -6.31 4.94
N LEU A 24 -1.59 -5.10 4.61
CA LEU A 24 -0.86 -4.79 3.38
C LEU A 24 0.51 -5.44 3.27
N GLU A 25 1.29 -5.46 4.39
CA GLU A 25 2.57 -6.14 4.54
C GLU A 25 2.49 -7.67 4.59
N ARG A 26 1.37 -8.25 5.14
CA ARG A 26 1.16 -9.68 5.28
C ARG A 26 0.68 -10.38 4.04
N ARG A 27 0.03 -9.63 3.09
CA ARG A 27 -0.19 -10.05 1.70
C ARG A 27 1.09 -9.95 0.87
N PHE A 28 2.00 -8.96 1.16
CA PHE A 28 3.20 -8.61 0.40
C PHE A 28 4.30 -9.67 0.45
N ARG A 29 4.47 -10.38 1.60
CA ARG A 29 5.46 -11.43 1.79
C ARG A 29 5.01 -12.80 1.28
N GLN A 30 3.69 -13.01 0.99
CA GLN A 30 3.09 -14.18 0.40
C GLN A 30 2.98 -14.07 -1.12
N GLN A 31 2.88 -12.83 -1.69
CA GLN A 31 2.56 -12.60 -3.08
C GLN A 31 2.79 -11.11 -3.30
N ARG A 32 3.13 -10.69 -4.54
CA ARG A 32 3.43 -9.30 -4.88
C ARG A 32 2.28 -8.73 -5.66
N TYR A 33 1.62 -9.62 -6.44
CA TYR A 33 0.48 -9.35 -7.28
C TYR A 33 -0.69 -10.13 -6.72
N LEU A 34 -1.87 -9.48 -6.77
CA LEU A 34 -3.15 -9.88 -6.22
C LEU A 34 -4.12 -9.21 -7.14
N SER A 35 -5.00 -10.04 -7.80
CA SER A 35 -5.91 -9.69 -8.87
C SER A 35 -7.24 -9.24 -8.29
N ALA A 36 -8.15 -8.65 -9.12
CA ALA A 36 -9.42 -7.99 -8.75
C ALA A 36 -10.43 -8.71 -7.84
N PRO A 37 -10.67 -10.06 -7.85
CA PRO A 37 -11.55 -10.76 -6.89
C PRO A 37 -11.03 -10.80 -5.45
N GLU A 38 -9.68 -10.78 -5.25
CA GLU A 38 -8.99 -10.77 -3.96
C GLU A 38 -8.44 -9.39 -3.55
N ARG A 39 -8.20 -8.43 -4.50
CA ARG A 39 -7.67 -7.08 -4.28
C ARG A 39 -8.74 -6.13 -3.76
N GLU A 40 -9.96 -6.22 -4.36
CA GLU A 40 -11.14 -5.40 -4.08
C GLU A 40 -11.89 -5.87 -2.84
N HIS A 41 -11.67 -7.16 -2.46
CA HIS A 41 -12.20 -7.86 -1.30
C HIS A 41 -11.39 -7.53 -0.05
N LEU A 42 -10.08 -7.20 -0.24
CA LEU A 42 -9.12 -6.71 0.75
C LEU A 42 -9.37 -5.25 1.11
N ALA A 43 -9.85 -4.44 0.13
CA ALA A 43 -10.21 -3.02 0.22
C ALA A 43 -11.56 -2.79 0.84
N SER A 44 -12.49 -3.78 0.72
CA SER A 44 -13.82 -3.80 1.34
C SER A 44 -13.79 -4.33 2.75
N LEU A 45 -12.79 -5.21 3.05
CA LEU A 45 -12.50 -5.83 4.35
C LEU A 45 -11.87 -4.86 5.33
N ILE A 46 -10.96 -3.96 4.84
CA ILE A 46 -10.17 -3.07 5.67
C ILE A 46 -10.68 -1.63 5.59
N ARG A 47 -11.48 -1.27 4.55
CA ARG A 47 -12.19 -0.02 4.32
C ARG A 47 -11.35 1.06 3.65
N LEU A 48 -10.97 0.86 2.36
CA LEU A 48 -10.28 1.86 1.56
C LEU A 48 -10.86 1.87 0.17
N THR A 49 -10.21 2.64 -0.75
CA THR A 49 -10.51 2.78 -2.16
C THR A 49 -9.63 1.79 -2.97
N PRO A 50 -10.13 1.23 -4.10
CA PRO A 50 -9.39 0.44 -5.09
C PRO A 50 -8.19 1.10 -5.75
N THR A 51 -8.12 2.46 -5.80
CA THR A 51 -7.11 3.27 -6.46
C THR A 51 -5.92 3.48 -5.54
N GLN A 52 -6.12 3.58 -4.20
CA GLN A 52 -5.03 3.79 -3.23
C GLN A 52 -4.32 2.49 -2.88
N VAL A 53 -5.05 1.33 -2.89
CA VAL A 53 -4.49 -0.02 -2.73
C VAL A 53 -3.66 -0.45 -3.95
N LYS A 54 -4.11 -0.08 -5.20
CA LYS A 54 -3.42 -0.21 -6.47
C LYS A 54 -2.06 0.50 -6.54
N ILE A 55 -1.93 1.75 -6.02
CA ILE A 55 -0.67 2.50 -5.99
C ILE A 55 0.22 2.23 -4.78
N TRP A 56 -0.26 1.50 -3.72
CA TRP A 56 0.57 0.99 -2.62
C TRP A 56 1.41 -0.20 -3.07
N PHE A 57 0.80 -1.12 -3.88
CA PHE A 57 1.39 -2.31 -4.45
C PHE A 57 2.12 -2.06 -5.76
N GLN A 58 1.97 -0.85 -6.35
CA GLN A 58 2.73 -0.36 -7.50
C GLN A 58 4.14 0.10 -7.11
N ASN A 59 4.26 0.82 -5.95
CA ASN A 59 5.47 1.50 -5.50
C ASN A 59 6.37 0.65 -4.61
N HIS A 60 5.81 -0.41 -3.95
CA HIS A 60 6.51 -1.30 -3.02
C HIS A 60 7.39 -2.37 -3.68
N ARG A 61 7.00 -2.91 -4.87
CA ARG A 61 7.73 -3.90 -5.65
C ARG A 61 8.77 -3.31 -6.63
N TYR A 62 9.70 -2.38 -6.20
CA TYR A 62 10.73 -1.70 -6.99
C TYR A 62 11.86 -2.50 -7.62
N LYS A 63 12.06 -3.74 -7.12
CA LYS A 63 13.26 -4.61 -7.18
C LYS A 63 13.93 -4.49 -5.82
N THR A 64 13.19 -4.86 -4.74
CA THR A 64 13.32 -4.23 -3.43
C THR A 64 14.23 -4.97 -2.48
N LYS A 65 14.40 -6.31 -2.68
CA LYS A 65 15.16 -7.24 -1.87
C LYS A 65 16.60 -7.31 -2.35
N ARG A 66 17.29 -6.16 -2.17
CA ARG A 66 18.70 -5.94 -2.41
C ARG A 66 19.08 -4.85 -1.44
N ALA A 67 18.15 -3.88 -1.21
CA ALA A 67 18.26 -2.76 -0.28
C ALA A 67 17.49 -3.05 1.00
N GLN A 68 16.42 -3.90 0.92
CA GLN A 68 15.66 -4.47 2.04
C GLN A 68 16.03 -5.93 2.23
N ASN A 69 17.32 -6.17 2.07
CA ASN A 69 18.02 -7.41 2.24
C ASN A 69 19.39 -6.99 2.71
N GLU A 70 19.41 -6.39 3.94
CA GLU A 70 20.54 -5.73 4.64
C GLU A 70 21.88 -6.49 4.75
N LYS A 71 21.99 -7.60 5.56
CA LYS A 71 23.00 -8.64 5.49
C LYS A 71 22.44 -9.77 4.63
N GLY A 72 23.21 -10.89 4.50
CA GLY A 72 23.06 -12.03 3.61
C GLY A 72 22.18 -13.11 4.20
N TYR A 73 21.10 -12.60 4.82
CA TYR A 73 20.04 -13.21 5.62
C TYR A 73 19.06 -14.05 4.83
N GLU A 74 18.51 -13.44 3.77
CA GLU A 74 17.50 -13.95 2.88
C GLU A 74 18.02 -13.86 1.46
N GLY A 75 19.30 -14.28 1.25
CA GLY A 75 19.95 -14.33 -0.04
C GLY A 75 21.28 -13.63 0.09
N HIS A 76 21.40 -12.43 -0.54
CA HIS A 76 22.61 -11.65 -0.60
C HIS A 76 22.15 -10.22 -0.85
N PRO A 77 22.84 -9.16 -0.41
CA PRO A 77 22.52 -7.78 -0.74
C PRO A 77 22.80 -7.50 -2.21
N ALA A 1 -2.10 17.06 -4.57
CA ALA A 1 -1.02 16.11 -4.18
C ALA A 1 -0.57 16.33 -2.76
N SER A 2 -0.49 17.61 -2.32
CA SER A 2 -0.14 18.02 -0.96
C SER A 2 -1.10 19.13 -0.61
N ASP A 3 -1.25 20.10 -1.54
CA ASP A 3 -2.22 21.17 -1.48
C ASP A 3 -2.72 21.27 -2.90
N GLY A 4 -3.83 20.55 -3.20
CA GLY A 4 -4.36 20.44 -4.53
C GLY A 4 -5.59 19.58 -4.47
N LEU A 5 -5.72 18.62 -5.44
CA LEU A 5 -6.83 17.67 -5.54
C LEU A 5 -6.22 16.28 -5.51
N PRO A 6 -6.90 15.13 -5.23
CA PRO A 6 -6.25 13.81 -5.18
C PRO A 6 -6.12 13.22 -6.60
N ASN A 7 -4.86 12.91 -7.04
CA ASN A 7 -4.51 12.54 -8.39
C ASN A 7 -4.03 11.11 -8.51
N LYS A 8 -4.45 10.23 -7.55
CA LYS A 8 -4.25 8.80 -7.59
C LYS A 8 -5.15 8.19 -6.55
N LYS A 9 -5.94 9.05 -5.83
CA LYS A 9 -6.95 8.76 -4.81
C LYS A 9 -6.38 8.53 -3.42
N ARG A 10 -5.03 8.67 -3.26
CA ARG A 10 -4.29 8.12 -2.15
C ARG A 10 -3.38 9.17 -1.56
N LYS A 11 -3.65 10.48 -1.86
CA LYS A 11 -2.95 11.58 -1.27
C LYS A 11 -3.80 12.81 -1.47
N ARG A 12 -3.80 13.80 -0.52
CA ARG A 12 -3.16 13.92 0.74
C ARG A 12 -4.15 13.64 1.85
N ARG A 13 -5.45 14.05 1.62
CA ARG A 13 -6.70 14.10 2.40
C ARG A 13 -7.16 12.94 3.24
N VAL A 14 -6.45 11.88 2.96
CA VAL A 14 -6.57 10.50 3.38
C VAL A 14 -5.29 10.10 4.05
N LEU A 15 -5.47 9.53 5.26
CA LEU A 15 -4.42 9.05 6.14
C LEU A 15 -4.96 7.75 6.70
N PHE A 16 -4.18 6.64 6.54
CA PHE A 16 -4.50 5.27 6.88
C PHE A 16 -4.13 4.96 8.33
N THR A 17 -4.91 4.04 8.96
CA THR A 17 -4.75 3.56 10.33
C THR A 17 -4.18 2.16 10.31
N LYS A 18 -4.07 1.48 11.49
CA LYS A 18 -3.41 0.20 11.71
C LYS A 18 -4.29 -1.02 11.44
N ALA A 19 -5.47 -0.81 10.79
CA ALA A 19 -6.24 -1.79 10.04
C ALA A 19 -5.76 -1.90 8.59
N GLN A 20 -5.60 -0.73 7.91
CA GLN A 20 -5.29 -0.53 6.51
C GLN A 20 -3.85 -0.85 6.17
N THR A 21 -2.90 -0.35 7.02
CA THR A 21 -1.44 -0.53 6.93
C THR A 21 -1.01 -1.95 7.31
N TYR A 22 -1.80 -2.62 8.20
CA TYR A 22 -1.64 -4.01 8.66
C TYR A 22 -1.86 -5.02 7.55
N GLU A 23 -2.99 -4.90 6.79
CA GLU A 23 -3.39 -5.80 5.71
C GLU A 23 -2.59 -5.67 4.42
N LEU A 24 -2.15 -4.44 4.04
CA LEU A 24 -1.34 -4.14 2.87
C LEU A 24 0.11 -4.64 2.95
N GLU A 25 0.77 -4.44 4.12
CA GLU A 25 2.11 -4.94 4.45
C GLU A 25 2.20 -6.46 4.62
N ARG A 26 1.12 -7.12 5.15
CA ARG A 26 1.06 -8.54 5.43
C ARG A 26 0.78 -9.44 4.24
N ARG A 27 0.07 -8.90 3.21
CA ARG A 27 -0.07 -9.53 1.89
C ARG A 27 1.21 -9.41 1.07
N PHE A 28 2.01 -8.29 1.24
CA PHE A 28 3.22 -7.95 0.48
C PHE A 28 4.40 -8.88 0.73
N ARG A 29 4.60 -9.32 2.02
CA ARG A 29 5.64 -10.24 2.47
C ARG A 29 5.43 -11.70 2.06
N GLN A 30 4.17 -12.09 1.72
CA GLN A 30 3.78 -13.41 1.27
C GLN A 30 3.65 -13.50 -0.25
N GLN A 31 3.23 -12.42 -0.98
CA GLN A 31 2.94 -12.50 -2.40
C GLN A 31 2.92 -11.08 -2.96
N ARG A 32 3.28 -10.95 -4.27
CA ARG A 32 3.42 -9.69 -4.99
C ARG A 32 2.27 -9.44 -5.96
N TYR A 33 1.76 -10.56 -6.54
CA TYR A 33 1.13 -10.72 -7.86
C TYR A 33 -0.36 -10.45 -7.92
N LEU A 34 -1.02 -10.45 -6.72
CA LEU A 34 -2.46 -10.49 -6.33
C LEU A 34 -3.43 -9.79 -7.29
N SER A 35 -4.22 -10.64 -8.00
CA SER A 35 -5.07 -10.35 -9.14
C SER A 35 -6.50 -10.24 -8.64
N ALA A 36 -7.45 -9.78 -9.51
CA ALA A 36 -8.85 -9.40 -9.25
C ALA A 36 -9.76 -10.24 -8.34
N PRO A 37 -9.74 -11.60 -8.26
CA PRO A 37 -10.53 -12.38 -7.29
C PRO A 37 -10.11 -12.21 -5.82
N GLU A 38 -8.80 -11.96 -5.56
CA GLU A 38 -8.20 -11.74 -4.25
C GLU A 38 -7.85 -10.27 -3.96
N ARG A 39 -7.66 -9.38 -4.98
CA ARG A 39 -7.30 -7.96 -4.84
C ARG A 39 -8.52 -7.09 -4.55
N GLU A 40 -9.69 -7.41 -5.18
CA GLU A 40 -10.96 -6.72 -5.04
C GLU A 40 -11.72 -7.17 -3.80
N HIS A 41 -11.37 -8.36 -3.27
CA HIS A 41 -11.84 -8.98 -2.04
C HIS A 41 -11.16 -8.40 -0.82
N LEU A 42 -9.89 -7.91 -1.01
CA LEU A 42 -9.04 -7.19 -0.07
C LEU A 42 -9.52 -5.76 0.15
N ALA A 43 -10.03 -5.12 -0.94
CA ALA A 43 -10.57 -3.75 -1.02
C ALA A 43 -11.98 -3.63 -0.48
N SER A 44 -12.80 -4.72 -0.56
CA SER A 44 -14.15 -4.82 -0.04
C SER A 44 -14.19 -5.22 1.43
N LEU A 45 -13.13 -5.95 1.90
CA LEU A 45 -12.90 -6.38 3.26
C LEU A 45 -12.43 -5.25 4.15
N ILE A 46 -11.55 -4.35 3.61
CA ILE A 46 -10.93 -3.28 4.37
C ILE A 46 -11.59 -1.92 4.16
N ARG A 47 -12.36 -1.74 3.04
CA ARG A 47 -13.18 -0.61 2.67
C ARG A 47 -12.41 0.51 1.98
N LEU A 48 -11.83 0.23 0.77
CA LEU A 48 -11.18 1.21 -0.06
C LEU A 48 -11.60 0.95 -1.50
N THR A 49 -10.97 1.70 -2.45
CA THR A 49 -11.21 1.68 -3.88
C THR A 49 -10.23 0.70 -4.54
N PRO A 50 -10.64 -0.01 -5.64
CA PRO A 50 -9.79 -0.84 -6.51
C PRO A 50 -8.62 -0.15 -7.20
N THR A 51 -8.66 1.19 -7.38
CA THR A 51 -7.68 2.01 -8.08
C THR A 51 -6.56 2.46 -7.14
N GLN A 52 -6.83 2.63 -5.81
CA GLN A 52 -5.83 3.04 -4.83
C GLN A 52 -5.00 1.88 -4.31
N VAL A 53 -5.62 0.66 -4.19
CA VAL A 53 -4.95 -0.62 -3.91
C VAL A 53 -4.06 -1.08 -5.07
N LYS A 54 -4.53 -0.90 -6.34
CA LYS A 54 -3.78 -1.08 -7.61
C LYS A 54 -2.46 -0.32 -7.71
N ILE A 55 -2.47 1.02 -7.38
CA ILE A 55 -1.28 1.87 -7.41
C ILE A 55 -0.43 1.85 -6.13
N TRP A 56 -0.89 1.19 -5.01
CA TRP A 56 -0.09 0.90 -3.82
C TRP A 56 0.90 -0.23 -4.06
N PHE A 57 0.46 -1.31 -4.78
CA PHE A 57 1.24 -2.48 -5.13
C PHE A 57 2.07 -2.30 -6.40
N GLN A 58 1.75 -1.24 -7.20
CA GLN A 58 2.46 -0.81 -8.40
C GLN A 58 3.76 -0.08 -8.09
N ASN A 59 3.75 0.79 -7.04
CA ASN A 59 4.85 1.66 -6.64
C ASN A 59 5.80 1.00 -5.64
N HIS A 60 5.32 0.02 -4.83
CA HIS A 60 6.06 -0.69 -3.79
C HIS A 60 7.02 -1.79 -4.25
N ARG A 61 6.91 -2.31 -5.51
CA ARG A 61 7.59 -3.49 -6.03
C ARG A 61 9.00 -3.23 -6.58
N TYR A 62 9.87 -2.47 -5.85
CA TYR A 62 11.26 -2.21 -6.22
C TYR A 62 12.13 -3.09 -5.34
N LYS A 63 12.90 -2.39 -4.50
CA LYS A 63 13.78 -2.85 -3.45
C LYS A 63 13.75 -1.72 -2.50
N THR A 64 12.49 -1.46 -2.11
CA THR A 64 11.94 -0.62 -1.12
C THR A 64 11.50 -1.64 -0.07
N LYS A 65 12.30 -1.69 1.01
CA LYS A 65 12.12 -2.44 2.24
C LYS A 65 11.30 -1.69 3.28
N ARG A 66 10.06 -1.31 2.88
CA ARG A 66 9.04 -0.67 3.70
C ARG A 66 8.00 -1.71 4.05
N ALA A 67 7.45 -2.40 3.01
CA ALA A 67 6.41 -3.41 3.12
C ALA A 67 6.96 -4.81 3.14
N GLN A 68 8.27 -4.96 2.78
CA GLN A 68 9.06 -6.16 3.01
C GLN A 68 9.98 -5.95 4.18
N ASN A 69 9.25 -5.74 5.29
CA ASN A 69 9.67 -5.48 6.63
C ASN A 69 8.51 -5.84 7.53
N GLU A 70 8.15 -7.17 7.63
CA GLU A 70 7.36 -7.74 8.70
C GLU A 70 8.22 -8.16 9.86
N LYS A 71 8.39 -7.18 10.77
CA LYS A 71 9.29 -7.16 11.91
C LYS A 71 8.95 -6.04 12.85
N GLY A 72 7.78 -5.47 12.61
CA GLY A 72 7.14 -4.44 13.44
C GLY A 72 6.39 -3.38 12.67
N TYR A 73 6.79 -3.14 11.38
CA TYR A 73 6.37 -2.08 10.48
C TYR A 73 4.91 -2.04 10.02
N GLU A 74 4.19 -3.17 10.20
CA GLU A 74 2.83 -3.49 9.77
C GLU A 74 1.76 -2.94 10.69
N GLY A 75 1.83 -1.61 10.94
CA GLY A 75 0.94 -0.85 11.77
C GLY A 75 1.52 0.53 11.68
N HIS A 76 1.71 1.20 12.85
CA HIS A 76 2.40 2.47 12.96
C HIS A 76 3.18 2.40 14.26
N PRO A 77 4.40 1.84 14.30
CA PRO A 77 5.17 1.67 15.53
C PRO A 77 5.75 3.02 15.95
N ALA A 1 3.07 9.10 3.27
CA ALA A 1 3.96 9.92 2.41
C ALA A 1 5.12 10.47 3.20
N SER A 2 4.81 11.30 4.25
CA SER A 2 5.77 12.00 5.10
C SER A 2 5.82 11.30 6.45
N ASP A 3 4.64 10.84 6.95
CA ASP A 3 4.49 10.04 8.16
C ASP A 3 3.60 8.91 7.74
N GLY A 4 4.08 8.09 6.77
CA GLY A 4 3.27 7.06 6.16
C GLY A 4 4.13 6.12 5.38
N LEU A 5 3.60 5.66 4.21
CA LEU A 5 4.17 4.62 3.36
C LEU A 5 4.16 5.17 1.94
N PRO A 6 4.91 4.69 0.91
CA PRO A 6 4.97 5.34 -0.41
C PRO A 6 3.79 4.97 -1.32
N ASN A 7 3.34 5.97 -2.12
CA ASN A 7 2.44 5.86 -3.25
C ASN A 7 3.06 6.78 -4.28
N LYS A 8 2.24 7.40 -5.17
CA LYS A 8 2.67 8.28 -6.24
C LYS A 8 2.61 9.72 -5.77
N LYS A 9 3.82 10.33 -5.62
CA LYS A 9 4.12 11.69 -5.18
C LYS A 9 4.08 11.80 -3.66
N ARG A 10 3.01 12.43 -3.13
CA ARG A 10 2.77 12.60 -1.72
C ARG A 10 1.28 12.80 -1.57
N LYS A 11 0.75 12.53 -0.35
CA LYS A 11 -0.66 12.67 -0.05
C LYS A 11 -0.79 12.91 1.43
N ARG A 12 -1.49 14.02 1.79
CA ARG A 12 -2.00 14.48 3.07
C ARG A 12 -2.90 13.54 3.84
N ARG A 13 -3.73 12.78 3.05
CA ARG A 13 -4.97 12.07 3.27
C ARG A 13 -5.23 11.21 4.51
N VAL A 14 -5.63 9.93 4.22
CA VAL A 14 -6.25 8.92 5.06
C VAL A 14 -5.23 7.94 5.62
N LEU A 15 -3.99 8.43 5.53
CA LEU A 15 -2.69 7.75 5.63
C LEU A 15 -2.41 7.03 6.93
N PHE A 16 -1.58 5.98 6.76
CA PHE A 16 -1.73 4.63 7.26
C PHE A 16 -1.19 4.39 8.66
N THR A 17 -2.10 3.92 9.58
CA THR A 17 -1.83 3.52 10.95
C THR A 17 -2.11 2.04 11.03
N LYS A 18 -2.10 1.42 12.25
CA LYS A 18 -1.89 -0.01 12.51
C LYS A 18 -3.01 -0.99 12.18
N ALA A 19 -4.11 -0.52 11.52
CA ALA A 19 -5.06 -1.33 10.76
C ALA A 19 -4.60 -1.55 9.32
N GLN A 20 -4.27 -0.42 8.64
CA GLN A 20 -4.07 -0.26 7.20
C GLN A 20 -2.66 -0.63 6.80
N THR A 21 -1.63 -0.28 7.63
CA THR A 21 -0.19 -0.59 7.47
C THR A 21 0.09 -2.07 7.70
N TYR A 22 -0.69 -2.68 8.65
CA TYR A 22 -0.69 -4.07 9.09
C TYR A 22 -1.11 -5.04 8.00
N GLU A 23 -2.27 -4.76 7.35
CA GLU A 23 -2.88 -5.59 6.30
C GLU A 23 -2.17 -5.55 4.95
N LEU A 24 -1.59 -4.38 4.55
CA LEU A 24 -0.81 -4.18 3.33
C LEU A 24 0.54 -4.88 3.30
N GLU A 25 1.30 -4.84 4.43
CA GLU A 25 2.56 -5.54 4.65
C GLU A 25 2.43 -7.06 4.82
N ARG A 26 1.29 -7.56 5.39
CA ARG A 26 1.04 -8.98 5.66
C ARG A 26 0.60 -9.80 4.47
N ARG A 27 -0.03 -9.13 3.46
CA ARG A 27 -0.20 -9.68 2.10
C ARG A 27 1.10 -9.66 1.30
N PHE A 28 2.01 -8.65 1.52
CA PHE A 28 3.28 -8.44 0.81
C PHE A 28 4.34 -9.51 1.09
N ARG A 29 4.29 -10.16 2.28
CA ARG A 29 5.23 -11.20 2.73
C ARG A 29 4.93 -12.58 2.13
N GLN A 30 3.64 -12.88 1.79
CA GLN A 30 3.15 -14.09 1.20
C GLN A 30 3.09 -14.03 -0.31
N GLN A 31 2.93 -12.82 -0.92
CA GLN A 31 2.60 -12.69 -2.33
C GLN A 31 2.83 -11.25 -2.73
N ARG A 32 3.17 -11.00 -4.03
CA ARG A 32 3.45 -9.69 -4.60
C ARG A 32 2.28 -9.21 -5.44
N TYR A 33 1.63 -10.18 -6.12
CA TYR A 33 0.46 -10.00 -6.97
C TYR A 33 -0.69 -10.71 -6.33
N LEU A 34 -1.83 -9.99 -6.37
CA LEU A 34 -3.12 -10.30 -5.79
C LEU A 34 -4.04 -9.70 -6.81
N SER A 35 -4.92 -10.56 -7.41
CA SER A 35 -5.77 -10.29 -8.57
C SER A 35 -7.05 -9.60 -8.15
N ALA A 36 -7.79 -9.00 -9.13
CA ALA A 36 -8.94 -8.11 -8.96
C ALA A 36 -10.13 -8.55 -8.07
N PRO A 37 -10.57 -9.83 -7.97
CA PRO A 37 -11.60 -10.28 -7.03
C PRO A 37 -11.18 -10.26 -5.56
N GLU A 38 -9.89 -10.59 -5.24
CA GLU A 38 -9.31 -10.62 -3.90
C GLU A 38 -8.62 -9.31 -3.50
N ARG A 39 -8.26 -8.41 -4.48
CA ARG A 39 -7.60 -7.12 -4.29
C ARG A 39 -8.60 -6.06 -3.88
N GLU A 40 -9.83 -6.09 -4.49
CA GLU A 40 -10.93 -5.17 -4.27
C GLU A 40 -11.75 -5.53 -3.05
N HIS A 41 -11.59 -6.80 -2.56
CA HIS A 41 -12.15 -7.39 -1.37
C HIS A 41 -11.36 -7.01 -0.13
N LEU A 42 -10.02 -6.76 -0.31
CA LEU A 42 -9.06 -6.23 0.65
C LEU A 42 -9.26 -4.74 0.92
N ALA A 43 -9.68 -3.99 -0.14
CA ALA A 43 -10.00 -2.56 -0.15
C ALA A 43 -11.39 -2.25 0.36
N SER A 44 -12.32 -3.23 0.29
CA SER A 44 -13.67 -3.18 0.83
C SER A 44 -13.72 -3.58 2.29
N LEU A 45 -12.75 -4.45 2.71
CA LEU A 45 -12.51 -4.93 4.07
C LEU A 45 -11.88 -3.88 4.95
N ILE A 46 -10.95 -3.06 4.40
CA ILE A 46 -10.17 -2.08 5.16
C ILE A 46 -10.63 -0.65 4.92
N ARG A 47 -11.37 -0.39 3.79
CA ARG A 47 -12.07 0.85 3.42
C ARG A 47 -11.19 1.84 2.66
N LEU A 48 -10.79 1.52 1.41
CA LEU A 48 -10.06 2.41 0.52
C LEU A 48 -10.65 2.32 -0.88
N THR A 49 -9.87 2.83 -1.88
CA THR A 49 -10.13 2.85 -3.31
C THR A 49 -9.27 1.77 -4.00
N PRO A 50 -9.75 1.11 -5.08
CA PRO A 50 -8.99 0.20 -5.96
C PRO A 50 -7.77 0.78 -6.68
N THR A 51 -7.66 2.13 -6.81
CA THR A 51 -6.62 2.86 -7.50
C THR A 51 -5.43 3.12 -6.58
N GLN A 52 -5.64 3.37 -5.24
CA GLN A 52 -4.56 3.62 -4.28
C GLN A 52 -3.90 2.33 -3.81
N VAL A 53 -4.68 1.20 -3.75
CA VAL A 53 -4.17 -0.15 -3.49
C VAL A 53 -3.33 -0.69 -4.66
N LYS A 54 -3.76 -0.42 -5.93
CA LYS A 54 -3.01 -0.66 -7.17
C LYS A 54 -1.62 -0.04 -7.26
N ILE A 55 -1.46 1.26 -6.85
CA ILE A 55 -0.17 1.96 -6.87
C ILE A 55 0.67 1.80 -5.60
N TRP A 56 0.13 1.17 -4.50
CA TRP A 56 0.90 0.77 -3.32
C TRP A 56 1.72 -0.49 -3.61
N PHE A 57 1.10 -1.47 -4.33
CA PHE A 57 1.67 -2.73 -4.76
C PHE A 57 2.44 -2.65 -6.06
N GLN A 58 2.36 -1.49 -6.78
CA GLN A 58 3.19 -1.13 -7.92
C GLN A 58 4.60 -0.71 -7.49
N ASN A 59 4.70 0.09 -6.38
CA ASN A 59 5.92 0.71 -5.90
C ASN A 59 6.67 -0.10 -4.86
N HIS A 60 6.01 -1.10 -4.19
CA HIS A 60 6.60 -1.97 -3.17
C HIS A 60 7.43 -3.12 -3.71
N ARG A 61 7.04 -3.73 -4.87
CA ARG A 61 7.78 -4.74 -5.63
C ARG A 61 8.77 -4.14 -6.64
N TYR A 62 9.65 -3.17 -6.25
CA TYR A 62 10.42 -2.37 -7.18
C TYR A 62 11.81 -2.15 -6.67
N LYS A 63 12.59 -3.26 -6.46
CA LYS A 63 14.04 -3.30 -6.07
C LYS A 63 14.39 -2.52 -4.80
N THR A 64 13.44 -2.54 -3.82
CA THR A 64 13.14 -1.45 -2.89
C THR A 64 14.09 -1.33 -1.71
N LYS A 65 14.88 -2.42 -1.45
CA LYS A 65 15.88 -2.57 -0.41
C LYS A 65 17.24 -2.12 -0.90
N ARG A 66 17.31 -0.82 -1.26
CA ARG A 66 18.47 -0.13 -1.77
C ARG A 66 18.33 1.26 -1.22
N ALA A 67 17.16 1.93 -1.49
CA ALA A 67 16.69 3.14 -0.82
C ALA A 67 15.64 2.73 0.20
N GLN A 68 16.07 2.58 1.48
CA GLN A 68 15.30 2.03 2.59
C GLN A 68 14.84 3.09 3.55
N ASN A 69 14.43 4.20 2.92
CA ASN A 69 13.90 5.39 3.53
C ASN A 69 12.94 6.00 2.52
N GLU A 70 11.86 5.26 2.13
CA GLU A 70 10.60 5.80 1.63
C GLU A 70 9.59 5.70 2.72
N LYS A 71 9.45 6.85 3.42
CA LYS A 71 9.45 6.83 4.87
C LYS A 71 8.37 7.57 5.62
N GLY A 72 8.66 7.57 6.96
CA GLY A 72 7.92 7.91 8.13
C GLY A 72 7.24 6.65 8.60
N TYR A 73 8.06 5.56 8.80
CA TYR A 73 7.71 4.19 8.38
C TYR A 73 7.00 3.34 9.41
N GLU A 74 7.37 3.47 10.70
CA GLU A 74 6.73 2.95 11.86
C GLU A 74 6.55 4.11 12.81
N GLY A 75 5.95 5.22 12.30
CA GLY A 75 5.71 6.43 13.06
C GLY A 75 4.71 7.21 12.26
N HIS A 76 3.40 7.05 12.63
CA HIS A 76 2.26 7.55 11.89
C HIS A 76 1.44 8.44 12.81
N PRO A 77 0.49 9.26 12.34
CA PRO A 77 -0.37 10.08 13.20
C PRO A 77 -1.33 9.22 14.00
N ALA A 1 -14.71 -12.86 -0.81
CA ALA A 1 -13.69 -13.53 -1.66
C ALA A 1 -12.95 -12.50 -2.48
N SER A 2 -13.70 -11.69 -3.28
CA SER A 2 -13.18 -10.63 -4.12
C SER A 2 -14.28 -9.59 -4.24
N ASP A 3 -15.18 -9.47 -3.22
CA ASP A 3 -16.36 -8.62 -3.25
C ASP A 3 -16.46 -7.98 -1.88
N GLY A 4 -16.04 -6.69 -1.78
CA GLY A 4 -16.06 -5.96 -0.53
C GLY A 4 -15.40 -4.63 -0.74
N LEU A 5 -16.10 -3.53 -0.35
CA LEU A 5 -15.66 -2.16 -0.52
C LEU A 5 -16.68 -1.31 0.21
N PRO A 6 -16.49 0.01 0.49
CA PRO A 6 -17.57 0.94 0.84
C PRO A 6 -18.32 1.40 -0.41
N ASN A 7 -19.67 1.49 -0.32
CA ASN A 7 -20.57 1.89 -1.40
C ASN A 7 -21.21 3.20 -0.96
N LYS A 8 -20.35 4.13 -0.47
CA LYS A 8 -20.65 5.48 -0.06
C LYS A 8 -19.53 6.32 -0.66
N LYS A 9 -18.35 5.68 -0.84
CA LYS A 9 -17.12 6.22 -1.39
C LYS A 9 -16.92 5.60 -2.75
N ARG A 10 -16.32 6.37 -3.69
CA ARG A 10 -16.27 6.12 -5.11
C ARG A 10 -14.86 5.75 -5.52
N LYS A 11 -14.62 5.59 -6.85
CA LYS A 11 -13.31 5.40 -7.45
C LYS A 11 -13.31 6.24 -8.71
N ARG A 12 -13.12 7.58 -8.55
CA ARG A 12 -13.04 8.63 -9.53
C ARG A 12 -11.63 8.78 -10.06
N ARG A 13 -11.12 10.04 -10.12
CA ARG A 13 -9.83 10.43 -10.63
C ARG A 13 -8.79 10.54 -9.53
N VAL A 14 -7.53 10.77 -9.96
CA VAL A 14 -6.30 10.46 -9.24
C VAL A 14 -5.67 11.74 -8.71
N LEU A 15 -4.85 11.60 -7.65
CA LEU A 15 -4.15 12.68 -6.98
C LEU A 15 -3.30 11.99 -5.96
N PHE A 16 -1.98 12.33 -5.88
CA PHE A 16 -1.05 11.96 -4.86
C PHE A 16 -0.78 13.16 -3.98
N THR A 17 -1.40 13.16 -2.78
CA THR A 17 -1.25 14.10 -1.68
C THR A 17 -0.93 13.29 -0.44
N LYS A 18 -1.02 13.91 0.77
CA LYS A 18 -0.58 13.40 2.07
C LYS A 18 -1.46 12.34 2.72
N ALA A 19 -2.69 12.11 2.18
CA ALA A 19 -3.63 11.05 2.55
C ALA A 19 -3.27 9.70 1.95
N GLN A 20 -2.70 9.74 0.71
CA GLN A 20 -2.34 8.64 -0.16
C GLN A 20 -1.06 7.98 0.29
N THR A 21 -0.04 8.81 0.66
CA THR A 21 1.28 8.42 1.12
C THR A 21 1.24 7.89 2.56
N TYR A 22 0.27 8.38 3.39
CA TYR A 22 -0.02 7.98 4.76
C TYR A 22 -0.53 6.54 4.86
N GLU A 23 -1.56 6.21 4.04
CA GLU A 23 -2.26 4.91 4.01
C GLU A 23 -1.49 3.77 3.37
N LEU A 24 -0.68 4.05 2.32
CA LEU A 24 0.17 3.10 1.59
C LEU A 24 1.41 2.64 2.32
N GLU A 25 2.12 3.59 3.01
CA GLU A 25 3.23 3.36 3.92
C GLU A 25 2.85 2.70 5.24
N ARG A 26 1.61 2.93 5.77
CA ARG A 26 1.12 2.36 7.03
C ARG A 26 0.68 0.91 6.96
N ARG A 27 0.15 0.47 5.76
CA ARG A 27 -0.02 -0.96 5.42
C ARG A 27 1.29 -1.61 4.95
N PHE A 28 2.35 -0.83 4.56
CA PHE A 28 3.68 -1.36 4.22
C PHE A 28 4.51 -1.80 5.42
N ARG A 29 4.33 -1.15 6.59
CA ARG A 29 5.19 -1.24 7.76
C ARG A 29 4.75 -2.28 8.78
N GLN A 30 3.42 -2.48 9.01
CA GLN A 30 2.83 -3.49 9.86
C GLN A 30 2.46 -4.76 9.09
N GLN A 31 2.27 -4.67 7.74
CA GLN A 31 1.86 -5.75 6.87
C GLN A 31 2.87 -5.77 5.74
N ARG A 32 2.83 -6.89 4.99
CA ARG A 32 2.78 -6.91 3.53
C ARG A 32 1.30 -6.89 3.16
N TYR A 33 0.56 -8.03 3.21
CA TYR A 33 -0.67 -8.34 3.95
C TYR A 33 -1.90 -7.65 3.45
N LEU A 34 -2.10 -7.74 2.10
CA LEU A 34 -3.25 -7.31 1.30
C LEU A 34 -4.40 -8.33 1.38
N SER A 35 -4.86 -8.88 0.20
CA SER A 35 -6.01 -9.72 -0.09
C SER A 35 -6.79 -8.84 -1.02
N ALA A 36 -7.80 -9.46 -1.68
CA ALA A 36 -8.72 -8.83 -2.62
C ALA A 36 -9.76 -7.92 -1.98
N PRO A 37 -10.54 -8.26 -0.91
CA PRO A 37 -11.52 -7.34 -0.31
C PRO A 37 -10.95 -6.19 0.50
N GLU A 38 -9.65 -6.24 0.95
CA GLU A 38 -9.03 -5.15 1.71
C GLU A 38 -8.19 -4.21 0.85
N ARG A 39 -7.85 -4.58 -0.43
CA ARG A 39 -7.24 -3.72 -1.43
C ARG A 39 -8.26 -2.84 -2.15
N GLU A 40 -9.49 -3.38 -2.39
CA GLU A 40 -10.63 -2.73 -3.05
C GLU A 40 -11.34 -1.76 -2.14
N HIS A 41 -11.20 -1.96 -0.80
CA HIS A 41 -11.77 -1.18 0.29
C HIS A 41 -10.86 0.00 0.62
N LEU A 42 -9.52 -0.18 0.41
CA LEU A 42 -8.44 0.79 0.54
C LEU A 42 -8.40 1.76 -0.63
N ALA A 43 -8.73 1.25 -1.85
CA ALA A 43 -8.76 1.95 -3.14
C ALA A 43 -10.01 2.75 -3.35
N SER A 44 -11.16 2.32 -2.76
CA SER A 44 -12.43 3.03 -2.79
C SER A 44 -12.55 4.08 -1.73
N LEU A 45 -11.88 3.90 -0.57
CA LEU A 45 -11.79 4.85 0.53
C LEU A 45 -10.90 6.04 0.23
N ILE A 46 -9.75 5.81 -0.48
CA ILE A 46 -8.73 6.82 -0.75
C ILE A 46 -8.86 7.45 -2.14
N ARG A 47 -9.60 6.78 -3.09
CA ARG A 47 -10.13 7.27 -4.37
C ARG A 47 -9.25 6.98 -5.57
N LEU A 48 -8.70 5.75 -5.70
CA LEU A 48 -7.79 5.40 -6.80
C LEU A 48 -8.29 4.15 -7.50
N THR A 49 -7.48 3.67 -8.49
CA THR A 49 -7.72 2.51 -9.33
C THR A 49 -7.13 1.26 -8.67
N PRO A 50 -7.76 0.05 -8.81
CA PRO A 50 -7.25 -1.25 -8.36
C PRO A 50 -5.95 -1.72 -8.99
N THR A 51 -5.58 -1.17 -10.18
CA THR A 51 -4.42 -1.53 -10.98
C THR A 51 -3.20 -0.72 -10.55
N GLN A 52 -3.38 0.54 -10.02
CA GLN A 52 -2.28 1.37 -9.56
C GLN A 52 -1.84 1.03 -8.14
N VAL A 53 -2.80 0.60 -7.26
CA VAL A 53 -2.55 0.05 -5.91
C VAL A 53 -1.87 -1.32 -5.96
N LYS A 54 -2.27 -2.20 -6.94
CA LYS A 54 -1.64 -3.47 -7.31
C LYS A 54 -0.15 -3.40 -7.63
N ILE A 55 0.25 -2.45 -8.53
CA ILE A 55 1.64 -2.21 -8.94
C ILE A 55 2.41 -1.27 -8.02
N TRP A 56 1.78 -0.64 -6.98
CA TRP A 56 2.44 0.11 -5.93
C TRP A 56 3.10 -0.83 -4.93
N PHE A 57 2.37 -1.93 -4.52
CA PHE A 57 2.84 -2.96 -3.59
C PHE A 57 3.69 -4.02 -4.26
N GLN A 58 3.60 -4.17 -5.61
CA GLN A 58 4.37 -5.11 -6.42
C GLN A 58 5.73 -4.55 -6.82
N ASN A 59 5.87 -3.20 -6.85
CA ASN A 59 7.14 -2.48 -7.04
C ASN A 59 7.88 -2.24 -5.74
N HIS A 60 7.16 -2.11 -4.58
CA HIS A 60 7.71 -1.74 -3.28
C HIS A 60 8.35 -2.88 -2.50
N ARG A 61 8.09 -4.18 -2.86
CA ARG A 61 8.62 -5.35 -2.17
C ARG A 61 10.05 -5.71 -2.56
N TYR A 62 10.43 -5.51 -3.85
CA TYR A 62 11.79 -5.37 -4.29
C TYR A 62 11.73 -4.80 -5.68
N LYS A 63 12.23 -3.55 -5.80
CA LYS A 63 13.61 -3.16 -5.67
C LYS A 63 13.58 -2.05 -4.63
N THR A 64 13.88 -2.42 -3.35
CA THR A 64 13.68 -1.81 -2.03
C THR A 64 13.97 -0.31 -1.88
N LYS A 65 12.96 0.41 -2.41
CA LYS A 65 12.78 1.83 -2.60
C LYS A 65 12.13 2.57 -1.44
N ARG A 66 12.26 2.05 -0.18
CA ARG A 66 11.67 2.67 0.98
C ARG A 66 12.48 2.21 2.17
N ALA A 67 12.64 0.86 2.30
CA ALA A 67 13.24 0.17 3.43
C ALA A 67 14.67 -0.19 3.10
N GLN A 68 15.63 0.39 3.88
CA GLN A 68 17.07 0.23 3.72
C GLN A 68 17.61 -0.69 4.81
N ASN A 69 16.83 -1.75 4.96
CA ASN A 69 16.80 -2.78 5.95
C ASN A 69 15.76 -3.68 5.35
N GLU A 70 16.27 -4.71 4.64
CA GLU A 70 15.62 -5.91 4.10
C GLU A 70 14.71 -6.70 5.03
N LYS A 71 15.21 -7.82 5.60
CA LYS A 71 14.46 -8.72 6.47
C LYS A 71 14.39 -8.20 7.90
N GLY A 72 13.13 -8.01 8.37
CA GLY A 72 12.78 -7.60 9.73
C GLY A 72 11.89 -6.39 9.78
N TYR A 73 12.13 -5.38 8.89
CA TYR A 73 11.68 -3.99 8.94
C TYR A 73 10.20 -3.74 8.75
N GLU A 74 9.68 -4.31 7.65
CA GLU A 74 8.44 -3.97 6.99
C GLU A 74 7.33 -4.96 7.24
N GLY A 75 7.33 -5.60 8.44
CA GLY A 75 6.24 -6.37 9.05
C GLY A 75 5.81 -7.64 8.33
N HIS A 76 6.78 -8.48 7.93
CA HIS A 76 6.59 -9.78 7.33
C HIS A 76 7.94 -10.32 6.89
N PRO A 77 8.97 -10.63 7.71
CA PRO A 77 10.12 -11.42 7.26
C PRO A 77 9.70 -12.87 7.10
N ALA A 1 2.93 3.11 10.15
CA ALA A 1 4.32 2.73 10.50
C ALA A 1 4.90 3.69 11.51
N SER A 2 4.92 5.00 11.18
CA SER A 2 5.41 6.06 12.02
C SER A 2 4.47 7.22 11.79
N ASP A 3 4.91 8.27 11.05
CA ASP A 3 4.13 9.45 10.75
C ASP A 3 4.74 10.04 9.51
N GLY A 4 3.87 10.62 8.63
CA GLY A 4 4.25 11.29 7.42
C GLY A 4 3.02 11.97 6.92
N LEU A 5 3.18 13.26 6.53
CA LEU A 5 2.10 14.13 6.02
C LEU A 5 2.64 14.71 4.72
N PRO A 6 1.87 15.33 3.76
CA PRO A 6 2.41 16.00 2.57
C PRO A 6 2.89 17.41 2.92
N ASN A 7 4.05 17.51 3.62
CA ASN A 7 4.58 18.69 4.28
C ASN A 7 6.00 18.30 4.59
N LYS A 8 6.16 17.06 5.16
CA LYS A 8 7.37 16.40 5.59
C LYS A 8 8.03 15.69 4.42
N LYS A 9 7.19 14.96 3.65
CA LYS A 9 7.54 14.29 2.41
C LYS A 9 6.30 14.40 1.57
N ARG A 10 6.42 15.02 0.37
CA ARG A 10 5.33 15.33 -0.53
C ARG A 10 5.55 14.56 -1.80
N LYS A 11 4.48 13.82 -2.23
CA LYS A 11 4.41 12.81 -3.30
C LYS A 11 4.75 11.45 -2.76
N ARG A 12 4.57 11.29 -1.42
CA ARG A 12 4.88 10.20 -0.53
C ARG A 12 4.18 8.88 -0.73
N ARG A 13 4.71 7.84 -0.02
CA ARG A 13 4.11 6.56 0.28
C ARG A 13 3.41 6.65 1.62
N VAL A 14 2.50 5.66 1.84
CA VAL A 14 1.37 5.72 2.73
C VAL A 14 1.68 5.22 4.12
N LEU A 15 0.90 5.76 5.11
CA LEU A 15 0.99 5.42 6.52
C LEU A 15 -0.35 4.87 6.95
N PHE A 16 -0.51 3.52 6.83
CA PHE A 16 -1.64 2.70 7.18
C PHE A 16 -1.33 1.92 8.45
N THR A 17 -2.41 1.52 9.20
CA THR A 17 -2.38 0.75 10.44
C THR A 17 -2.59 -0.73 10.17
N LYS A 18 -2.63 -1.58 11.25
CA LYS A 18 -2.52 -3.04 11.22
C LYS A 18 -3.79 -3.81 10.87
N ALA A 19 -4.87 -3.11 10.47
CA ALA A 19 -6.00 -3.63 9.69
C ALA A 19 -5.73 -3.60 8.19
N GLN A 20 -5.25 -2.42 7.69
CA GLN A 20 -5.11 -2.01 6.30
C GLN A 20 -3.91 -2.68 5.63
N THR A 21 -2.73 -2.67 6.33
CA THR A 21 -1.44 -3.23 5.93
C THR A 21 -1.45 -4.76 5.94
N TYR A 22 -2.27 -5.34 6.86
CA TYR A 22 -2.52 -6.76 7.09
C TYR A 22 -3.18 -7.44 5.89
N GLU A 23 -4.33 -6.85 5.45
CA GLU A 23 -5.16 -7.32 4.34
C GLU A 23 -4.54 -7.21 2.95
N LEU A 24 -3.79 -6.11 2.70
CA LEU A 24 -3.04 -5.83 1.47
C LEU A 24 -1.84 -6.71 1.18
N GLU A 25 -1.09 -7.11 2.24
CA GLU A 25 0.05 -8.01 2.22
C GLU A 25 -0.34 -9.47 2.11
N ARG A 26 -1.61 -9.85 2.49
CA ARG A 26 -2.17 -11.18 2.22
C ARG A 26 -2.41 -11.39 0.74
N ARG A 27 -3.18 -10.42 0.13
CA ARG A 27 -3.66 -10.52 -1.23
C ARG A 27 -2.71 -10.02 -2.30
N PHE A 28 -1.48 -9.55 -1.89
CA PHE A 28 -0.23 -9.50 -2.68
C PHE A 28 0.50 -10.86 -2.74
N ARG A 29 0.61 -11.63 -1.62
CA ARG A 29 1.39 -12.86 -1.50
C ARG A 29 0.67 -14.09 -2.05
N GLN A 30 -0.71 -14.12 -2.01
CA GLN A 30 -1.58 -15.19 -2.43
C GLN A 30 -1.95 -15.09 -3.91
N GLN A 31 -1.90 -13.86 -4.50
CA GLN A 31 -2.36 -13.62 -5.86
C GLN A 31 -1.73 -12.32 -6.28
N ARG A 32 -1.56 -12.11 -7.61
CA ARG A 32 -1.08 -10.86 -8.23
C ARG A 32 -2.27 -9.97 -8.54
N TYR A 33 -3.30 -10.58 -9.21
CA TYR A 33 -4.65 -10.13 -9.64
C TYR A 33 -4.80 -8.66 -10.03
N LEU A 34 -5.96 -7.98 -9.78
CA LEU A 34 -7.17 -8.37 -9.08
C LEU A 34 -8.21 -7.45 -9.69
N SER A 35 -9.36 -8.05 -10.15
CA SER A 35 -10.42 -7.41 -10.93
C SER A 35 -11.46 -6.83 -10.00
N ALA A 36 -12.36 -5.93 -10.53
CA ALA A 36 -13.34 -5.11 -9.85
C ALA A 36 -14.33 -5.73 -8.84
N PRO A 37 -14.86 -6.98 -8.96
CA PRO A 37 -15.72 -7.60 -7.94
C PRO A 37 -15.04 -7.93 -6.60
N GLU A 38 -13.70 -8.18 -6.59
CA GLU A 38 -12.89 -8.44 -5.41
C GLU A 38 -11.95 -7.31 -5.02
N ARG A 39 -11.55 -6.36 -5.93
CA ARG A 39 -10.66 -5.22 -5.67
C ARG A 39 -11.40 -4.09 -4.95
N GLU A 40 -12.64 -3.78 -5.43
CA GLU A 40 -13.53 -2.72 -4.96
C GLU A 40 -14.31 -3.10 -3.73
N HIS A 41 -14.47 -4.43 -3.49
CA HIS A 41 -15.13 -5.06 -2.36
C HIS A 41 -14.21 -5.13 -1.17
N LEU A 42 -12.87 -5.17 -1.43
CA LEU A 42 -11.76 -5.02 -0.49
C LEU A 42 -11.63 -3.60 0.05
N ALA A 43 -11.87 -2.59 -0.83
CA ALA A 43 -11.82 -1.15 -0.56
C ALA A 43 -13.03 -0.63 0.18
N SER A 44 -14.21 -1.30 0.05
CA SER A 44 -15.45 -1.01 0.76
C SER A 44 -15.52 -1.67 2.12
N LEU A 45 -14.86 -2.85 2.27
CA LEU A 45 -14.75 -3.67 3.47
C LEU A 45 -13.78 -3.09 4.48
N ILE A 46 -12.65 -2.50 3.99
CA ILE A 46 -11.57 -1.99 4.82
C ILE A 46 -11.62 -0.48 4.95
N ARG A 47 -12.35 0.23 4.01
CA ARG A 47 -12.71 1.64 4.00
C ARG A 47 -11.64 2.56 3.43
N LEU A 48 -11.37 2.44 2.10
CA LEU A 48 -10.46 3.30 1.36
C LEU A 48 -11.09 3.63 0.03
N THR A 49 -10.29 4.30 -0.87
CA THR A 49 -10.62 4.71 -2.22
C THR A 49 -10.08 3.65 -3.21
N PRO A 50 -10.75 3.43 -4.39
CA PRO A 50 -10.27 2.61 -5.51
C PRO A 50 -8.96 3.05 -6.18
N THR A 51 -8.57 4.34 -6.07
CA THR A 51 -7.40 4.92 -6.73
C THR A 51 -6.15 4.76 -5.86
N GLN A 52 -6.29 4.62 -4.51
CA GLN A 52 -5.19 4.41 -3.59
C GLN A 52 -4.80 2.95 -3.47
N VAL A 53 -5.81 2.00 -3.56
CA VAL A 53 -5.60 0.55 -3.67
C VAL A 53 -4.90 0.14 -4.97
N LYS A 54 -5.30 0.73 -6.14
CA LYS A 54 -4.68 0.49 -7.43
C LYS A 54 -3.28 1.09 -7.64
N ILE A 55 -2.89 2.25 -6.99
CA ILE A 55 -1.49 2.69 -6.95
C ILE A 55 -0.63 1.96 -5.88
N TRP A 56 -1.24 1.21 -4.90
CA TRP A 56 -0.53 0.38 -3.92
C TRP A 56 -0.01 -0.91 -4.53
N PHE A 57 -0.81 -1.55 -5.44
CA PHE A 57 -0.50 -2.77 -6.19
C PHE A 57 0.38 -2.52 -7.40
N GLN A 58 0.50 -1.23 -7.83
CA GLN A 58 1.49 -0.69 -8.76
C GLN A 58 2.89 -0.64 -8.16
N ASN A 59 3.01 -0.14 -6.90
CA ASN A 59 4.25 0.25 -6.26
C ASN A 59 4.86 -0.83 -5.38
N HIS A 60 4.04 -1.75 -4.78
CA HIS A 60 4.49 -2.76 -3.83
C HIS A 60 4.88 -4.08 -4.47
N ARG A 61 5.45 -4.06 -5.71
CA ARG A 61 6.00 -5.23 -6.36
C ARG A 61 7.45 -5.50 -5.98
N TYR A 62 8.28 -4.45 -5.78
CA TYR A 62 9.53 -4.53 -5.07
C TYR A 62 10.66 -4.11 -5.97
N LYS A 63 11.12 -5.15 -6.71
CA LYS A 63 12.36 -5.88 -6.39
C LYS A 63 12.15 -6.90 -5.25
N THR A 64 11.53 -8.07 -5.61
CA THR A 64 11.30 -9.27 -4.85
C THR A 64 12.31 -10.24 -5.43
N LYS A 65 13.49 -10.25 -4.76
CA LYS A 65 14.76 -10.88 -5.05
C LYS A 65 14.83 -12.39 -4.82
N ARG A 66 13.89 -13.10 -5.48
CA ARG A 66 13.86 -14.53 -5.76
C ARG A 66 14.18 -14.63 -7.25
N ALA A 67 13.50 -13.77 -8.04
CA ALA A 67 13.86 -13.34 -9.38
C ALA A 67 14.48 -11.97 -9.21
N GLN A 68 15.84 -11.91 -9.33
CA GLN A 68 16.68 -10.82 -8.91
C GLN A 68 16.84 -9.76 -9.98
N ASN A 69 15.89 -8.80 -9.91
CA ASN A 69 15.69 -7.66 -10.76
C ASN A 69 15.77 -6.39 -9.94
N GLU A 70 16.85 -6.28 -9.14
CA GLU A 70 17.37 -5.05 -8.48
C GLU A 70 17.86 -3.94 -9.44
N LYS A 71 19.15 -3.85 -9.90
CA LYS A 71 19.59 -2.89 -10.91
C LYS A 71 19.60 -3.56 -12.27
N GLY A 72 18.84 -2.96 -13.22
CA GLY A 72 18.66 -3.47 -14.57
C GLY A 72 17.30 -3.03 -15.00
N TYR A 73 16.29 -3.58 -14.28
CA TYR A 73 14.86 -3.58 -14.57
C TYR A 73 14.10 -2.30 -14.24
N GLU A 74 14.68 -1.48 -13.35
CA GLU A 74 14.16 -0.28 -12.75
C GLU A 74 14.99 0.88 -13.26
N GLY A 75 15.14 0.94 -14.60
CA GLY A 75 15.92 1.93 -15.29
C GLY A 75 15.60 1.76 -16.74
N HIS A 76 16.42 0.94 -17.45
CA HIS A 76 16.28 0.65 -18.86
C HIS A 76 16.69 -0.81 -19.06
N PRO A 77 15.79 -1.80 -18.95
CA PRO A 77 16.10 -3.19 -19.27
C PRO A 77 16.16 -3.36 -20.79
N ALA A 1 -9.39 10.19 4.09
CA ALA A 1 -8.63 8.92 3.94
C ALA A 1 -7.16 9.18 3.85
N SER A 2 -6.76 10.06 2.88
CA SER A 2 -5.39 10.45 2.62
C SER A 2 -5.38 11.93 2.36
N ASP A 3 -6.42 12.66 2.85
CA ASP A 3 -6.56 14.09 2.72
C ASP A 3 -7.57 14.44 3.79
N GLY A 4 -7.14 15.28 4.76
CA GLY A 4 -7.96 15.70 5.87
C GLY A 4 -7.06 16.45 6.81
N LEU A 5 -7.16 16.14 8.13
CA LEU A 5 -6.29 16.67 9.18
C LEU A 5 -5.67 15.47 9.88
N PRO A 6 -4.51 15.49 10.58
CA PRO A 6 -4.04 14.37 11.42
C PRO A 6 -4.71 14.42 12.79
N ASN A 7 -5.65 13.46 13.04
CA ASN A 7 -6.41 13.31 14.27
C ASN A 7 -6.46 11.81 14.44
N LYS A 8 -6.98 11.13 13.39
CA LYS A 8 -6.96 9.69 13.19
C LYS A 8 -6.04 9.45 12.01
N LYS A 9 -5.63 8.17 11.79
CA LYS A 9 -4.88 7.73 10.63
C LYS A 9 -5.80 6.90 9.73
N ARG A 10 -7.03 7.42 9.56
CA ARG A 10 -8.06 6.95 8.65
C ARG A 10 -8.62 8.22 8.03
N LYS A 11 -7.79 9.29 7.96
CA LYS A 11 -8.23 10.66 7.73
C LYS A 11 -7.05 11.45 7.23
N ARG A 12 -5.85 11.17 7.83
CA ARG A 12 -4.61 11.93 7.88
C ARG A 12 -3.99 12.50 6.61
N ARG A 13 -3.08 13.51 6.82
CA ARG A 13 -2.00 13.92 5.94
C ARG A 13 -0.82 13.03 6.24
N VAL A 14 -0.21 12.47 5.16
CA VAL A 14 0.11 11.05 5.04
C VAL A 14 1.37 10.60 5.74
N LEU A 15 1.16 9.57 6.59
CA LEU A 15 2.14 8.81 7.33
C LEU A 15 1.77 7.38 7.00
N PHE A 16 2.79 6.51 6.79
CA PHE A 16 2.67 5.11 6.53
C PHE A 16 3.08 4.42 7.82
N THR A 17 2.15 3.61 8.40
CA THR A 17 2.27 2.91 9.67
C THR A 17 2.27 1.42 9.39
N LYS A 18 2.21 0.56 10.45
CA LYS A 18 2.39 -0.89 10.43
C LYS A 18 1.15 -1.69 10.08
N ALA A 19 0.06 -1.01 9.65
CA ALA A 19 -1.07 -1.55 8.90
C ALA A 19 -0.79 -1.57 7.40
N GLN A 20 -0.28 -0.41 6.85
CA GLN A 20 -0.09 -0.07 5.45
C GLN A 20 1.05 -0.83 4.81
N THR A 21 2.26 -0.81 5.46
CA THR A 21 3.51 -1.45 5.04
C THR A 21 3.45 -2.97 5.11
N TYR A 22 2.72 -3.50 6.12
CA TYR A 22 2.47 -4.90 6.45
C TYR A 22 1.71 -5.63 5.36
N GLU A 23 0.53 -5.06 4.97
CA GLU A 23 -0.40 -5.57 3.97
C GLU A 23 0.12 -5.56 2.53
N LEU A 24 0.84 -4.48 2.14
CA LEU A 24 1.48 -4.27 0.84
C LEU A 24 2.62 -5.21 0.50
N GLU A 25 3.45 -5.58 1.52
CA GLU A 25 4.55 -6.53 1.45
C GLU A 25 4.14 -7.98 1.45
N ARG A 26 2.93 -8.33 2.02
CA ARG A 26 2.36 -9.68 1.94
C ARG A 26 1.94 -10.04 0.54
N ARG A 27 1.15 -9.09 -0.08
CA ARG A 27 0.64 -9.23 -1.42
C ARG A 27 1.62 -8.78 -2.51
N PHE A 28 2.88 -8.43 -2.15
CA PHE A 28 4.06 -8.42 -3.01
C PHE A 28 4.81 -9.76 -3.08
N ARG A 29 4.85 -10.61 -2.01
CA ARG A 29 5.52 -11.92 -1.98
C ARG A 29 4.69 -13.04 -2.60
N GLN A 30 3.35 -13.11 -2.33
CA GLN A 30 2.44 -14.17 -2.65
C GLN A 30 1.76 -13.98 -4.01
N GLN A 31 1.69 -12.73 -4.53
CA GLN A 31 1.02 -12.41 -5.78
C GLN A 31 1.75 -11.21 -6.33
N ARG A 32 1.68 -10.98 -7.67
CA ARG A 32 2.34 -9.87 -8.36
C ARG A 32 1.35 -8.81 -8.75
N TYR A 33 0.13 -9.29 -9.17
CA TYR A 33 -0.73 -8.68 -10.21
C TYR A 33 -1.42 -7.34 -9.91
N LEU A 34 -2.60 -7.23 -9.25
CA LEU A 34 -3.43 -8.09 -8.41
C LEU A 34 -4.78 -7.91 -9.10
N SER A 35 -5.81 -8.82 -8.95
CA SER A 35 -7.13 -8.65 -9.58
C SER A 35 -7.99 -7.58 -8.90
N ALA A 36 -8.92 -6.94 -9.65
CA ALA A 36 -9.68 -5.73 -9.31
C ALA A 36 -10.62 -5.77 -8.10
N PRO A 37 -11.37 -6.86 -7.78
CA PRO A 37 -12.16 -6.98 -6.55
C PRO A 37 -11.36 -7.08 -5.25
N GLU A 38 -10.05 -7.42 -5.29
CA GLU A 38 -9.12 -7.44 -4.17
C GLU A 38 -8.12 -6.28 -4.15
N ARG A 39 -7.91 -5.51 -5.26
CA ARG A 39 -7.00 -4.35 -5.35
C ARG A 39 -7.65 -3.09 -4.75
N GLU A 40 -8.94 -2.84 -5.13
CA GLU A 40 -9.77 -1.70 -4.78
C GLU A 40 -10.37 -1.82 -3.38
N HIS A 41 -10.56 -3.09 -2.93
CA HIS A 41 -11.11 -3.50 -1.65
C HIS A 41 -10.06 -3.48 -0.57
N LEU A 42 -8.76 -3.65 -0.97
CA LEU A 42 -7.54 -3.44 -0.19
C LEU A 42 -7.29 -1.98 0.11
N ALA A 43 -7.63 -1.07 -0.84
CA ALA A 43 -7.57 0.39 -0.74
C ALA A 43 -8.65 0.99 0.13
N SER A 44 -9.83 0.33 0.22
CA SER A 44 -10.94 0.70 1.10
C SER A 44 -10.83 0.16 2.51
N LEU A 45 -10.19 -1.03 2.68
CA LEU A 45 -9.99 -1.77 3.92
C LEU A 45 -8.87 -1.20 4.76
N ILE A 46 -7.80 -0.67 4.10
CA ILE A 46 -6.62 -0.12 4.76
C ILE A 46 -6.67 1.39 4.80
N ARG A 47 -7.47 2.04 3.89
CA ARG A 47 -7.84 3.45 3.82
C ARG A 47 -6.84 4.32 3.08
N LEU A 48 -6.72 4.09 1.76
CA LEU A 48 -5.93 4.91 0.85
C LEU A 48 -6.78 5.14 -0.38
N THR A 49 -6.13 5.59 -1.49
CA THR A 49 -6.69 5.86 -2.80
C THR A 49 -6.26 4.71 -3.73
N PRO A 50 -7.08 4.32 -4.74
CA PRO A 50 -6.75 3.37 -5.82
C PRO A 50 -5.57 3.75 -6.73
N THR A 51 -5.17 5.05 -6.79
CA THR A 51 -4.12 5.58 -7.64
C THR A 51 -2.75 5.48 -6.96
N GLN A 52 -2.67 5.54 -5.60
CA GLN A 52 -1.43 5.44 -4.84
C GLN A 52 -1.02 3.99 -4.59
N VAL A 53 -2.02 3.05 -4.46
CA VAL A 53 -1.81 1.59 -4.45
C VAL A 53 -1.33 1.05 -5.81
N LYS A 54 -1.88 1.59 -6.95
CA LYS A 54 -1.45 1.40 -8.34
C LYS A 54 0.03 1.68 -8.62
N ILE A 55 0.53 2.89 -8.22
CA ILE A 55 1.91 3.33 -8.43
C ILE A 55 2.90 2.87 -7.35
N TRP A 56 2.43 2.21 -6.24
CA TRP A 56 3.27 1.48 -5.27
C TRP A 56 3.72 0.15 -5.86
N PHE A 57 2.79 -0.58 -6.56
CA PHE A 57 3.02 -1.88 -7.20
C PHE A 57 3.62 -1.78 -8.58
N GLN A 58 3.66 -0.55 -9.16
CA GLN A 58 4.35 -0.16 -10.38
C GLN A 58 5.83 0.08 -10.14
N ASN A 59 6.17 0.65 -8.95
CA ASN A 59 7.51 1.07 -8.55
C ASN A 59 8.32 -0.03 -7.89
N HIS A 60 7.70 -0.82 -6.97
CA HIS A 60 8.35 -1.81 -6.11
C HIS A 60 8.93 -3.06 -6.79
N ARG A 61 8.53 -3.38 -8.06
CA ARG A 61 8.93 -4.46 -8.91
C ARG A 61 10.20 -4.21 -9.76
N TYR A 62 11.38 -4.02 -9.07
CA TYR A 62 12.59 -4.90 -8.91
C TYR A 62 12.77 -6.04 -9.91
N LYS A 63 11.78 -6.91 -9.73
CA LYS A 63 11.49 -8.23 -10.19
C LYS A 63 10.80 -8.85 -9.01
N THR A 64 9.47 -9.04 -9.15
CA THR A 64 8.47 -9.45 -8.22
C THR A 64 8.45 -10.96 -8.02
N LYS A 65 9.49 -11.37 -7.25
CA LYS A 65 10.09 -12.59 -6.73
C LYS A 65 9.19 -13.77 -6.44
N ARG A 66 8.68 -14.28 -7.58
CA ARG A 66 7.99 -15.54 -7.77
C ARG A 66 8.05 -15.78 -9.26
N ALA A 67 8.12 -14.66 -10.04
CA ALA A 67 8.49 -14.59 -11.44
C ALA A 67 9.95 -14.23 -11.53
N GLN A 68 10.78 -15.26 -11.82
CA GLN A 68 12.22 -15.21 -12.01
C GLN A 68 12.47 -15.29 -13.50
N ASN A 69 12.66 -14.07 -14.06
CA ASN A 69 12.81 -13.76 -15.45
C ASN A 69 13.80 -12.63 -15.43
N GLU A 70 15.08 -12.98 -15.09
CA GLU A 70 16.19 -12.11 -14.72
C GLU A 70 16.58 -10.88 -15.58
N LYS A 71 16.64 -10.89 -16.95
CA LYS A 71 16.80 -9.69 -17.75
C LYS A 71 15.55 -9.52 -18.59
N GLY A 72 14.92 -8.31 -18.48
CA GLY A 72 13.76 -7.89 -19.23
C GLY A 72 12.74 -7.36 -18.26
N TYR A 73 12.46 -8.19 -17.22
CA TYR A 73 11.46 -8.04 -16.18
C TYR A 73 11.73 -7.02 -15.08
N GLU A 74 12.99 -6.52 -15.01
CA GLU A 74 13.57 -5.59 -14.05
C GLU A 74 13.31 -4.14 -14.43
N GLY A 75 12.01 -3.79 -14.55
CA GLY A 75 11.52 -2.46 -14.82
C GLY A 75 10.14 -2.64 -15.34
N HIS A 76 9.96 -2.49 -16.68
CA HIS A 76 8.72 -2.62 -17.40
C HIS A 76 9.01 -3.50 -18.59
N PRO A 77 8.64 -4.80 -18.62
CA PRO A 77 8.89 -5.70 -19.76
C PRO A 77 7.94 -5.35 -20.90
N ALA A 1 8.86 4.47 4.10
CA ALA A 1 8.70 3.43 3.04
C ALA A 1 7.26 3.11 2.76
N SER A 2 6.40 3.09 3.82
CA SER A 2 5.00 2.72 3.76
C SER A 2 4.26 3.68 4.65
N ASP A 3 4.84 3.95 5.85
CA ASP A 3 4.36 4.92 6.81
C ASP A 3 5.63 5.53 7.36
N GLY A 4 6.11 6.57 6.64
CA GLY A 4 7.38 7.21 6.90
C GLY A 4 7.64 8.14 5.75
N LEU A 5 8.87 8.08 5.16
CA LEU A 5 9.26 8.89 4.01
C LEU A 5 9.60 7.98 2.83
N PRO A 6 8.67 7.52 1.95
CA PRO A 6 9.02 6.94 0.65
C PRO A 6 9.33 8.02 -0.38
N ASN A 7 10.44 7.83 -1.14
CA ASN A 7 10.88 8.68 -2.23
C ASN A 7 10.77 7.82 -3.48
N LYS A 8 9.53 7.34 -3.71
CA LYS A 8 9.16 6.41 -4.75
C LYS A 8 7.68 6.58 -4.96
N LYS A 9 6.97 7.20 -3.99
CA LYS A 9 5.52 7.33 -3.94
C LYS A 9 5.13 8.78 -4.02
N ARG A 10 5.43 9.58 -2.97
CA ARG A 10 4.88 10.92 -2.82
C ARG A 10 5.81 11.76 -2.01
N LYS A 11 6.04 11.38 -0.72
CA LYS A 11 6.69 12.24 0.25
C LYS A 11 6.51 11.56 1.59
N ARG A 12 5.68 12.10 2.53
CA ARG A 12 4.75 13.19 2.54
C ARG A 12 3.34 12.74 2.25
N ARG A 13 3.04 11.47 2.65
CA ARG A 13 1.86 10.65 2.54
C ARG A 13 0.47 11.17 2.81
N VAL A 14 -0.38 10.17 3.21
CA VAL A 14 -1.79 10.07 3.43
C VAL A 14 -2.35 10.84 4.60
N LEU A 15 -2.73 10.06 5.65
CA LEU A 15 -1.78 9.42 6.51
C LEU A 15 -2.45 8.21 7.12
N PHE A 16 -1.65 7.13 7.32
CA PHE A 16 -2.06 5.81 7.69
C PHE A 16 -1.75 5.53 9.14
N THR A 17 -2.58 4.62 9.75
CA THR A 17 -2.46 4.07 11.09
C THR A 17 -1.98 2.64 10.97
N LYS A 18 -1.96 1.87 12.11
CA LYS A 18 -1.39 0.53 12.25
C LYS A 18 -2.33 -0.60 11.85
N ALA A 19 -3.52 -0.26 11.27
CA ALA A 19 -4.38 -1.14 10.50
C ALA A 19 -3.98 -1.22 9.03
N GLN A 20 -3.67 -0.05 8.41
CA GLN A 20 -3.45 0.18 6.99
C GLN A 20 -2.07 -0.29 6.53
N THR A 21 -0.99 0.10 7.29
CA THR A 21 0.42 -0.23 7.08
C THR A 21 0.70 -1.72 7.29
N TYR A 22 0.01 -2.31 8.31
CA TYR A 22 0.02 -3.72 8.73
C TYR A 22 -0.42 -4.66 7.62
N GLU A 23 -1.65 -4.44 7.06
CA GLU A 23 -2.31 -5.26 6.05
C GLU A 23 -1.65 -5.26 4.68
N LEU A 24 -1.12 -4.09 4.24
CA LEU A 24 -0.38 -3.88 3.00
C LEU A 24 0.98 -4.58 2.91
N GLU A 25 1.73 -4.63 4.04
CA GLU A 25 3.01 -5.30 4.19
C GLU A 25 2.94 -6.81 4.32
N ARG A 26 1.78 -7.35 4.83
CA ARG A 26 1.53 -8.79 4.90
C ARG A 26 1.29 -9.41 3.54
N ARG A 27 0.42 -8.72 2.71
CA ARG A 27 0.07 -9.23 1.39
C ARG A 27 1.22 -9.10 0.36
N PHE A 28 2.21 -8.16 0.58
CA PHE A 28 3.48 -8.06 -0.16
C PHE A 28 4.49 -9.17 0.20
N ARG A 29 4.51 -9.66 1.48
CA ARG A 29 5.31 -10.78 1.96
C ARG A 29 4.83 -12.17 1.52
N GLN A 30 3.50 -12.34 1.28
CA GLN A 30 2.85 -13.58 0.88
C GLN A 30 2.73 -13.71 -0.63
N GLN A 31 2.63 -12.59 -1.40
CA GLN A 31 2.52 -12.62 -2.84
C GLN A 31 2.95 -11.29 -3.37
N ARG A 32 3.07 -11.19 -4.72
CA ARG A 32 3.54 -10.03 -5.46
C ARG A 32 2.37 -9.33 -6.12
N TYR A 33 1.41 -10.15 -6.63
CA TYR A 33 0.27 -9.72 -7.41
C TYR A 33 -0.94 -10.39 -6.81
N LEU A 34 -2.04 -9.61 -6.79
CA LEU A 34 -3.32 -9.85 -6.16
C LEU A 34 -4.29 -9.20 -7.09
N SER A 35 -5.24 -10.01 -7.63
CA SER A 35 -6.17 -9.68 -8.72
C SER A 35 -7.50 -9.29 -8.11
N ALA A 36 -8.40 -8.67 -8.92
CA ALA A 36 -9.67 -8.01 -8.57
C ALA A 36 -10.65 -8.64 -7.57
N PRO A 37 -10.90 -9.96 -7.45
CA PRO A 37 -11.76 -10.56 -6.41
C PRO A 37 -11.21 -10.45 -4.97
N GLU A 38 -9.86 -10.49 -4.80
CA GLU A 38 -9.15 -10.35 -3.53
C GLU A 38 -8.50 -8.98 -3.31
N ARG A 39 -8.23 -8.16 -4.37
CA ARG A 39 -7.61 -6.83 -4.31
C ARG A 39 -8.60 -5.76 -3.89
N GLU A 40 -9.84 -5.83 -4.47
CA GLU A 40 -10.94 -4.88 -4.26
C GLU A 40 -11.70 -5.18 -2.96
N HIS A 41 -11.55 -6.43 -2.44
CA HIS A 41 -12.06 -6.93 -1.18
C HIS A 41 -11.20 -6.53 -0.01
N LEU A 42 -9.87 -6.30 -0.27
CA LEU A 42 -8.86 -5.75 0.63
C LEU A 42 -9.02 -4.25 0.83
N ALA A 43 -9.51 -3.54 -0.23
CA ALA A 43 -9.83 -2.11 -0.28
C ALA A 43 -11.15 -1.77 0.36
N SER A 44 -12.12 -2.74 0.38
CA SER A 44 -13.40 -2.65 1.05
C SER A 44 -13.34 -3.05 2.51
N LEU A 45 -12.35 -3.93 2.86
CA LEU A 45 -12.03 -4.41 4.20
C LEU A 45 -11.34 -3.37 5.05
N ILE A 46 -10.42 -2.56 4.45
CA ILE A 46 -9.59 -1.61 5.16
C ILE A 46 -10.04 -0.17 4.93
N ARG A 47 -10.85 0.09 3.86
CA ARG A 47 -11.58 1.31 3.54
C ARG A 47 -10.79 2.33 2.73
N LEU A 48 -10.43 2.00 1.46
CA LEU A 48 -9.73 2.89 0.54
C LEU A 48 -10.37 2.81 -0.83
N THR A 49 -9.65 3.38 -1.85
CA THR A 49 -9.99 3.43 -3.26
C THR A 49 -9.15 2.36 -4.00
N PRO A 50 -9.68 1.76 -5.10
CA PRO A 50 -8.97 0.84 -6.01
C PRO A 50 -7.74 1.40 -6.73
N THR A 51 -7.59 2.75 -6.85
CA THR A 51 -6.53 3.44 -7.56
C THR A 51 -5.33 3.67 -6.66
N GLN A 52 -5.51 3.86 -5.32
CA GLN A 52 -4.42 4.07 -4.37
C GLN A 52 -3.79 2.76 -3.92
N VAL A 53 -4.60 1.65 -3.87
CA VAL A 53 -4.12 0.27 -3.63
C VAL A 53 -3.30 -0.27 -4.81
N LYS A 54 -3.74 0.00 -6.08
CA LYS A 54 -3.08 -0.31 -7.35
C LYS A 54 -1.69 0.33 -7.49
N ILE A 55 -1.51 1.63 -7.11
CA ILE A 55 -0.22 2.33 -7.19
C ILE A 55 0.65 2.21 -5.95
N TRP A 56 0.19 1.60 -4.81
CA TRP A 56 1.01 1.17 -3.67
C TRP A 56 1.80 -0.10 -4.00
N PHE A 57 1.14 -1.06 -4.72
CA PHE A 57 1.70 -2.34 -5.15
C PHE A 57 2.55 -2.24 -6.40
N GLN A 58 2.42 -1.10 -7.14
CA GLN A 58 3.21 -0.68 -8.27
C GLN A 58 4.55 -0.08 -7.86
N ASN A 59 4.59 0.62 -6.68
CA ASN A 59 5.73 1.36 -6.17
C ASN A 59 6.59 0.58 -5.19
N HIS A 60 6.00 -0.28 -4.32
CA HIS A 60 6.66 -0.95 -3.19
C HIS A 60 7.38 -2.23 -3.55
N ARG A 61 7.50 -2.59 -4.87
CA ARG A 61 8.12 -3.81 -5.35
C ARG A 61 9.62 -3.96 -5.18
N TYR A 62 10.45 -2.93 -5.55
CA TYR A 62 11.88 -2.92 -5.31
C TYR A 62 12.59 -3.00 -6.63
N LYS A 63 12.64 -4.26 -7.13
CA LYS A 63 13.84 -5.08 -7.42
C LYS A 63 14.38 -5.83 -6.19
N THR A 64 13.50 -6.33 -5.28
CA THR A 64 13.84 -6.95 -3.99
C THR A 64 13.80 -8.48 -3.98
N LYS A 65 12.87 -9.12 -4.78
CA LYS A 65 12.31 -10.45 -4.55
C LYS A 65 13.13 -11.63 -5.01
N ARG A 66 14.07 -11.42 -5.98
CA ARG A 66 14.77 -12.48 -6.68
C ARG A 66 16.21 -12.05 -6.74
N ALA A 67 16.99 -12.55 -7.75
CA ALA A 67 18.30 -12.03 -8.14
C ALA A 67 18.15 -11.15 -9.35
N GLN A 68 17.26 -10.17 -9.17
CA GLN A 68 17.01 -9.02 -10.02
C GLN A 68 17.63 -7.84 -9.33
N ASN A 69 18.88 -7.59 -9.73
CA ASN A 69 19.72 -6.52 -9.23
C ASN A 69 20.43 -5.96 -10.44
N GLU A 70 19.62 -5.52 -11.45
CA GLU A 70 20.04 -5.10 -12.80
C GLU A 70 21.20 -4.11 -13.01
N LYS A 71 21.27 -2.90 -12.38
CA LYS A 71 22.45 -2.06 -12.34
C LYS A 71 23.13 -2.20 -11.00
N GLY A 72 24.42 -2.61 -11.04
CA GLY A 72 25.31 -2.74 -9.91
C GLY A 72 26.01 -4.06 -10.02
N TYR A 73 25.19 -5.15 -10.19
CA TYR A 73 25.58 -6.56 -10.20
C TYR A 73 26.28 -7.06 -11.45
N GLU A 74 26.13 -6.30 -12.56
CA GLU A 74 26.70 -6.48 -13.88
C GLU A 74 27.89 -5.55 -13.99
N GLY A 75 28.88 -5.81 -13.10
CA GLY A 75 30.06 -4.98 -12.91
C GLY A 75 30.78 -5.60 -11.77
N HIS A 76 30.36 -5.26 -10.51
CA HIS A 76 30.83 -5.85 -9.27
C HIS A 76 29.65 -6.61 -8.66
N PRO A 77 29.54 -7.95 -8.76
CA PRO A 77 28.48 -8.72 -8.13
C PRO A 77 28.74 -8.82 -6.64
N ALA A 1 -16.82 -8.15 22.12
CA ALA A 1 -17.66 -7.73 20.97
C ALA A 1 -17.64 -6.23 20.80
N SER A 2 -17.66 -5.47 21.94
CA SER A 2 -17.58 -4.03 21.99
C SER A 2 -16.57 -3.70 23.06
N ASP A 3 -16.62 -4.43 24.20
CA ASP A 3 -15.73 -4.26 25.34
C ASP A 3 -15.25 -5.66 25.70
N GLY A 4 -14.01 -6.00 25.27
CA GLY A 4 -13.41 -7.28 25.55
C GLY A 4 -12.00 -7.21 25.05
N LEU A 5 -11.51 -8.35 24.49
CA LEU A 5 -10.21 -8.52 23.81
C LEU A 5 -10.47 -8.96 22.38
N PRO A 6 -11.28 -10.01 22.03
CA PRO A 6 -11.87 -10.21 20.70
C PRO A 6 -13.07 -9.27 20.53
N ASN A 7 -13.12 -8.53 19.40
CA ASN A 7 -13.99 -7.37 19.24
C ASN A 7 -14.51 -7.38 17.83
N LYS A 8 -15.09 -6.23 17.40
CA LYS A 8 -15.60 -5.99 16.07
C LYS A 8 -15.18 -4.57 15.74
N LYS A 9 -15.90 -3.92 14.77
CA LYS A 9 -15.61 -2.59 14.25
C LYS A 9 -16.77 -1.70 14.65
N ARG A 10 -16.81 -1.34 15.96
CA ARG A 10 -17.80 -0.48 16.57
C ARG A 10 -17.04 0.42 17.51
N LYS A 11 -16.23 -0.21 18.40
CA LYS A 11 -15.31 0.44 19.32
C LYS A 11 -13.94 -0.02 18.90
N ARG A 12 -13.30 0.79 18.01
CA ARG A 12 -12.17 0.51 17.15
C ARG A 12 -10.85 0.10 17.80
N ARG A 13 -10.43 -1.14 17.48
CA ARG A 13 -9.22 -1.82 17.91
C ARG A 13 -8.26 -1.82 16.75
N VAL A 14 -7.16 -2.59 16.94
CA VAL A 14 -5.97 -2.78 16.17
C VAL A 14 -6.08 -4.03 15.32
N LEU A 15 -7.35 -4.40 15.12
CA LEU A 15 -7.85 -5.58 14.42
C LEU A 15 -7.90 -5.34 12.91
N PHE A 16 -7.06 -6.08 12.15
CA PHE A 16 -6.79 -5.89 10.75
C PHE A 16 -7.47 -6.94 9.89
N THR A 17 -7.76 -6.55 8.62
CA THR A 17 -8.17 -7.42 7.51
C THR A 17 -7.04 -7.40 6.50
N LYS A 18 -7.26 -7.98 5.28
CA LYS A 18 -6.26 -8.29 4.26
C LYS A 18 -5.75 -7.11 3.44
N ALA A 19 -6.37 -5.91 3.59
CA ALA A 19 -5.93 -4.64 3.03
C ALA A 19 -4.85 -3.97 3.89
N GLN A 20 -5.00 -4.08 5.25
CA GLN A 20 -4.22 -3.44 6.29
C GLN A 20 -2.88 -4.14 6.48
N THR A 21 -2.87 -5.51 6.49
CA THR A 21 -1.72 -6.40 6.62
C THR A 21 -0.79 -6.34 5.41
N TYR A 22 -1.40 -6.20 4.19
CA TYR A 22 -0.81 -6.10 2.85
C TYR A 22 0.05 -4.86 2.68
N GLU A 23 -0.52 -3.66 3.03
CA GLU A 23 0.11 -2.35 2.89
C GLU A 23 1.22 -2.03 3.88
N LEU A 24 1.11 -2.53 5.15
CA LEU A 24 2.10 -2.38 6.22
C LEU A 24 3.39 -3.17 6.00
N GLU A 25 3.26 -4.45 5.53
CA GLU A 25 4.36 -5.34 5.14
C GLU A 25 5.10 -4.94 3.86
N ARG A 26 4.37 -4.32 2.87
CA ARG A 26 4.90 -3.94 1.56
C ARG A 26 5.69 -2.65 1.53
N ARG A 27 5.38 -1.70 2.48
CA ARG A 27 6.24 -0.54 2.82
C ARG A 27 7.47 -0.95 3.64
N PHE A 28 7.39 -2.04 4.46
CA PHE A 28 8.46 -2.57 5.32
C PHE A 28 9.64 -3.18 4.55
N ARG A 29 9.36 -3.82 3.38
CA ARG A 29 10.36 -4.49 2.53
C ARG A 29 11.14 -3.55 1.60
N GLN A 30 10.67 -2.28 1.39
CA GLN A 30 11.36 -1.21 0.67
C GLN A 30 12.13 -0.27 1.60
N GLN A 31 11.68 -0.07 2.87
CA GLN A 31 12.18 0.97 3.75
C GLN A 31 11.68 0.60 5.13
N ARG A 32 12.37 1.03 6.21
CA ARG A 32 12.02 0.71 7.60
C ARG A 32 11.35 1.91 8.21
N TYR A 33 11.82 3.11 7.79
CA TYR A 33 11.40 4.42 8.22
C TYR A 33 10.77 5.12 7.05
N LEU A 34 9.71 5.89 7.36
CA LEU A 34 8.80 6.56 6.47
C LEU A 34 8.37 7.74 7.29
N SER A 35 8.62 8.97 6.75
CA SER A 35 8.48 10.27 7.40
C SER A 35 7.06 10.79 7.25
N ALA A 36 6.67 11.85 8.00
CA ALA A 36 5.33 12.41 8.15
C ALA A 36 4.50 12.76 6.89
N PRO A 37 5.02 13.24 5.73
CA PRO A 37 4.25 13.44 4.49
C PRO A 37 3.77 12.15 3.82
N GLU A 38 4.52 11.02 3.95
CA GLU A 38 4.21 9.70 3.41
C GLU A 38 3.62 8.73 4.44
N ARG A 39 3.83 8.93 5.78
CA ARG A 39 3.36 8.09 6.89
C ARG A 39 1.89 8.35 7.20
N GLU A 40 1.50 9.66 7.19
CA GLU A 40 0.17 10.17 7.51
C GLU A 40 -0.78 10.07 6.33
N HIS A 41 -0.21 9.94 5.10
CA HIS A 41 -0.86 9.74 3.82
C HIS A 41 -1.23 8.28 3.59
N LEU A 42 -0.44 7.35 4.23
CA LEU A 42 -0.65 5.92 4.32
C LEU A 42 -1.75 5.55 5.31
N ALA A 43 -1.91 6.36 6.39
CA ALA A 43 -2.91 6.26 7.45
C ALA A 43 -4.26 6.84 7.06
N SER A 44 -4.27 7.81 6.11
CA SER A 44 -5.46 8.39 5.51
C SER A 44 -5.98 7.59 4.34
N LEU A 45 -5.08 6.85 3.65
CA LEU A 45 -5.32 5.94 2.54
C LEU A 45 -5.98 4.65 2.98
N ILE A 46 -5.55 4.09 4.16
CA ILE A 46 -5.99 2.79 4.63
C ILE A 46 -6.96 2.91 5.80
N ARG A 47 -7.03 4.11 6.47
CA ARG A 47 -8.05 4.60 7.38
C ARG A 47 -7.81 4.27 8.85
N LEU A 48 -6.69 4.77 9.45
CA LEU A 48 -6.33 4.50 10.84
C LEU A 48 -5.96 5.78 11.57
N THR A 49 -5.36 5.58 12.80
CA THR A 49 -4.82 6.59 13.69
C THR A 49 -3.28 6.66 13.49
N PRO A 50 -2.65 7.87 13.66
CA PRO A 50 -1.20 8.08 13.65
C PRO A 50 -0.40 7.37 14.74
N THR A 51 -1.06 6.91 15.85
CA THR A 51 -0.47 6.28 17.01
C THR A 51 -0.35 4.77 16.82
N GLN A 52 -1.27 4.10 16.05
CA GLN A 52 -1.23 2.67 15.78
C GLN A 52 -0.29 2.34 14.63
N VAL A 53 -0.15 3.27 13.62
CA VAL A 53 0.88 3.19 12.55
C VAL A 53 2.30 3.40 13.09
N LYS A 54 2.51 4.37 14.03
CA LYS A 54 3.75 4.65 14.78
C LYS A 54 4.33 3.47 15.55
N ILE A 55 3.47 2.75 16.35
CA ILE A 55 3.90 1.61 17.17
C ILE A 55 3.90 0.27 16.47
N TRP A 56 3.37 0.15 15.20
CA TRP A 56 3.55 -1.01 14.33
C TRP A 56 4.96 -1.04 13.73
N PHE A 57 5.47 0.15 13.28
CA PHE A 57 6.79 0.35 12.68
C PHE A 57 7.90 0.53 13.69
N GLN A 58 7.54 0.71 14.99
CA GLN A 58 8.41 0.69 16.16
C GLN A 58 8.82 -0.72 16.56
N ASN A 59 7.85 -1.67 16.52
CA ASN A 59 7.99 -3.05 16.99
C ASN A 59 8.44 -4.02 15.90
N HIS A 60 8.21 -3.70 14.60
CA HIS A 60 8.48 -4.58 13.45
C HIS A 60 9.89 -4.49 12.89
N ARG A 61 10.70 -3.43 13.21
CA ARG A 61 12.15 -3.38 13.21
C ARG A 61 12.64 -3.81 14.57
N TYR A 62 12.51 -5.09 14.97
CA TYR A 62 12.55 -6.34 14.27
C TYR A 62 12.06 -7.35 15.27
N LYS A 63 10.89 -7.96 14.97
CA LYS A 63 10.64 -9.41 14.83
C LYS A 63 11.32 -10.08 13.63
N THR A 64 11.50 -9.29 12.53
CA THR A 64 11.51 -9.72 11.15
C THR A 64 12.91 -10.00 10.56
N LYS A 65 13.49 -9.09 9.69
CA LYS A 65 14.76 -9.14 9.00
C LYS A 65 15.77 -8.48 9.89
N ARG A 66 16.38 -9.37 10.70
CA ARG A 66 17.32 -9.21 11.81
C ARG A 66 18.58 -8.43 11.45
N ALA A 67 18.69 -7.21 12.04
CA ALA A 67 19.82 -6.30 12.01
C ALA A 67 20.54 -6.49 13.31
N GLN A 68 21.81 -6.96 13.25
CA GLN A 68 22.58 -7.40 14.40
C GLN A 68 23.55 -6.33 14.82
N ASN A 69 23.03 -5.49 15.72
CA ASN A 69 23.59 -4.23 16.19
C ASN A 69 23.80 -4.20 17.68
N GLU A 70 24.03 -5.43 18.23
CA GLU A 70 24.86 -5.73 19.38
C GLU A 70 26.27 -5.90 18.90
N LYS A 71 27.28 -5.41 19.65
CA LYS A 71 27.27 -4.54 20.82
C LYS A 71 27.48 -3.11 20.38
N GLY A 72 26.59 -2.19 20.81
CA GLY A 72 26.62 -0.82 20.36
C GLY A 72 25.42 -0.10 20.88
N TYR A 73 24.29 -0.39 20.20
CA TYR A 73 22.99 0.28 20.21
C TYR A 73 22.09 0.01 21.40
N GLU A 74 22.37 -1.08 22.15
CA GLU A 74 21.72 -1.51 23.36
C GLU A 74 22.56 -1.14 24.56
N GLY A 75 22.76 0.19 24.77
CA GLY A 75 23.53 0.79 25.83
C GLY A 75 24.75 1.44 25.24
N HIS A 76 25.92 0.78 25.41
CA HIS A 76 27.22 1.22 24.93
C HIS A 76 27.92 -0.04 24.45
N PRO A 77 28.92 0.03 23.55
CA PRO A 77 29.73 -1.12 23.15
C PRO A 77 30.71 -1.46 24.28
N ALA A 1 -17.62 13.38 8.82
CA ALA A 1 -16.47 14.30 8.97
C ALA A 1 -16.20 14.61 10.42
N SER A 2 -15.23 15.52 10.70
CA SER A 2 -14.86 15.98 12.01
C SER A 2 -14.42 17.41 11.79
N ASP A 3 -13.25 17.80 12.36
CA ASP A 3 -12.63 19.09 12.19
C ASP A 3 -11.15 18.79 12.33
N GLY A 4 -10.61 18.01 11.37
CA GLY A 4 -9.24 17.56 11.37
C GLY A 4 -9.11 16.52 10.30
N LEU A 5 -8.43 15.39 10.63
CA LEU A 5 -8.19 14.26 9.73
C LEU A 5 -8.72 13.00 10.40
N PRO A 6 -9.99 12.52 10.26
CA PRO A 6 -10.41 11.17 10.66
C PRO A 6 -10.01 10.17 9.57
N ASN A 7 -9.25 9.12 9.96
CA ASN A 7 -8.56 8.20 9.08
C ASN A 7 -9.17 6.82 9.21
N LYS A 8 -10.52 6.75 9.20
CA LYS A 8 -11.28 5.54 9.40
C LYS A 8 -12.67 5.79 8.86
N LYS A 9 -13.19 7.04 9.06
CA LYS A 9 -14.54 7.46 8.72
C LYS A 9 -14.57 8.09 7.34
N ARG A 10 -13.81 9.20 7.18
CA ARG A 10 -13.67 9.98 5.96
C ARG A 10 -14.11 11.38 6.31
N LYS A 11 -13.71 12.40 5.49
CA LYS A 11 -13.93 13.81 5.79
C LYS A 11 -14.60 14.46 4.60
N ARG A 12 -13.94 14.95 3.50
CA ARG A 12 -12.57 15.12 3.09
C ARG A 12 -11.88 13.85 2.60
N ARG A 13 -11.56 13.82 1.28
CA ARG A 13 -11.11 12.79 0.38
C ARG A 13 -10.03 11.80 0.78
N VAL A 14 -9.00 11.79 -0.09
CA VAL A 14 -7.80 10.96 -0.11
C VAL A 14 -6.72 11.69 0.65
N LEU A 15 -5.80 10.92 1.30
CA LEU A 15 -4.77 11.51 2.12
C LEU A 15 -3.78 10.43 2.44
N PHE A 16 -2.45 10.80 2.38
CA PHE A 16 -1.17 10.10 2.53
C PHE A 16 -0.93 8.93 3.48
N THR A 17 -1.86 8.83 4.45
CA THR A 17 -1.69 8.57 5.88
C THR A 17 -1.33 7.14 6.27
N LYS A 18 -1.19 6.84 7.60
CA LYS A 18 -0.73 5.59 8.20
C LYS A 18 -1.76 4.47 8.24
N ALA A 19 -2.95 4.68 7.60
CA ALA A 19 -3.91 3.68 7.17
C ALA A 19 -3.54 3.15 5.79
N GLN A 20 -3.34 4.08 4.80
CA GLN A 20 -3.04 3.87 3.39
C GLN A 20 -1.68 3.24 3.15
N THR A 21 -0.60 3.81 3.76
CA THR A 21 0.80 3.40 3.63
C THR A 21 1.10 2.06 4.31
N TYR A 22 0.43 1.79 5.47
CA TYR A 22 0.51 0.58 6.30
C TYR A 22 0.02 -0.67 5.59
N GLU A 23 -1.20 -0.57 4.98
CA GLU A 23 -1.89 -1.67 4.29
C GLU A 23 -1.33 -2.05 2.93
N LEU A 24 -0.81 -1.07 2.14
CA LEU A 24 -0.20 -1.25 0.83
C LEU A 24 1.17 -1.93 0.85
N GLU A 25 2.05 -1.53 1.82
CA GLU A 25 3.33 -2.11 2.13
C GLU A 25 3.29 -3.49 2.77
N ARG A 26 2.25 -3.80 3.59
CA ARG A 26 2.07 -5.07 4.28
C ARG A 26 1.53 -6.20 3.43
N ARG A 27 0.75 -5.85 2.36
CA ARG A 27 0.42 -6.75 1.25
C ARG A 27 1.59 -6.95 0.28
N PHE A 28 2.49 -5.94 0.10
CA PHE A 28 3.61 -5.91 -0.86
C PHE A 28 4.72 -6.91 -0.56
N ARG A 29 5.01 -7.17 0.75
CA ARG A 29 6.00 -8.12 1.23
C ARG A 29 5.59 -9.59 1.16
N GLN A 30 4.26 -9.86 1.10
CA GLN A 30 3.62 -11.14 1.00
C GLN A 30 3.32 -11.53 -0.45
N GLN A 31 3.10 -10.55 -1.38
CA GLN A 31 2.55 -10.80 -2.70
C GLN A 31 2.67 -9.50 -3.47
N ARG A 32 2.77 -9.59 -4.83
CA ARG A 32 2.95 -8.46 -5.74
C ARG A 32 1.65 -8.17 -6.47
N TYR A 33 0.90 -9.26 -6.77
CA TYR A 33 -0.39 -9.22 -7.46
C TYR A 33 -1.40 -9.89 -6.56
N LEU A 34 -2.60 -9.26 -6.55
CA LEU A 34 -3.74 -9.47 -5.69
C LEU A 34 -4.89 -9.23 -6.62
N SER A 35 -5.78 -10.26 -6.75
CA SER A 35 -6.87 -10.38 -7.71
C SER A 35 -8.13 -9.73 -7.17
N ALA A 36 -9.16 -9.50 -8.04
CA ALA A 36 -10.39 -8.72 -7.82
C ALA A 36 -11.25 -8.95 -6.57
N PRO A 37 -11.47 -10.16 -6.00
CA PRO A 37 -12.22 -10.36 -4.74
C PRO A 37 -11.52 -9.81 -3.49
N GLU A 38 -10.17 -9.78 -3.46
CA GLU A 38 -9.33 -9.24 -2.40
C GLU A 38 -8.74 -7.86 -2.67
N ARG A 39 -8.64 -7.39 -3.96
CA ARG A 39 -8.07 -6.10 -4.37
C ARG A 39 -9.07 -4.95 -4.21
N GLU A 40 -10.36 -5.22 -4.57
CA GLU A 40 -11.49 -4.30 -4.54
C GLU A 40 -12.08 -4.18 -3.15
N HIS A 41 -11.83 -5.21 -2.28
CA HIS A 41 -12.22 -5.32 -0.90
C HIS A 41 -11.26 -4.59 0.01
N LEU A 42 -9.98 -4.43 -0.46
CA LEU A 42 -8.89 -3.66 0.12
C LEU A 42 -9.06 -2.16 -0.12
N ALA A 43 -9.68 -1.80 -1.28
CA ALA A 43 -10.02 -0.45 -1.73
C ALA A 43 -11.27 0.10 -1.08
N SER A 44 -12.22 -0.79 -0.68
CA SER A 44 -13.43 -0.47 0.07
C SER A 44 -13.22 -0.42 1.57
N LEU A 45 -12.18 -1.15 2.06
CA LEU A 45 -11.72 -1.21 3.44
C LEU A 45 -10.98 0.06 3.85
N ILE A 46 -10.11 0.60 2.94
CA ILE A 46 -9.21 1.70 3.25
C ILE A 46 -9.67 3.03 2.64
N ARG A 47 -10.63 2.99 1.66
CA ARG A 47 -11.35 4.11 1.06
C ARG A 47 -10.61 4.77 -0.10
N LEU A 48 -10.39 4.05 -1.23
CA LEU A 48 -9.80 4.60 -2.44
C LEU A 48 -10.57 4.13 -3.65
N THR A 49 -10.02 4.45 -4.87
CA THR A 49 -10.49 4.08 -6.19
C THR A 49 -9.76 2.79 -6.64
N PRO A 50 -10.41 1.90 -7.43
CA PRO A 50 -9.82 0.71 -8.07
C PRO A 50 -8.69 0.97 -9.06
N THR A 51 -8.59 2.21 -9.64
CA THR A 51 -7.63 2.59 -10.66
C THR A 51 -6.33 3.11 -10.04
N GLN A 52 -6.36 3.71 -8.80
CA GLN A 52 -5.17 4.18 -8.11
C GLN A 52 -4.46 3.07 -7.36
N VAL A 53 -5.23 2.05 -6.84
CA VAL A 53 -4.70 0.82 -6.22
C VAL A 53 -4.00 -0.10 -7.23
N LYS A 54 -4.61 -0.29 -8.44
CA LYS A 54 -4.10 -0.98 -9.62
C LYS A 54 -2.74 -0.46 -10.11
N ILE A 55 -2.60 0.88 -10.30
CA ILE A 55 -1.36 1.51 -10.78
C ILE A 55 -0.33 1.83 -9.69
N TRP A 56 -0.66 1.62 -8.37
CA TRP A 56 0.29 1.61 -7.25
C TRP A 56 1.11 0.33 -7.24
N PHE A 57 0.45 -0.85 -7.48
CA PHE A 57 1.06 -2.18 -7.53
C PHE A 57 1.70 -2.52 -8.86
N GLN A 58 1.37 -1.74 -9.93
CA GLN A 58 1.92 -1.80 -11.28
C GLN A 58 3.31 -1.16 -11.36
N ASN A 59 3.51 -0.05 -10.60
CA ASN A 59 4.73 0.76 -10.54
C ASN A 59 5.72 0.28 -9.48
N HIS A 60 5.25 -0.49 -8.45
CA HIS A 60 6.02 -0.90 -7.28
C HIS A 60 6.86 -2.15 -7.46
N ARG A 61 6.55 -3.04 -8.45
CA ARG A 61 7.29 -4.30 -8.69
C ARG A 61 8.59 -4.09 -9.44
N TYR A 62 8.62 -3.11 -10.39
CA TYR A 62 9.80 -2.50 -10.88
C TYR A 62 9.32 -1.27 -11.58
N LYS A 63 9.77 -0.13 -11.06
CA LYS A 63 11.15 0.30 -11.06
C LYS A 63 11.44 0.69 -9.62
N THR A 64 12.04 -0.29 -8.86
CA THR A 64 12.17 -0.56 -7.43
C THR A 64 12.44 0.64 -6.52
N LYS A 65 11.30 1.31 -6.26
CA LYS A 65 11.07 2.54 -5.54
C LYS A 65 10.84 2.37 -4.05
N ARG A 66 10.79 1.11 -3.53
CA ARG A 66 10.55 0.77 -2.14
C ARG A 66 11.80 0.12 -1.59
N ALA A 67 12.30 -0.94 -2.29
CA ALA A 67 13.48 -1.70 -1.93
C ALA A 67 14.64 -1.25 -2.77
N GLN A 68 15.36 -0.24 -2.22
CA GLN A 68 16.53 0.38 -2.78
C GLN A 68 17.73 -0.11 -2.03
N ASN A 69 18.42 -1.07 -2.65
CA ASN A 69 19.66 -1.65 -2.20
C ASN A 69 20.50 -1.87 -3.42
N GLU A 70 20.87 -0.69 -4.01
CA GLU A 70 22.07 -0.45 -4.78
C GLU A 70 23.16 -0.08 -3.79
N LYS A 71 24.29 -0.79 -3.96
CA LYS A 71 25.34 -1.16 -3.02
C LYS A 71 25.94 -0.06 -2.15
N GLY A 72 25.71 -0.23 -0.81
CA GLY A 72 26.08 0.60 0.31
C GLY A 72 25.12 1.72 0.56
N TYR A 73 23.80 1.39 0.72
CA TYR A 73 22.67 2.31 0.87
C TYR A 73 22.53 2.95 2.24
N GLU A 74 22.65 2.12 3.30
CA GLU A 74 22.55 2.41 4.70
C GLU A 74 23.92 2.62 5.33
N GLY A 75 24.77 3.43 4.65
CA GLY A 75 26.12 3.74 5.05
C GLY A 75 26.95 3.76 3.80
N HIS A 76 27.23 4.97 3.25
CA HIS A 76 28.02 5.23 2.06
C HIS A 76 29.50 5.45 2.36
N PRO A 77 29.98 6.18 3.40
CA PRO A 77 31.40 6.24 3.74
C PRO A 77 31.91 4.90 4.26
N ALA A 1 -8.11 19.84 10.33
CA ALA A 1 -8.57 18.43 10.47
C ALA A 1 -9.74 18.13 9.57
N SER A 2 -10.66 19.12 9.37
CA SER A 2 -11.84 19.02 8.54
C SER A 2 -11.99 20.33 7.79
N ASP A 3 -11.37 21.42 8.31
CA ASP A 3 -11.39 22.74 7.72
C ASP A 3 -10.14 23.40 8.21
N GLY A 4 -9.19 23.68 7.28
CA GLY A 4 -7.91 24.28 7.59
C GLY A 4 -7.08 24.10 6.35
N LEU A 5 -5.79 23.69 6.54
CA LEU A 5 -4.83 23.36 5.50
C LEU A 5 -4.42 21.90 5.62
N PRO A 6 -3.93 21.34 6.76
CA PRO A 6 -3.75 19.90 6.97
C PRO A 6 -5.06 19.27 7.42
N ASN A 7 -5.85 18.72 6.46
CA ASN A 7 -7.17 18.13 6.68
C ASN A 7 -7.07 16.62 6.57
N LYS A 8 -8.01 15.98 5.84
CA LYS A 8 -8.17 14.55 5.77
C LYS A 8 -8.77 14.26 4.43
N LYS A 9 -9.97 14.85 4.18
CA LYS A 9 -10.78 14.57 3.00
C LYS A 9 -11.60 15.81 2.78
N ARG A 10 -10.91 16.95 2.49
CA ARG A 10 -11.52 18.24 2.26
C ARG A 10 -10.57 19.00 1.36
N LYS A 11 -9.24 18.89 1.63
CA LYS A 11 -8.18 19.34 0.76
C LYS A 11 -7.25 18.17 0.52
N ARG A 12 -7.76 16.93 0.77
CA ARG A 12 -7.24 15.59 0.54
C ARG A 12 -5.78 15.29 0.86
N ARG A 13 -5.49 14.96 2.14
CA ARG A 13 -4.16 14.72 2.64
C ARG A 13 -3.83 13.25 2.68
N VAL A 14 -2.49 12.97 2.69
CA VAL A 14 -1.80 11.76 2.33
C VAL A 14 -1.18 11.15 3.58
N LEU A 15 -1.76 11.58 4.69
CA LEU A 15 -1.36 11.35 6.09
C LEU A 15 -1.72 9.96 6.60
N PHE A 16 -0.68 9.08 6.75
CA PHE A 16 -0.78 7.67 7.03
C PHE A 16 -0.43 7.36 8.47
N THR A 17 -1.04 6.26 8.99
CA THR A 17 -0.66 5.53 10.20
C THR A 17 -0.21 4.15 9.75
N LYS A 18 -0.04 3.18 10.70
CA LYS A 18 0.62 1.88 10.52
C LYS A 18 -0.18 0.82 9.79
N ALA A 19 -1.50 1.04 9.55
CA ALA A 19 -2.39 0.22 8.74
C ALA A 19 -2.23 0.49 7.25
N GLN A 20 -2.00 1.80 6.90
CA GLN A 20 -1.95 2.36 5.57
C GLN A 20 -0.63 2.04 4.88
N THR A 21 0.51 2.14 5.64
CA THR A 21 1.88 1.85 5.22
C THR A 21 2.12 0.35 5.02
N TYR A 22 1.47 -0.50 5.87
CA TYR A 22 1.48 -1.97 5.90
C TYR A 22 0.90 -2.59 4.63
N GLU A 23 -0.32 -2.12 4.25
CA GLU A 23 -1.11 -2.62 3.12
C GLU A 23 -0.60 -2.23 1.73
N LEU A 24 -0.07 -0.98 1.58
CA LEU A 24 0.52 -0.43 0.35
C LEU A 24 1.83 -1.09 -0.06
N GLU A 25 2.75 -1.30 0.93
CA GLU A 25 4.00 -2.02 0.79
C GLU A 25 3.86 -3.52 0.56
N ARG A 26 2.75 -4.17 1.09
CA ARG A 26 2.48 -5.59 0.95
C ARG A 26 2.05 -6.06 -0.42
N ARG A 27 1.04 -5.41 -1.08
CA ARG A 27 0.74 -5.70 -2.49
C ARG A 27 1.57 -4.91 -3.51
N PHE A 28 2.68 -4.23 -3.06
CA PHE A 28 3.87 -3.92 -3.87
C PHE A 28 4.93 -5.02 -3.95
N ARG A 29 5.25 -5.76 -2.84
CA ARG A 29 6.37 -6.71 -2.75
C ARG A 29 6.06 -8.09 -3.33
N GLN A 30 4.80 -8.61 -3.24
CA GLN A 30 4.40 -9.91 -3.74
C GLN A 30 3.77 -9.85 -5.12
N GLN A 31 3.52 -8.62 -5.67
CA GLN A 31 2.85 -8.42 -6.95
C GLN A 31 3.05 -6.96 -7.26
N ARG A 32 3.06 -6.59 -8.58
CA ARG A 32 3.23 -5.21 -9.05
C ARG A 32 1.89 -4.69 -9.50
N TYR A 33 1.06 -5.61 -10.04
CA TYR A 33 -0.29 -5.42 -10.50
C TYR A 33 -1.22 -6.05 -9.48
N LEU A 34 -2.31 -5.30 -9.22
CA LEU A 34 -3.37 -5.47 -8.25
C LEU A 34 -4.49 -4.82 -9.00
N SER A 35 -5.52 -5.63 -9.42
CA SER A 35 -6.53 -5.31 -10.43
C SER A 35 -7.73 -4.69 -9.74
N ALA A 36 -8.73 -4.14 -10.47
CA ALA A 36 -9.87 -3.37 -9.96
C ALA A 36 -10.74 -3.96 -8.84
N PRO A 37 -11.07 -5.28 -8.74
CA PRO A 37 -11.73 -5.90 -7.58
C PRO A 37 -10.90 -5.99 -6.31
N GLU A 38 -9.53 -5.88 -6.39
CA GLU A 38 -8.58 -5.89 -5.28
C GLU A 38 -7.88 -4.57 -4.98
N ARG A 39 -7.71 -3.62 -5.96
CA ARG A 39 -7.08 -2.30 -5.86
C ARG A 39 -8.06 -1.30 -5.24
N GLU A 40 -9.36 -1.35 -5.67
CA GLU A 40 -10.45 -0.46 -5.27
C GLU A 40 -11.10 -0.89 -3.96
N HIS A 41 -10.97 -2.20 -3.62
CA HIS A 41 -11.46 -2.85 -2.41
C HIS A 41 -10.46 -2.70 -1.27
N LEU A 42 -9.16 -2.45 -1.64
CA LEU A 42 -8.04 -2.03 -0.81
C LEU A 42 -8.18 -0.60 -0.33
N ALA A 43 -8.71 0.28 -1.21
CA ALA A 43 -9.03 1.69 -1.00
C ALA A 43 -10.30 1.92 -0.20
N SER A 44 -11.27 0.97 -0.26
CA SER A 44 -12.51 0.99 0.50
C SER A 44 -12.39 0.40 1.89
N LEU A 45 -11.47 -0.60 2.06
CA LEU A 45 -11.16 -1.30 3.30
C LEU A 45 -10.26 -0.49 4.21
N ILE A 46 -9.33 0.31 3.62
CA ILE A 46 -8.35 1.10 4.35
C ILE A 46 -8.78 2.56 4.46
N ARG A 47 -9.69 3.04 3.56
CA ARG A 47 -10.51 4.24 3.62
C ARG A 47 -9.86 5.46 2.96
N LEU A 48 -9.56 5.39 1.64
CA LEU A 48 -8.97 6.47 0.88
C LEU A 48 -9.74 6.69 -0.41
N THR A 49 -9.10 7.45 -1.34
CA THR A 49 -9.54 7.73 -2.69
C THR A 49 -8.79 6.80 -3.68
N PRO A 50 -9.43 6.37 -4.80
CA PRO A 50 -8.83 5.63 -5.92
C PRO A 50 -7.69 6.33 -6.67
N THR A 51 -7.56 7.69 -6.55
CA THR A 51 -6.59 8.53 -7.23
C THR A 51 -5.29 8.63 -6.42
N GLN A 52 -5.33 8.52 -5.06
CA GLN A 52 -4.13 8.56 -4.21
C GLN A 52 -3.46 7.20 -4.10
N VAL A 53 -4.26 6.07 -4.16
CA VAL A 53 -3.73 4.69 -4.31
C VAL A 53 -3.07 4.46 -5.67
N LYS A 54 -3.69 4.98 -6.78
CA LYS A 54 -3.16 5.00 -8.15
C LYS A 54 -1.80 5.65 -8.32
N ILE A 55 -1.58 6.88 -7.76
CA ILE A 55 -0.32 7.63 -7.88
C ILE A 55 0.74 7.31 -6.84
N TRP A 56 0.44 6.48 -5.78
CA TRP A 56 1.43 5.84 -4.91
C TRP A 56 2.11 4.69 -5.63
N PHE A 57 1.34 3.86 -6.40
CA PHE A 57 1.78 2.71 -7.17
C PHE A 57 2.37 3.08 -8.53
N GLN A 58 2.05 4.32 -9.04
CA GLN A 58 2.54 4.90 -10.28
C GLN A 58 3.97 5.40 -10.18
N ASN A 59 4.34 5.94 -8.99
CA ASN A 59 5.66 6.48 -8.65
C ASN A 59 6.60 5.41 -8.09
N HIS A 60 6.06 4.25 -7.63
CA HIS A 60 6.79 3.18 -6.97
C HIS A 60 7.43 2.17 -7.93
N ARG A 61 6.88 1.98 -9.15
CA ARG A 61 7.29 0.99 -10.17
C ARG A 61 8.46 1.44 -11.08
N TYR A 62 9.51 2.11 -10.51
CA TYR A 62 10.66 2.67 -11.16
C TYR A 62 10.75 4.03 -10.49
N LYS A 63 11.86 4.19 -9.77
CA LYS A 63 12.24 5.22 -8.84
C LYS A 63 13.02 4.47 -7.80
N THR A 64 12.53 3.25 -7.42
CA THR A 64 13.00 2.42 -6.35
C THR A 64 14.19 1.53 -6.74
N LYS A 65 14.02 0.20 -7.03
CA LYS A 65 14.99 -0.68 -7.63
C LYS A 65 14.83 -0.67 -9.14
N ARG A 66 14.58 -1.85 -9.76
CA ARG A 66 14.38 -2.00 -11.19
C ARG A 66 13.56 -3.24 -11.41
N ALA A 67 12.73 -3.18 -12.50
CA ALA A 67 12.18 -4.31 -13.22
C ALA A 67 13.01 -4.50 -14.47
N GLN A 68 13.92 -5.51 -14.43
CA GLN A 68 14.87 -5.81 -15.50
C GLN A 68 14.38 -6.99 -16.29
N ASN A 69 13.71 -6.62 -17.41
CA ASN A 69 13.15 -7.42 -18.47
C ASN A 69 13.86 -6.95 -19.72
N GLU A 70 15.19 -7.21 -19.67
CA GLU A 70 16.27 -7.07 -20.64
C GLU A 70 16.04 -7.66 -22.01
N LYS A 71 16.66 -8.84 -22.29
CA LYS A 71 16.41 -9.69 -23.45
C LYS A 71 15.21 -10.60 -23.19
N GLY A 72 14.14 -10.33 -23.96
CA GLY A 72 12.81 -10.84 -23.75
C GLY A 72 11.95 -9.85 -24.45
N TYR A 73 11.92 -8.64 -23.85
CA TYR A 73 11.16 -7.46 -24.22
C TYR A 73 11.84 -6.57 -25.24
N GLU A 74 13.01 -6.02 -24.87
CA GLU A 74 13.91 -5.15 -25.62
C GLU A 74 14.98 -5.97 -26.30
N GLY A 75 14.53 -6.83 -27.25
CA GLY A 75 15.33 -7.73 -28.03
C GLY A 75 14.63 -9.06 -28.05
N HIS A 76 15.38 -10.13 -28.43
CA HIS A 76 14.91 -11.51 -28.50
C HIS A 76 15.62 -12.27 -27.38
N PRO A 77 14.96 -13.17 -26.62
CA PRO A 77 15.54 -13.84 -25.46
C PRO A 77 16.56 -14.87 -25.90
N ALA A 1 -9.45 11.78 3.57
CA ALA A 1 -8.70 12.95 4.09
C ALA A 1 -7.27 12.57 4.32
N SER A 2 -7.02 11.64 5.29
CA SER A 2 -5.72 11.09 5.64
C SER A 2 -5.64 9.64 5.18
N ASP A 3 -6.54 9.23 4.23
CA ASP A 3 -6.63 7.88 3.72
C ASP A 3 -6.90 7.94 2.23
N GLY A 4 -7.80 8.85 1.77
CA GLY A 4 -8.18 8.95 0.37
C GLY A 4 -8.01 10.35 -0.17
N LEU A 5 -6.82 10.63 -0.79
CA LEU A 5 -6.57 11.73 -1.70
C LEU A 5 -5.14 11.51 -2.17
N PRO A 6 -4.62 12.01 -3.32
CA PRO A 6 -3.22 11.83 -3.72
C PRO A 6 -2.33 12.92 -3.08
N ASN A 7 -1.38 12.50 -2.21
CA ASN A 7 -0.41 13.37 -1.59
C ASN A 7 0.78 12.46 -1.34
N LYS A 8 1.20 12.31 -0.05
CA LYS A 8 2.26 11.45 0.40
C LYS A 8 1.82 10.99 1.77
N LYS A 9 2.02 9.67 2.07
CA LYS A 9 1.66 9.02 3.33
C LYS A 9 2.93 8.76 4.11
N ARG A 10 3.38 9.81 4.83
CA ARG A 10 4.49 9.82 5.74
C ARG A 10 3.95 10.48 6.99
N LYS A 11 3.26 11.64 6.77
CA LYS A 11 2.49 12.46 7.70
C LYS A 11 1.09 11.91 7.87
N ARG A 12 0.44 11.58 6.72
CA ARG A 12 -0.89 11.03 6.54
C ARG A 12 -0.93 9.53 6.73
N ARG A 13 -0.95 9.06 8.00
CA ARG A 13 -1.05 7.69 8.41
C ARG A 13 -2.45 7.48 8.92
N VAL A 14 -2.76 6.19 9.08
CA VAL A 14 -4.05 5.60 9.34
C VAL A 14 -3.81 4.64 10.45
N LEU A 15 -4.87 4.39 11.26
CA LEU A 15 -4.79 3.60 12.48
C LEU A 15 -5.58 2.32 12.29
N PHE A 16 -4.88 1.34 11.67
CA PHE A 16 -5.27 0.02 11.26
C PHE A 16 -4.68 -1.00 12.22
N THR A 17 -5.35 -2.20 12.33
CA THR A 17 -4.98 -3.32 13.19
C THR A 17 -4.13 -4.33 12.43
N LYS A 18 -3.74 -5.46 13.10
CA LYS A 18 -2.74 -6.44 12.68
C LYS A 18 -3.16 -7.44 11.60
N ALA A 19 -4.41 -7.31 11.07
CA ALA A 19 -4.87 -7.90 9.82
C ALA A 19 -4.53 -7.02 8.62
N GLN A 20 -4.85 -5.70 8.73
CA GLN A 20 -4.82 -4.68 7.69
C GLN A 20 -3.41 -4.22 7.37
N THR A 21 -2.57 -3.98 8.43
CA THR A 21 -1.19 -3.50 8.37
C THR A 21 -0.22 -4.60 7.93
N TYR A 22 -0.58 -5.88 8.25
CA TYR A 22 0.10 -7.12 7.90
C TYR A 22 0.09 -7.40 6.40
N GLU A 23 -1.11 -7.31 5.78
CA GLU A 23 -1.35 -7.57 4.36
C GLU A 23 -0.83 -6.50 3.40
N LEU A 24 -0.91 -5.21 3.78
CA LEU A 24 -0.43 -4.06 3.00
C LEU A 24 1.08 -3.94 2.90
N GLU A 25 1.81 -4.19 4.04
CA GLU A 25 3.26 -4.23 4.12
C GLU A 25 3.91 -5.44 3.48
N ARG A 26 3.23 -6.64 3.48
CA ARG A 26 3.77 -7.88 2.93
C ARG A 26 3.75 -7.97 1.42
N ARG A 27 2.64 -7.49 0.77
CA ARG A 27 2.53 -7.31 -0.68
C ARG A 27 3.03 -5.98 -1.22
N PHE A 28 3.65 -5.10 -0.35
CA PHE A 28 4.63 -4.06 -0.72
C PHE A 28 6.07 -4.56 -0.88
N ARG A 29 6.56 -5.51 -0.03
CA ARG A 29 7.95 -6.00 0.00
C ARG A 29 8.26 -7.01 -1.10
N GLN A 30 7.30 -7.91 -1.43
CA GLN A 30 7.40 -9.02 -2.35
C GLN A 30 7.03 -8.63 -3.77
N GLN A 31 6.18 -7.57 -3.96
CA GLN A 31 5.66 -7.24 -5.27
C GLN A 31 5.24 -5.78 -5.25
N ARG A 32 5.29 -5.11 -6.44
CA ARG A 32 4.96 -3.71 -6.67
C ARG A 32 3.62 -3.53 -7.36
N TYR A 33 3.34 -4.46 -8.31
CA TYR A 33 2.64 -4.28 -9.58
C TYR A 33 1.13 -4.39 -9.52
N LEU A 34 0.62 -5.05 -8.44
CA LEU A 34 -0.74 -5.58 -8.11
C LEU A 34 -1.91 -4.75 -8.65
N SER A 35 -2.52 -5.31 -9.74
CA SER A 35 -3.48 -4.72 -10.65
C SER A 35 -4.88 -5.05 -10.19
N ALA A 36 -5.94 -4.41 -10.79
CA ALA A 36 -7.37 -4.46 -10.43
C ALA A 36 -8.06 -5.80 -10.16
N PRO A 37 -7.80 -6.97 -10.81
CA PRO A 37 -8.37 -8.26 -10.45
C PRO A 37 -7.90 -8.83 -9.09
N GLU A 38 -6.65 -8.51 -8.67
CA GLU A 38 -6.03 -8.91 -7.41
C GLU A 38 -5.96 -7.81 -6.34
N ARG A 39 -6.00 -6.48 -6.69
CA ARG A 39 -5.94 -5.33 -5.79
C ARG A 39 -7.32 -5.07 -5.15
N GLU A 40 -8.43 -5.26 -5.93
CA GLU A 40 -9.82 -5.07 -5.53
C GLU A 40 -10.39 -6.25 -4.78
N HIS A 41 -9.77 -7.46 -4.97
CA HIS A 41 -10.05 -8.72 -4.34
C HIS A 41 -9.41 -8.81 -2.96
N LEU A 42 -8.31 -8.03 -2.78
CA LEU A 42 -7.59 -7.73 -1.53
C LEU A 42 -8.39 -6.79 -0.63
N ALA A 43 -9.11 -5.80 -1.22
CA ALA A 43 -9.95 -4.80 -0.59
C ALA A 43 -11.30 -5.34 -0.14
N SER A 44 -11.80 -6.42 -0.82
CA SER A 44 -13.00 -7.15 -0.48
C SER A 44 -12.77 -8.24 0.55
N LEU A 45 -11.52 -8.80 0.57
CA LEU A 45 -11.04 -9.82 1.48
C LEU A 45 -10.69 -9.27 2.86
N ILE A 46 -10.15 -8.01 2.92
CA ILE A 46 -9.69 -7.37 4.14
C ILE A 46 -10.69 -6.37 4.66
N ARG A 47 -11.61 -5.85 3.78
CA ARG A 47 -12.76 -5.00 4.05
C ARG A 47 -12.41 -3.51 4.16
N LEU A 48 -11.98 -2.90 3.03
CA LEU A 48 -11.75 -1.47 2.91
C LEU A 48 -12.32 -1.00 1.60
N THR A 49 -12.07 0.31 1.26
CA THR A 49 -12.50 0.98 0.04
C THR A 49 -11.41 0.82 -1.05
N PRO A 50 -11.78 0.71 -2.35
CA PRO A 50 -10.88 0.73 -3.51
C PRO A 50 -10.00 1.96 -3.70
N THR A 51 -10.37 3.14 -3.10
CA THR A 51 -9.69 4.42 -3.26
C THR A 51 -8.60 4.58 -2.21
N GLN A 52 -8.74 3.97 -0.98
CA GLN A 52 -7.74 4.03 0.08
C GLN A 52 -6.63 3.03 -0.12
N VAL A 53 -6.92 1.83 -0.74
CA VAL A 53 -5.93 0.83 -1.15
C VAL A 53 -5.08 1.28 -2.35
N LYS A 54 -5.71 1.91 -3.41
CA LYS A 54 -5.08 2.52 -4.58
C LYS A 54 -4.04 3.59 -4.26
N ILE A 55 -4.42 4.56 -3.38
CA ILE A 55 -3.59 5.68 -3.00
C ILE A 55 -2.66 5.42 -1.81
N TRP A 56 -2.75 4.23 -1.11
CA TRP A 56 -1.78 3.73 -0.14
C TRP A 56 -0.55 3.19 -0.84
N PHE A 57 -0.76 2.44 -1.96
CA PHE A 57 0.26 1.79 -2.79
C PHE A 57 0.89 2.74 -3.80
N GLN A 58 0.27 3.92 -4.01
CA GLN A 58 0.75 5.04 -4.80
C GLN A 58 1.81 5.84 -4.05
N ASN A 59 1.55 6.09 -2.74
CA ASN A 59 2.26 7.01 -1.86
C ASN A 59 3.38 6.38 -1.06
N HIS A 60 3.41 5.03 -0.95
CA HIS A 60 4.48 4.23 -0.34
C HIS A 60 5.70 4.04 -1.26
N ARG A 61 5.49 4.01 -2.60
CA ARG A 61 6.50 4.02 -3.66
C ARG A 61 6.96 5.43 -4.10
N TYR A 62 7.28 6.38 -3.16
CA TYR A 62 7.53 7.79 -3.48
C TYR A 62 8.98 8.15 -3.22
N LYS A 63 9.13 8.96 -2.17
CA LYS A 63 10.31 9.55 -1.59
C LYS A 63 9.96 9.48 -0.12
N THR A 64 9.97 8.22 0.37
CA THR A 64 9.55 7.69 1.62
C THR A 64 10.87 7.40 2.31
N LYS A 65 11.17 8.30 3.27
CA LYS A 65 12.29 8.36 4.22
C LYS A 65 12.26 7.33 5.36
N ARG A 66 11.91 6.06 5.03
CA ARG A 66 11.81 4.92 5.91
C ARG A 66 12.94 3.99 5.55
N ALA A 67 13.45 3.21 6.56
CA ALA A 67 14.54 2.24 6.42
C ALA A 67 14.04 0.89 5.99
N GLN A 68 13.93 0.75 4.66
CA GLN A 68 13.66 -0.45 3.91
C GLN A 68 14.95 -0.89 3.28
N ASN A 69 15.57 -1.92 3.88
CA ASN A 69 16.79 -2.53 3.44
C ASN A 69 16.61 -3.99 3.72
N GLU A 70 15.74 -4.55 2.83
CA GLU A 70 15.80 -5.87 2.27
C GLU A 70 16.84 -5.83 1.15
N LYS A 71 17.68 -6.89 1.15
CA LYS A 71 19.03 -6.94 0.60
C LYS A 71 19.13 -6.95 -0.91
N GLY A 72 20.00 -6.00 -1.37
CA GLY A 72 20.39 -5.65 -2.71
C GLY A 72 19.39 -4.75 -3.41
N TYR A 73 19.11 -3.58 -2.80
CA TYR A 73 18.27 -2.53 -3.26
C TYR A 73 18.92 -1.33 -2.60
N GLU A 74 19.27 -0.38 -3.46
CA GLU A 74 19.92 0.90 -3.25
C GLU A 74 18.88 1.99 -3.27
N GLY A 75 17.99 1.96 -2.25
CA GLY A 75 16.87 2.86 -2.10
C GLY A 75 15.90 2.16 -1.20
N HIS A 76 14.58 2.46 -1.38
CA HIS A 76 13.47 1.89 -0.63
C HIS A 76 12.61 1.08 -1.60
N PRO A 77 12.63 -0.26 -1.62
CA PRO A 77 11.85 -1.06 -2.56
C PRO A 77 10.40 -1.10 -2.11
N ALA A 1 -12.77 9.12 3.97
CA ALA A 1 -11.29 9.25 3.99
C ALA A 1 -10.65 8.01 3.48
N SER A 2 -10.96 6.84 4.11
CA SER A 2 -10.44 5.52 3.78
C SER A 2 -11.63 4.62 3.44
N ASP A 3 -12.79 5.23 3.10
CA ASP A 3 -14.00 4.53 2.71
C ASP A 3 -14.71 5.47 1.79
N GLY A 4 -15.30 4.91 0.69
CA GLY A 4 -15.92 5.64 -0.39
C GLY A 4 -15.16 5.26 -1.64
N LEU A 5 -14.63 6.30 -2.35
CA LEU A 5 -13.68 6.14 -3.46
C LEU A 5 -12.44 7.01 -3.23
N PRO A 6 -11.50 6.72 -2.28
CA PRO A 6 -10.16 7.31 -2.25
C PRO A 6 -9.20 6.48 -3.12
N ASN A 7 -8.09 7.09 -3.61
CA ASN A 7 -7.07 6.43 -4.40
C ASN A 7 -5.74 6.80 -3.75
N LYS A 8 -4.99 7.74 -4.38
CA LYS A 8 -3.70 8.24 -3.94
C LYS A 8 -3.88 9.71 -3.74
N LYS A 9 -3.56 10.20 -2.52
CA LYS A 9 -3.80 11.55 -2.05
C LYS A 9 -2.53 12.38 -2.10
N ARG A 10 -2.73 13.73 -2.23
CA ARG A 10 -1.71 14.74 -2.40
C ARG A 10 -1.57 15.51 -1.09
N LYS A 11 -2.54 15.30 -0.15
CA LYS A 11 -2.68 15.96 1.13
C LYS A 11 -2.24 15.02 2.22
N ARG A 12 -2.43 15.45 3.51
CA ARG A 12 -2.00 14.86 4.76
C ARG A 12 -2.90 13.73 5.27
N ARG A 13 -3.76 13.16 4.37
CA ARG A 13 -4.82 12.18 4.51
C ARG A 13 -4.66 10.95 5.38
N VAL A 14 -4.62 9.80 4.67
CA VAL A 14 -4.62 8.43 5.14
C VAL A 14 -3.22 7.95 5.43
N LEU A 15 -3.07 7.26 6.58
CA LEU A 15 -1.83 6.65 7.03
C LEU A 15 -2.31 5.51 7.89
N PHE A 16 -1.89 4.27 7.53
CA PHE A 16 -2.40 3.01 7.98
C PHE A 16 -1.73 2.49 9.25
N THR A 17 -2.53 1.73 10.06
CA THR A 17 -2.16 1.13 11.35
C THR A 17 -2.07 -0.37 11.18
N LYS A 18 -1.86 -1.14 12.29
CA LYS A 18 -1.42 -2.54 12.31
C LYS A 18 -2.52 -3.58 12.13
N ALA A 19 -3.72 -3.16 11.64
CA ALA A 19 -4.68 -3.99 10.91
C ALA A 19 -4.37 -4.02 9.41
N GLN A 20 -4.19 -2.81 8.80
CA GLN A 20 -4.13 -2.51 7.38
C GLN A 20 -2.76 -2.84 6.79
N THR A 21 -1.67 -2.36 7.45
CA THR A 21 -0.24 -2.56 7.13
C THR A 21 0.17 -4.03 7.26
N TYR A 22 -0.42 -4.72 8.29
CA TYR A 22 -0.27 -6.13 8.64
C TYR A 22 -0.71 -7.07 7.51
N GLU A 23 -1.99 -6.97 7.08
CA GLU A 23 -2.63 -7.83 6.07
C GLU A 23 -2.11 -7.69 4.64
N LEU A 24 -1.70 -6.44 4.25
CA LEU A 24 -1.07 -6.08 2.98
C LEU A 24 0.34 -6.62 2.75
N GLU A 25 1.18 -6.66 3.82
CA GLU A 25 2.53 -7.19 3.84
C GLU A 25 2.61 -8.70 3.87
N ARG A 26 1.56 -9.40 4.42
CA ARG A 26 1.47 -10.87 4.43
C ARG A 26 1.17 -11.42 3.05
N ARG A 27 0.20 -10.75 2.33
CA ARG A 27 -0.15 -11.13 0.95
C ARG A 27 0.96 -10.75 -0.06
N PHE A 28 1.84 -9.76 0.28
CA PHE A 28 3.07 -9.34 -0.41
C PHE A 28 4.20 -10.36 -0.34
N ARG A 29 4.28 -11.18 0.76
CA ARG A 29 5.29 -12.23 0.96
C ARG A 29 5.00 -13.51 0.19
N GLN A 30 3.72 -13.77 -0.21
CA GLN A 30 3.26 -14.86 -1.00
C GLN A 30 3.22 -14.52 -2.49
N GLN A 31 2.98 -13.24 -2.90
CA GLN A 31 2.84 -12.89 -4.30
C GLN A 31 2.77 -11.40 -4.45
N ARG A 32 2.61 -11.00 -5.74
CA ARG A 32 2.69 -9.68 -6.29
C ARG A 32 1.31 -9.20 -6.63
N TYR A 33 0.60 -10.03 -7.43
CA TYR A 33 -0.71 -9.81 -8.00
C TYR A 33 -1.58 -10.92 -7.53
N LEU A 34 -2.85 -10.52 -7.23
CA LEU A 34 -3.88 -11.25 -6.55
C LEU A 34 -5.11 -10.87 -7.30
N SER A 35 -5.84 -11.90 -7.82
CA SER A 35 -7.01 -11.80 -8.71
C SER A 35 -8.28 -11.55 -7.94
N ALA A 36 -9.34 -11.03 -8.63
CA ALA A 36 -10.60 -10.47 -8.15
C ALA A 36 -11.45 -11.21 -7.11
N PRO A 37 -11.60 -12.56 -7.04
CA PRO A 37 -12.34 -13.25 -5.97
C PRO A 37 -11.70 -13.18 -4.57
N GLU A 38 -10.34 -13.05 -4.51
CA GLU A 38 -9.54 -12.92 -3.30
C GLU A 38 -9.00 -11.50 -3.05
N ARG A 39 -8.88 -10.60 -4.07
CA ARG A 39 -8.44 -9.21 -3.97
C ARG A 39 -9.50 -8.27 -3.41
N GLU A 40 -10.77 -8.47 -3.86
CA GLU A 40 -11.95 -7.68 -3.51
C GLU A 40 -12.55 -8.12 -2.18
N HIS A 41 -12.24 -9.37 -1.74
CA HIS A 41 -12.61 -10.02 -0.49
C HIS A 41 -11.72 -9.59 0.66
N LEU A 42 -10.44 -9.22 0.32
CA LEU A 42 -9.41 -8.59 1.16
C LEU A 42 -9.83 -7.21 1.62
N ALA A 43 -10.20 -6.41 0.60
CA ALA A 43 -10.72 -5.04 0.62
C ALA A 43 -12.08 -4.85 1.28
N SER A 44 -12.96 -5.89 1.27
CA SER A 44 -14.25 -5.91 1.94
C SER A 44 -14.15 -6.32 3.39
N LEU A 45 -13.10 -7.11 3.74
CA LEU A 45 -12.73 -7.54 5.08
C LEU A 45 -12.01 -6.45 5.88
N ILE A 46 -11.17 -5.62 5.20
CA ILE A 46 -10.32 -4.61 5.82
C ILE A 46 -10.83 -3.19 5.59
N ARG A 47 -11.97 -3.03 4.84
CA ARG A 47 -12.86 -1.88 4.75
C ARG A 47 -12.41 -0.75 3.85
N LEU A 48 -11.86 -1.09 2.65
CA LEU A 48 -11.31 -0.10 1.73
C LEU A 48 -11.97 -0.23 0.37
N THR A 49 -11.42 0.53 -0.61
CA THR A 49 -11.84 0.61 -2.00
C THR A 49 -10.97 -0.36 -2.83
N PRO A 50 -11.51 -0.97 -3.91
CA PRO A 50 -10.80 -1.77 -4.92
C PRO A 50 -9.67 -1.07 -5.69
N THR A 51 -9.68 0.28 -5.78
CA THR A 51 -8.74 1.08 -6.55
C THR A 51 -7.53 1.46 -5.70
N GLN A 52 -7.66 1.63 -4.34
CA GLN A 52 -6.56 1.96 -3.45
C GLN A 52 -5.71 0.73 -3.11
N VAL A 53 -6.37 -0.49 -3.02
CA VAL A 53 -5.71 -1.79 -2.86
C VAL A 53 -4.92 -2.22 -4.10
N LYS A 54 -5.49 -2.08 -5.34
CA LYS A 54 -4.86 -2.39 -6.63
C LYS A 54 -3.60 -1.60 -6.94
N ILE A 55 -3.62 -0.26 -6.67
CA ILE A 55 -2.49 0.65 -6.85
C ILE A 55 -1.53 0.71 -5.66
N TRP A 56 -1.82 0.04 -4.50
CA TRP A 56 -0.87 -0.26 -3.42
C TRP A 56 0.11 -1.35 -3.86
N PHE A 57 -0.41 -2.41 -4.55
CA PHE A 57 0.34 -3.56 -5.05
C PHE A 57 1.06 -3.31 -6.38
N GLN A 58 0.66 -2.23 -7.11
CA GLN A 58 1.26 -1.73 -8.33
C GLN A 58 2.54 -0.95 -8.06
N ASN A 59 2.54 -0.19 -6.93
CA ASN A 59 3.61 0.70 -6.49
C ASN A 59 4.62 0.03 -5.58
N HIS A 60 4.26 -1.11 -4.91
CA HIS A 60 5.09 -1.83 -3.94
C HIS A 60 6.07 -2.81 -4.54
N ARG A 61 5.89 -3.25 -5.82
CA ARG A 61 6.94 -3.67 -6.73
C ARG A 61 7.38 -2.44 -7.48
N TYR A 62 8.13 -1.51 -6.82
CA TYR A 62 9.20 -1.73 -5.89
C TYR A 62 9.53 -0.54 -5.02
N LYS A 63 8.49 0.00 -4.32
CA LYS A 63 8.63 0.81 -3.11
C LYS A 63 8.22 -0.15 -2.01
N THR A 64 9.11 -1.20 -1.93
CA THR A 64 9.09 -2.56 -1.38
C THR A 64 8.75 -2.77 0.08
N LYS A 65 8.71 -1.66 0.90
CA LYS A 65 8.62 -1.60 2.34
C LYS A 65 7.19 -1.65 2.82
N ARG A 66 6.64 -0.51 3.30
CA ARG A 66 5.29 -0.37 3.82
C ARG A 66 4.90 1.07 3.65
N ALA A 67 5.91 1.98 3.82
CA ALA A 67 5.85 3.42 3.70
C ALA A 67 6.40 3.78 2.36
N GLN A 68 5.58 4.53 1.56
CA GLN A 68 5.86 4.86 0.18
C GLN A 68 6.27 6.31 0.08
N ASN A 69 7.60 6.45 0.22
CA ASN A 69 8.41 7.65 0.26
C ASN A 69 9.27 7.78 -0.95
N GLU A 70 8.54 7.68 -2.10
CA GLU A 70 8.60 8.54 -3.29
C GLU A 70 8.49 10.02 -3.04
N LYS A 71 9.41 10.84 -3.61
CA LYS A 71 10.67 10.59 -4.30
C LYS A 71 11.82 10.53 -3.31
N GLY A 72 12.82 9.66 -3.61
CA GLY A 72 14.04 9.43 -2.85
C GLY A 72 13.88 8.39 -1.78
N TYR A 73 13.45 7.14 -2.14
CA TYR A 73 13.11 6.05 -1.22
C TYR A 73 14.27 5.34 -0.58
N GLU A 74 15.16 4.84 -1.46
CA GLU A 74 16.50 4.31 -1.22
C GLU A 74 17.55 5.40 -1.33
N GLY A 75 17.37 6.46 -0.49
CA GLY A 75 18.24 7.61 -0.41
C GLY A 75 17.74 8.41 0.74
N HIS A 76 17.55 9.74 0.53
CA HIS A 76 17.04 10.69 1.51
C HIS A 76 15.74 11.25 0.94
N PRO A 77 14.54 10.99 1.48
CA PRO A 77 13.29 11.56 0.99
C PRO A 77 13.19 13.01 1.45
N ALA A 1 -15.39 8.94 2.99
CA ALA A 1 -16.19 8.62 4.21
C ALA A 1 -16.01 7.18 4.60
N SER A 2 -16.18 6.24 3.62
CA SER A 2 -16.00 4.80 3.79
C SER A 2 -14.85 4.35 2.93
N ASP A 3 -14.63 5.04 1.78
CA ASP A 3 -13.55 4.77 0.86
C ASP A 3 -13.19 6.07 0.19
N GLY A 4 -12.63 7.03 0.98
CA GLY A 4 -12.20 8.31 0.45
C GLY A 4 -11.26 8.93 1.43
N LEU A 5 -11.24 10.30 1.43
CA LEU A 5 -10.41 11.14 2.28
C LEU A 5 -11.35 12.13 2.96
N PRO A 6 -12.02 11.90 4.13
CA PRO A 6 -13.11 12.77 4.59
C PRO A 6 -12.59 13.86 5.53
N ASN A 7 -11.66 14.73 5.06
CA ASN A 7 -11.17 15.91 5.74
C ASN A 7 -10.98 16.89 4.61
N LYS A 8 -9.80 16.80 3.93
CA LYS A 8 -9.44 17.57 2.75
C LYS A 8 -9.05 16.54 1.72
N LYS A 9 -9.12 16.94 0.41
CA LYS A 9 -8.85 16.10 -0.75
C LYS A 9 -7.53 16.51 -1.36
N ARG A 10 -6.42 15.87 -0.87
CA ARG A 10 -5.04 15.95 -1.34
C ARG A 10 -4.34 17.26 -1.00
N LYS A 11 -4.54 17.76 0.25
CA LYS A 11 -3.97 19.00 0.74
C LYS A 11 -3.27 18.67 2.04
N ARG A 12 -4.04 18.14 3.04
CA ARG A 12 -3.64 17.73 4.38
C ARG A 12 -2.71 16.54 4.45
N ARG A 13 -1.90 16.47 5.55
CA ARG A 13 -0.92 15.45 5.85
C ARG A 13 -1.54 14.25 6.50
N VAL A 14 -0.97 13.10 6.08
CA VAL A 14 -1.47 11.76 6.24
C VAL A 14 -0.29 10.97 6.74
N LEU A 15 -0.58 10.19 7.81
CA LEU A 15 0.38 9.39 8.51
C LEU A 15 -0.33 8.09 8.81
N PHE A 16 0.15 6.99 8.17
CA PHE A 16 -0.30 5.62 8.26
C PHE A 16 0.29 4.95 9.49
N THR A 17 -0.55 4.18 10.24
CA THR A 17 -0.22 3.50 11.49
C THR A 17 0.03 2.03 11.19
N LYS A 18 0.14 1.16 12.23
CA LYS A 18 0.55 -0.24 12.19
C LYS A 18 -0.49 -1.24 11.70
N ALA A 19 -1.73 -0.76 11.39
CA ALA A 19 -2.77 -1.47 10.65
C ALA A 19 -2.60 -1.34 9.15
N GLN A 20 -2.28 -0.09 8.67
CA GLN A 20 -2.16 0.37 7.31
C GLN A 20 -0.91 -0.14 6.61
N THR A 21 0.28 -0.01 7.30
CA THR A 21 1.62 -0.39 6.85
C THR A 21 1.81 -1.91 6.81
N TYR A 22 1.09 -2.61 7.74
CA TYR A 22 0.95 -4.06 7.88
C TYR A 22 0.32 -4.71 6.65
N GLU A 23 -0.93 -4.28 6.29
CA GLU A 23 -1.76 -4.85 5.22
C GLU A 23 -1.24 -4.62 3.82
N LEU A 24 -0.60 -3.45 3.56
CA LEU A 24 0.01 -3.07 2.28
C LEU A 24 1.27 -3.84 1.94
N GLU A 25 2.18 -4.04 2.93
CA GLU A 25 3.38 -4.86 2.82
C GLU A 25 3.16 -6.36 2.75
N ARG A 26 2.09 -6.90 3.42
CA ARG A 26 1.82 -8.32 3.55
C ARG A 26 1.17 -8.94 2.32
N ARG A 27 0.26 -8.19 1.64
CA ARG A 27 -0.22 -8.47 0.28
C ARG A 27 0.60 -7.92 -0.88
N PHE A 28 1.80 -7.30 -0.64
CA PHE A 28 2.90 -7.22 -1.61
C PHE A 28 3.81 -8.46 -1.63
N ARG A 29 4.17 -9.05 -0.46
CA ARG A 29 5.12 -10.15 -0.28
C ARG A 29 4.56 -11.51 -0.70
N GLN A 30 3.23 -11.74 -0.51
CA GLN A 30 2.51 -12.95 -0.76
C GLN A 30 1.93 -13.00 -2.17
N GLN A 31 1.66 -11.82 -2.81
CA GLN A 31 0.91 -11.78 -4.05
C GLN A 31 1.15 -10.44 -4.71
N ARG A 32 1.10 -10.41 -6.07
CA ARG A 32 1.32 -9.25 -6.94
C ARG A 32 0.03 -8.70 -7.53
N TYR A 33 -0.88 -9.65 -7.90
CA TYR A 33 -1.89 -9.59 -8.96
C TYR A 33 -3.21 -8.89 -8.66
N LEU A 34 -3.50 -8.66 -7.34
CA LEU A 34 -4.68 -8.05 -6.65
C LEU A 34 -5.35 -6.90 -7.41
N SER A 35 -6.52 -7.23 -8.02
CA SER A 35 -7.26 -6.45 -9.00
C SER A 35 -8.53 -5.95 -8.34
N ALA A 36 -9.29 -5.03 -9.01
CA ALA A 36 -10.43 -4.24 -8.53
C ALA A 36 -11.47 -4.80 -7.55
N PRO A 37 -12.00 -6.05 -7.60
CA PRO A 37 -12.92 -6.60 -6.60
C PRO A 37 -12.31 -6.83 -5.20
N GLU A 38 -10.98 -7.12 -5.14
CA GLU A 38 -10.19 -7.34 -3.93
C GLU A 38 -9.26 -6.18 -3.54
N ARG A 39 -8.78 -5.31 -4.48
CA ARG A 39 -7.90 -4.16 -4.28
C ARG A 39 -8.64 -2.96 -3.70
N GLU A 40 -9.89 -2.71 -4.18
CA GLU A 40 -10.74 -1.59 -3.76
C GLU A 40 -11.53 -1.90 -2.50
N HIS A 41 -11.70 -3.22 -2.18
CA HIS A 41 -12.29 -3.80 -0.98
C HIS A 41 -11.35 -3.76 0.21
N LEU A 42 -10.01 -3.72 -0.08
CA LEU A 42 -8.88 -3.46 0.81
C LEU A 42 -8.92 -2.07 1.38
N ALA A 43 -9.07 -1.10 0.44
CA ALA A 43 -9.25 0.34 0.65
C ALA A 43 -10.49 0.75 1.41
N SER A 44 -11.61 -0.03 1.31
CA SER A 44 -12.84 0.16 2.07
C SER A 44 -12.81 -0.43 3.46
N LEU A 45 -11.99 -1.51 3.65
CA LEU A 45 -11.77 -2.24 4.88
C LEU A 45 -10.80 -1.53 5.81
N ILE A 46 -9.75 -0.87 5.23
CA ILE A 46 -8.68 -0.21 5.95
C ILE A 46 -8.90 1.29 6.05
N ARG A 47 -9.87 1.86 5.27
CA ARG A 47 -10.47 3.18 5.38
C ARG A 47 -9.68 4.27 4.68
N LEU A 48 -9.19 4.00 3.44
CA LEU A 48 -8.44 4.92 2.61
C LEU A 48 -9.12 5.03 1.27
N THR A 49 -8.47 5.74 0.32
CA THR A 49 -8.93 6.02 -1.04
C THR A 49 -8.46 4.90 -1.99
N PRO A 50 -9.29 4.50 -3.00
CA PRO A 50 -8.92 3.59 -4.10
C PRO A 50 -7.78 4.04 -5.01
N THR A 51 -7.47 5.36 -5.05
CA THR A 51 -6.46 6.01 -5.86
C THR A 51 -5.10 5.98 -5.17
N GLN A 52 -5.03 5.94 -3.79
CA GLN A 52 -3.79 5.90 -3.03
C GLN A 52 -3.24 4.49 -2.88
N VAL A 53 -4.15 3.45 -2.78
CA VAL A 53 -3.82 2.02 -2.88
C VAL A 53 -3.33 1.62 -4.27
N LYS A 54 -3.96 2.18 -5.36
CA LYS A 54 -3.54 2.08 -6.78
C LYS A 54 -2.10 2.49 -7.09
N ILE A 55 -1.69 3.71 -6.64
CA ILE A 55 -0.35 4.26 -6.86
C ILE A 55 0.70 3.84 -5.84
N TRP A 56 0.33 3.15 -4.72
CA TRP A 56 1.25 2.51 -3.75
C TRP A 56 1.79 1.21 -4.32
N PHE A 57 0.90 0.39 -4.97
CA PHE A 57 1.20 -0.88 -5.61
C PHE A 57 1.80 -0.74 -6.99
N GLN A 58 1.70 0.48 -7.60
CA GLN A 58 2.32 0.91 -8.85
C GLN A 58 3.80 1.24 -8.68
N ASN A 59 4.15 1.90 -7.54
CA ASN A 59 5.49 2.40 -7.20
C ASN A 59 6.33 1.35 -6.48
N HIS A 60 5.70 0.25 -5.97
CA HIS A 60 6.36 -0.93 -5.41
C HIS A 60 6.82 -1.96 -6.44
N ARG A 61 6.13 -2.06 -7.63
CA ARG A 61 6.47 -2.93 -8.77
C ARG A 61 7.47 -2.32 -9.76
N TYR A 62 8.51 -1.54 -9.32
CA TYR A 62 9.14 -0.52 -10.11
C TYR A 62 10.61 -0.81 -10.11
N LYS A 63 11.39 0.10 -9.51
CA LYS A 63 12.84 0.09 -9.37
C LYS A 63 13.16 0.48 -7.93
N THR A 64 12.65 -0.33 -6.95
CA THR A 64 12.38 0.02 -5.56
C THR A 64 13.53 -0.20 -4.58
N LYS A 65 14.61 -0.93 -4.98
CA LYS A 65 15.82 -1.24 -4.23
C LYS A 65 16.88 -0.18 -4.43
N ARG A 66 16.54 1.06 -3.99
CA ARG A 66 17.36 2.25 -4.00
C ARG A 66 17.19 2.88 -2.64
N ALA A 67 15.91 2.98 -2.17
CA ALA A 67 15.52 3.22 -0.79
C ALA A 67 15.12 1.90 -0.18
N GLN A 68 16.08 1.28 0.56
CA GLN A 68 15.95 -0.05 1.16
C GLN A 68 15.72 0.09 2.64
N ASN A 69 14.43 0.13 2.98
CA ASN A 69 13.88 0.27 4.29
C ASN A 69 12.45 -0.15 4.12
N GLU A 70 12.24 -1.49 4.04
CA GLU A 70 10.98 -2.19 3.68
C GLU A 70 9.67 -1.79 4.37
N LYS A 71 9.42 -2.08 5.69
CA LYS A 71 8.24 -1.59 6.41
C LYS A 71 8.69 -0.57 7.42
N GLY A 72 8.10 0.65 7.39
CA GLY A 72 8.41 1.74 8.29
C GLY A 72 8.48 3.03 7.52
N TYR A 73 9.20 3.00 6.34
CA TYR A 73 9.41 4.07 5.36
C TYR A 73 8.15 4.50 4.59
N GLU A 74 7.14 3.60 4.57
CA GLU A 74 5.85 3.66 3.94
C GLU A 74 4.82 3.51 5.04
N GLY A 75 5.02 4.27 6.14
CA GLY A 75 4.24 4.23 7.36
C GLY A 75 4.19 5.65 7.84
N HIS A 76 5.08 6.01 8.80
CA HIS A 76 5.29 7.35 9.32
C HIS A 76 6.58 7.89 8.71
N PRO A 77 6.63 9.08 8.08
CA PRO A 77 5.51 9.94 7.73
C PRO A 77 4.72 9.35 6.56
N ALA A 1 -6.32 14.28 -2.91
CA ALA A 1 -7.44 13.31 -3.11
C ALA A 1 -8.15 13.04 -1.79
N SER A 2 -7.37 12.72 -0.72
CA SER A 2 -7.84 12.40 0.63
C SER A 2 -7.62 13.61 1.52
N ASP A 3 -6.62 14.45 1.17
CA ASP A 3 -6.25 15.67 1.85
C ASP A 3 -5.39 16.42 0.86
N GLY A 4 -6.01 16.79 -0.28
CA GLY A 4 -5.39 17.48 -1.38
C GLY A 4 -6.47 18.30 -2.01
N LEU A 5 -6.09 19.25 -2.90
CA LEU A 5 -7.01 20.23 -3.46
C LEU A 5 -6.42 20.65 -4.80
N PRO A 6 -7.12 21.35 -5.75
CA PRO A 6 -6.55 21.71 -7.05
C PRO A 6 -5.65 22.94 -6.97
N ASN A 7 -4.50 22.89 -7.70
CA ASN A 7 -3.51 23.95 -7.79
C ASN A 7 -3.17 24.04 -9.26
N LYS A 8 -1.98 24.63 -9.57
CA LYS A 8 -1.42 24.79 -10.91
C LYS A 8 -0.28 23.80 -11.11
N LYS A 9 0.05 23.02 -10.04
CA LYS A 9 1.05 21.97 -10.02
C LYS A 9 0.29 20.68 -9.80
N ARG A 10 0.51 20.01 -8.64
CA ARG A 10 -0.16 18.77 -8.30
C ARG A 10 -0.06 18.62 -6.80
N LYS A 11 -1.22 18.33 -6.16
CA LYS A 11 -1.36 17.97 -4.77
C LYS A 11 -2.35 16.81 -4.73
N ARG A 12 -3.02 16.58 -5.90
CA ARG A 12 -4.02 15.62 -6.34
C ARG A 12 -3.90 14.16 -5.91
N ARG A 13 -2.63 13.67 -5.83
CA ARG A 13 -2.19 12.31 -5.56
C ARG A 13 -2.08 12.08 -4.07
N VAL A 14 -1.86 10.79 -3.65
CA VAL A 14 -2.17 10.17 -2.34
C VAL A 14 -1.36 10.69 -1.17
N LEU A 15 -1.61 10.16 0.04
CA LEU A 15 -1.22 10.73 1.31
C LEU A 15 -1.74 9.78 2.34
N PHE A 16 -0.96 8.73 2.68
CA PHE A 16 -1.27 7.69 3.62
C PHE A 16 -0.49 7.89 4.90
N THR A 17 -1.08 7.44 6.04
CA THR A 17 -0.55 7.49 7.40
C THR A 17 -0.03 6.12 7.78
N LYS A 18 0.44 5.94 9.06
CA LYS A 18 1.22 4.81 9.56
C LYS A 18 0.47 3.52 9.84
N ALA A 19 -0.87 3.49 9.60
CA ALA A 19 -1.70 2.30 9.48
C ALA A 19 -1.66 1.72 8.07
N GLN A 20 -1.83 2.61 7.04
CA GLN A 20 -2.02 2.31 5.63
C GLN A 20 -0.71 1.96 4.94
N THR A 21 0.40 2.72 5.22
CA THR A 21 1.76 2.53 4.72
C THR A 21 2.44 1.29 5.31
N TYR A 22 2.11 0.95 6.59
CA TYR A 22 2.56 -0.21 7.36
C TYR A 22 2.09 -1.54 6.77
N GLU A 23 0.76 -1.65 6.47
CA GLU A 23 0.12 -2.86 5.96
C GLU A 23 0.41 -3.19 4.50
N LEU A 24 0.55 -2.15 3.61
CA LEU A 24 0.88 -2.27 2.18
C LEU A 24 2.30 -2.72 1.90
N GLU A 25 3.30 -2.15 2.63
CA GLU A 25 4.71 -2.54 2.61
C GLU A 25 5.02 -3.91 3.20
N ARG A 26 4.25 -4.36 4.24
CA ARG A 26 4.45 -5.62 4.95
C ARG A 26 3.90 -6.84 4.26
N ARG A 27 2.86 -6.65 3.39
CA ARG A 27 2.43 -7.66 2.42
C ARG A 27 3.38 -7.77 1.22
N PHE A 28 4.09 -6.66 0.83
CA PHE A 28 5.04 -6.58 -0.30
C PHE A 28 6.30 -7.42 -0.11
N ARG A 29 6.86 -7.45 1.13
CA ARG A 29 8.03 -8.24 1.55
C ARG A 29 7.79 -9.74 1.67
N GLN A 30 6.49 -10.16 1.73
CA GLN A 30 6.05 -11.55 1.75
C GLN A 30 5.61 -12.06 0.38
N GLN A 31 5.03 -11.21 -0.52
CA GLN A 31 4.40 -11.64 -1.75
C GLN A 31 4.20 -10.38 -2.57
N ARG A 32 4.22 -10.51 -3.92
CA ARG A 32 4.16 -9.39 -4.87
C ARG A 32 2.75 -9.25 -5.41
N TYR A 33 2.07 -10.42 -5.55
CA TYR A 33 0.71 -10.57 -6.00
C TYR A 33 -0.03 -11.31 -4.90
N LEU A 34 -1.28 -10.84 -4.69
CA LEU A 34 -2.21 -11.19 -3.64
C LEU A 34 -3.53 -11.13 -4.33
N SER A 35 -4.27 -12.28 -4.33
CA SER A 35 -5.49 -12.56 -5.07
C SER A 35 -6.70 -12.16 -4.27
N ALA A 36 -7.90 -12.07 -4.93
CA ALA A 36 -9.18 -11.52 -4.46
C ALA A 36 -9.74 -11.92 -3.08
N PRO A 37 -9.63 -13.15 -2.51
CA PRO A 37 -10.08 -13.48 -1.16
C PRO A 37 -9.29 -12.82 -0.03
N GLU A 38 -7.97 -12.56 -0.24
CA GLU A 38 -7.07 -11.89 0.69
C GLU A 38 -6.75 -10.43 0.33
N ARG A 39 -6.96 -9.97 -0.95
CA ARG A 39 -6.69 -8.60 -1.43
C ARG A 39 -7.82 -7.65 -1.06
N GLU A 40 -9.09 -8.13 -1.21
CA GLU A 40 -10.33 -7.39 -0.96
C GLU A 40 -10.68 -7.37 0.52
N HIS A 41 -10.09 -8.32 1.31
CA HIS A 41 -10.18 -8.47 2.75
C HIS A 41 -9.22 -7.54 3.46
N LEU A 42 -8.09 -7.18 2.78
CA LEU A 42 -7.07 -6.20 3.17
C LEU A 42 -7.55 -4.77 2.97
N ALA A 43 -8.44 -4.56 1.96
CA ALA A 43 -9.10 -3.31 1.59
C ALA A 43 -10.31 -3.01 2.46
N SER A 44 -10.97 -4.06 3.02
CA SER A 44 -12.08 -3.97 3.97
C SER A 44 -11.61 -3.81 5.40
N LEU A 45 -10.40 -4.34 5.71
CA LEU A 45 -9.70 -4.28 6.99
C LEU A 45 -9.09 -2.91 7.25
N ILE A 46 -8.54 -2.25 6.20
CA ILE A 46 -7.83 -0.99 6.31
C ILE A 46 -8.67 0.19 5.83
N ARG A 47 -9.76 -0.07 5.03
CA ARG A 47 -10.86 0.80 4.65
C ARG A 47 -10.60 1.62 3.39
N LEU A 48 -10.41 0.96 2.22
CA LEU A 48 -10.19 1.60 0.93
C LEU A 48 -11.04 0.94 -0.13
N THR A 49 -10.77 1.33 -1.42
CA THR A 49 -11.38 0.83 -2.64
C THR A 49 -10.47 -0.26 -3.24
N PRO A 50 -11.04 -1.31 -3.91
CA PRO A 50 -10.33 -2.33 -4.69
C PRO A 50 -9.47 -1.85 -5.87
N THR A 51 -9.71 -0.61 -6.39
CA THR A 51 -9.05 -0.02 -7.55
C THR A 51 -7.78 0.72 -7.14
N GLN A 52 -7.71 1.33 -5.92
CA GLN A 52 -6.54 2.05 -5.43
C GLN A 52 -5.50 1.11 -4.83
N VAL A 53 -5.96 -0.05 -4.21
CA VAL A 53 -5.10 -1.16 -3.77
C VAL A 53 -4.47 -1.92 -4.94
N LYS A 54 -5.25 -2.19 -6.03
CA LYS A 54 -4.82 -2.78 -7.30
C LYS A 54 -3.69 -2.05 -8.03
N ILE A 55 -3.78 -0.70 -8.16
CA ILE A 55 -2.77 0.13 -8.83
C ILE A 55 -1.62 0.60 -7.95
N TRP A 56 -1.68 0.38 -6.58
CA TRP A 56 -0.54 0.52 -5.66
C TRP A 56 0.45 -0.63 -5.84
N PHE A 57 -0.07 -1.88 -6.01
CA PHE A 57 0.70 -3.12 -6.18
C PHE A 57 1.16 -3.36 -7.60
N GLN A 58 0.57 -2.62 -8.57
CA GLN A 58 0.92 -2.58 -9.99
C GLN A 58 2.16 -1.73 -10.26
N ASN A 59 2.30 -0.60 -9.52
CA ASN A 59 3.38 0.38 -9.63
C ASN A 59 4.57 0.07 -8.73
N HIS A 60 4.39 -0.78 -7.67
CA HIS A 60 5.42 -1.25 -6.75
C HIS A 60 6.28 -2.42 -7.25
N ARG A 61 5.76 -3.28 -8.19
CA ARG A 61 6.45 -4.41 -8.82
C ARG A 61 7.28 -4.05 -10.07
N TYR A 62 7.98 -2.88 -10.11
CA TYR A 62 8.35 -2.18 -11.32
C TYR A 62 9.82 -1.86 -11.25
N LYS A 63 10.11 -0.56 -11.15
CA LYS A 63 11.38 0.10 -11.09
C LYS A 63 11.11 1.21 -10.11
N THR A 64 11.08 0.77 -8.83
CA THR A 64 10.68 1.37 -7.61
C THR A 64 11.98 1.80 -6.95
N LYS A 65 12.15 3.12 -7.08
CA LYS A 65 13.11 4.03 -6.46
C LYS A 65 12.73 4.49 -5.05
N ARG A 66 11.93 3.65 -4.31
CA ARG A 66 11.39 3.92 -2.99
C ARG A 66 12.01 2.92 -2.03
N ALA A 67 12.02 3.26 -0.72
CA ALA A 67 12.51 2.47 0.40
C ALA A 67 11.40 1.62 0.95
N GLN A 68 11.52 0.29 0.68
CA GLN A 68 10.62 -0.77 1.05
C GLN A 68 11.21 -1.43 2.26
N ASN A 69 10.73 -0.92 3.41
CA ASN A 69 11.32 -1.02 4.72
C ASN A 69 10.14 -0.96 5.65
N GLU A 70 9.35 -2.06 5.66
CA GLU A 70 8.00 -2.20 6.25
C GLU A 70 7.68 -1.72 7.67
N LYS A 71 8.47 -2.04 8.75
CA LYS A 71 8.38 -1.37 10.04
C LYS A 71 9.62 -0.51 10.21
N GLY A 72 9.40 0.81 10.49
CA GLY A 72 10.45 1.77 10.83
C GLY A 72 10.39 3.00 9.96
N TYR A 73 10.02 2.83 8.67
CA TYR A 73 9.93 3.85 7.61
C TYR A 73 8.85 4.91 7.78
N GLU A 74 7.77 4.54 8.50
CA GLU A 74 6.57 5.29 8.78
C GLU A 74 6.41 5.51 10.26
N GLY A 75 7.53 5.71 10.99
CA GLY A 75 7.56 6.00 12.41
C GLY A 75 8.33 4.92 13.12
N HIS A 76 7.60 3.98 13.79
CA HIS A 76 8.14 2.85 14.51
C HIS A 76 7.34 1.62 14.11
N PRO A 77 6.02 1.43 14.35
CA PRO A 77 5.22 0.41 13.68
C PRO A 77 4.90 0.89 12.27
N ALA A 1 -6.25 21.33 10.99
CA ALA A 1 -7.40 21.10 10.09
C ALA A 1 -6.92 20.73 8.71
N SER A 2 -5.98 21.53 8.14
CA SER A 2 -5.36 21.31 6.85
C SER A 2 -3.89 21.67 7.01
N ASP A 3 -3.39 21.64 8.28
CA ASP A 3 -2.03 21.97 8.64
C ASP A 3 -1.80 21.23 9.95
N GLY A 4 -1.38 19.95 9.84
CA GLY A 4 -1.20 19.02 10.94
C GLY A 4 -2.18 17.90 10.74
N LEU A 5 -3.37 18.00 11.40
CA LEU A 5 -4.48 17.09 11.23
C LEU A 5 -5.65 17.75 11.96
N PRO A 6 -6.96 17.45 11.72
CA PRO A 6 -8.04 17.75 12.66
C PRO A 6 -8.14 16.63 13.69
N ASN A 7 -7.80 16.92 14.98
CA ASN A 7 -7.73 15.98 16.09
C ASN A 7 -9.07 15.93 16.81
N LYS A 8 -10.01 15.14 16.23
CA LYS A 8 -11.41 15.04 16.62
C LYS A 8 -11.68 13.58 16.91
N LYS A 9 -12.63 12.96 16.16
CA LYS A 9 -13.03 11.57 16.25
C LYS A 9 -12.62 10.87 14.97
N ARG A 10 -12.52 11.65 13.86
CA ARG A 10 -12.07 11.21 12.56
C ARG A 10 -11.12 12.27 12.08
N LYS A 11 -9.96 11.82 11.53
CA LYS A 11 -8.83 12.64 11.12
C LYS A 11 -8.78 12.66 9.61
N ARG A 12 -7.98 13.58 9.00
CA ARG A 12 -7.71 13.74 7.58
C ARG A 12 -6.86 12.63 6.97
N ARG A 13 -5.92 12.10 7.79
CA ARG A 13 -5.05 11.00 7.59
C ARG A 13 -5.65 9.75 8.19
N VAL A 14 -5.30 8.63 7.54
CA VAL A 14 -5.99 7.37 7.48
C VAL A 14 -5.12 6.34 8.15
N LEU A 15 -5.79 5.41 8.87
CA LEU A 15 -5.21 4.34 9.64
C LEU A 15 -5.99 3.09 9.25
N PHE A 16 -5.23 1.98 8.98
CA PHE A 16 -5.68 0.71 8.47
C PHE A 16 -5.75 -0.27 9.62
N THR A 17 -6.70 -1.24 9.51
CA THR A 17 -7.01 -2.29 10.49
C THR A 17 -6.46 -3.61 9.98
N LYS A 18 -6.79 -4.76 10.65
CA LYS A 18 -6.23 -6.08 10.46
C LYS A 18 -6.90 -6.89 9.36
N ALA A 19 -7.82 -6.26 8.58
CA ALA A 19 -8.29 -6.68 7.26
C ALA A 19 -7.37 -6.19 6.15
N GLN A 20 -7.00 -4.87 6.19
CA GLN A 20 -6.29 -4.09 5.20
C GLN A 20 -4.81 -4.45 5.12
N THR A 21 -4.11 -4.49 6.28
CA THR A 21 -2.70 -4.79 6.47
C THR A 21 -2.37 -6.27 6.23
N TYR A 22 -3.38 -7.15 6.49
CA TYR A 22 -3.37 -8.61 6.30
C TYR A 22 -3.30 -9.01 4.83
N GLU A 23 -4.20 -8.45 3.98
CA GLU A 23 -4.31 -8.73 2.55
C GLU A 23 -3.20 -8.18 1.67
N LEU A 24 -2.70 -6.96 1.99
CA LEU A 24 -1.63 -6.25 1.30
C LEU A 24 -0.25 -6.87 1.48
N GLU A 25 0.09 -7.32 2.73
CA GLU A 25 1.29 -8.07 3.08
C GLU A 25 1.32 -9.53 2.61
N ARG A 26 0.14 -10.22 2.56
CA ARG A 26 0.04 -11.64 2.22
C ARG A 26 0.17 -11.94 0.74
N ARG A 27 -0.24 -10.96 -0.12
CA ARG A 27 0.09 -10.94 -1.55
C ARG A 27 1.53 -10.50 -1.81
N PHE A 28 2.13 -9.59 -0.99
CA PHE A 28 3.45 -8.98 -1.22
C PHE A 28 4.63 -9.95 -1.07
N ARG A 29 4.49 -11.00 -0.20
CA ARG A 29 5.47 -12.07 -0.03
C ARG A 29 5.44 -13.13 -1.15
N GLN A 30 4.31 -13.25 -1.91
CA GLN A 30 4.07 -14.15 -2.98
C GLN A 30 4.31 -13.53 -4.37
N GLN A 31 4.12 -12.18 -4.54
CA GLN A 31 4.03 -11.59 -5.86
C GLN A 31 4.15 -10.07 -5.72
N ARG A 32 4.55 -9.33 -6.79
CA ARG A 32 4.57 -7.86 -6.86
C ARG A 32 3.41 -7.40 -7.74
N TYR A 33 3.18 -8.22 -8.79
CA TYR A 33 2.43 -8.09 -10.00
C TYR A 33 0.96 -8.48 -9.92
N LEU A 34 -0.03 -7.56 -9.87
CA LEU A 34 -1.44 -7.90 -9.80
C LEU A 34 -2.10 -6.88 -10.68
N SER A 35 -2.76 -7.39 -11.76
CA SER A 35 -3.36 -6.67 -12.89
C SER A 35 -4.80 -6.34 -12.56
N ALA A 36 -5.49 -5.50 -13.37
CA ALA A 36 -6.82 -4.93 -13.17
C ALA A 36 -8.00 -5.85 -12.80
N PRO A 37 -8.17 -7.10 -13.29
CA PRO A 37 -9.22 -8.03 -12.83
C PRO A 37 -9.07 -8.54 -11.38
N GLU A 38 -7.82 -8.57 -10.83
CA GLU A 38 -7.49 -8.97 -9.47
C GLU A 38 -7.08 -7.82 -8.54
N ARG A 39 -6.59 -6.64 -9.04
CA ARG A 39 -6.17 -5.47 -8.25
C ARG A 39 -7.38 -4.63 -7.83
N GLU A 40 -8.37 -4.45 -8.76
CA GLU A 40 -9.58 -3.65 -8.60
C GLU A 40 -10.66 -4.39 -7.83
N HIS A 41 -10.58 -5.75 -7.85
CA HIS A 41 -11.46 -6.70 -7.18
C HIS A 41 -11.04 -6.90 -5.74
N LEU A 42 -9.73 -6.65 -5.44
CA LEU A 42 -9.10 -6.59 -4.12
C LEU A 42 -9.40 -5.28 -3.41
N ALA A 43 -9.63 -4.18 -4.17
CA ALA A 43 -10.02 -2.85 -3.73
C ALA A 43 -11.50 -2.73 -3.40
N SER A 44 -12.35 -3.55 -4.09
CA SER A 44 -13.78 -3.67 -3.85
C SER A 44 -14.14 -4.65 -2.76
N LEU A 45 -13.25 -5.67 -2.53
CA LEU A 45 -13.33 -6.70 -1.51
C LEU A 45 -12.96 -6.17 -0.14
N ILE A 46 -11.94 -5.28 -0.06
CA ILE A 46 -11.38 -4.78 1.19
C ILE A 46 -11.90 -3.39 1.52
N ARG A 47 -12.39 -2.61 0.51
CA ARG A 47 -13.04 -1.30 0.58
C ARG A 47 -12.06 -0.15 0.62
N LEU A 48 -11.31 0.06 -0.50
CA LEU A 48 -10.44 1.21 -0.69
C LEU A 48 -10.59 1.65 -2.13
N THR A 49 -9.72 2.62 -2.55
CA THR A 49 -9.65 3.22 -3.88
C THR A 49 -8.58 2.48 -4.69
N PRO A 50 -8.73 2.35 -6.04
CA PRO A 50 -7.72 1.86 -6.99
C PRO A 50 -6.38 2.59 -7.04
N THR A 51 -6.32 3.89 -6.61
CA THR A 51 -5.15 4.75 -6.69
C THR A 51 -4.27 4.60 -5.46
N GLN A 52 -4.85 4.27 -4.26
CA GLN A 52 -4.10 4.08 -3.03
C GLN A 52 -3.51 2.68 -2.91
N VAL A 53 -4.21 1.63 -3.47
CA VAL A 53 -3.71 0.26 -3.63
C VAL A 53 -2.56 0.14 -4.64
N LYS A 54 -2.67 0.87 -5.81
CA LYS A 54 -1.67 1.01 -6.86
C LYS A 54 -0.35 1.59 -6.39
N ILE A 55 -0.37 2.71 -5.61
CA ILE A 55 0.84 3.36 -5.08
C ILE A 55 1.35 2.78 -3.76
N TRP A 56 0.62 1.81 -3.11
CA TRP A 56 1.11 0.95 -2.03
C TRP A 56 2.07 -0.11 -2.54
N PHE A 57 1.74 -0.74 -3.71
CA PHE A 57 2.50 -1.80 -4.38
C PHE A 57 3.61 -1.26 -5.27
N GLN A 58 3.59 0.06 -5.58
CA GLN A 58 4.59 0.80 -6.32
C GLN A 58 5.80 1.18 -5.47
N ASN A 59 5.54 1.55 -4.17
CA ASN A 59 6.54 2.04 -3.22
C ASN A 59 7.20 0.93 -2.40
N HIS A 60 6.53 -0.23 -2.22
CA HIS A 60 7.00 -1.40 -1.47
C HIS A 60 8.02 -2.28 -2.18
N ARG A 61 8.14 -2.24 -3.54
CA ARG A 61 8.99 -3.08 -4.38
C ARG A 61 10.42 -2.58 -4.55
N TYR A 62 11.15 -2.23 -3.44
CA TYR A 62 12.55 -1.86 -3.47
C TYR A 62 13.32 -2.73 -2.53
N LYS A 63 13.19 -4.09 -2.68
CA LYS A 63 13.99 -5.17 -2.04
C LYS A 63 14.13 -5.06 -0.52
N THR A 64 12.99 -4.63 0.12
CA THR A 64 12.90 -3.81 1.32
C THR A 64 13.07 -4.55 2.64
N LYS A 65 13.02 -5.92 2.62
CA LYS A 65 13.06 -6.81 3.78
C LYS A 65 14.47 -7.23 4.18
N ARG A 66 15.49 -6.38 3.85
CA ARG A 66 16.88 -6.60 4.17
C ARG A 66 17.44 -5.25 4.51
N ALA A 67 18.38 -5.19 5.50
CA ALA A 67 19.04 -3.98 5.98
C ALA A 67 20.41 -3.84 5.38
N GLN A 68 21.11 -5.00 5.19
CA GLN A 68 22.46 -5.11 4.65
C GLN A 68 22.38 -5.32 3.16
N ASN A 69 22.05 -4.18 2.55
CA ASN A 69 21.70 -4.00 1.16
C ASN A 69 22.22 -2.64 0.80
N GLU A 70 23.57 -2.54 0.75
CA GLU A 70 24.43 -1.37 0.48
C GLU A 70 24.12 -0.51 -0.77
N LYS A 71 24.45 -0.92 -2.03
CA LYS A 71 24.05 -0.24 -3.25
C LYS A 71 22.93 -1.05 -3.90
N GLY A 72 21.80 -0.37 -4.24
CA GLY A 72 20.70 -0.94 -5.01
C GLY A 72 19.37 -0.61 -4.37
N TYR A 73 19.34 -0.52 -3.01
CA TYR A 73 18.23 -0.23 -2.11
C TYR A 73 17.63 1.17 -2.22
N GLU A 74 18.45 2.13 -2.71
CA GLU A 74 18.21 3.55 -2.79
C GLU A 74 18.17 3.99 -4.24
N GLY A 75 17.59 3.14 -5.13
CA GLY A 75 17.47 3.36 -6.56
C GLY A 75 18.59 2.65 -7.27
N HIS A 76 19.65 3.43 -7.61
CA HIS A 76 20.90 2.94 -8.14
C HIS A 76 21.95 3.94 -7.69
N PRO A 77 22.66 3.76 -6.56
CA PRO A 77 23.74 4.64 -6.14
C PRO A 77 24.95 4.50 -7.05
N ALA A 1 -9.33 15.99 7.15
CA ALA A 1 -8.17 15.08 7.33
C ALA A 1 -7.72 15.07 8.76
N SER A 2 -6.55 14.43 9.03
CA SER A 2 -5.97 14.31 10.35
C SER A 2 -4.49 14.11 10.09
N ASP A 3 -3.83 13.23 10.88
CA ASP A 3 -2.48 12.73 10.69
C ASP A 3 -2.53 11.25 10.97
N GLY A 4 -3.77 10.67 10.95
CA GLY A 4 -4.07 9.27 11.08
C GLY A 4 -4.65 8.78 9.78
N LEU A 5 -5.64 7.84 9.85
CA LEU A 5 -6.32 7.29 8.68
C LEU A 5 -7.81 7.50 8.92
N PRO A 6 -8.60 8.43 8.30
CA PRO A 6 -9.95 8.77 8.77
C PRO A 6 -11.01 7.78 8.25
N ASN A 7 -12.10 7.57 9.03
CA ASN A 7 -13.17 6.62 8.78
C ASN A 7 -14.40 7.28 8.18
N LYS A 8 -14.55 8.62 8.38
CA LYS A 8 -15.67 9.43 7.92
C LYS A 8 -15.18 10.40 6.87
N LYS A 9 -14.24 9.96 6.00
CA LYS A 9 -13.68 10.73 4.93
C LYS A 9 -13.07 9.74 3.97
N ARG A 10 -12.26 8.79 4.52
CA ARG A 10 -11.57 7.68 3.88
C ARG A 10 -10.19 8.04 3.37
N LYS A 11 -10.08 9.22 2.68
CA LYS A 11 -8.88 9.73 2.04
C LYS A 11 -8.15 10.67 2.95
N ARG A 12 -6.78 10.59 2.90
CA ARG A 12 -5.72 11.34 3.54
C ARG A 12 -5.77 11.56 5.07
N ARG A 13 -4.68 11.23 5.83
CA ARG A 13 -3.33 10.93 5.42
C ARG A 13 -3.12 9.43 5.35
N VAL A 14 -1.97 9.02 4.73
CA VAL A 14 -1.64 7.73 4.18
C VAL A 14 -0.68 6.99 5.10
N LEU A 15 -0.69 7.50 6.33
CA LEU A 15 0.18 7.19 7.46
C LEU A 15 -0.32 5.97 8.22
N PHE A 16 0.31 4.79 7.95
CA PHE A 16 -0.13 3.46 8.31
C PHE A 16 0.29 2.97 9.67
N THR A 17 -0.55 2.06 10.24
CA THR A 17 -0.32 1.27 11.44
C THR A 17 -0.19 -0.18 11.01
N LYS A 18 -0.18 -1.14 11.99
CA LYS A 18 0.15 -2.56 11.82
C LYS A 18 -0.97 -3.44 11.29
N ALA A 19 -2.18 -2.87 11.04
CA ALA A 19 -3.28 -3.46 10.28
C ALA A 19 -3.10 -3.31 8.78
N GLN A 20 -2.61 -2.10 8.35
CA GLN A 20 -2.53 -1.61 6.99
C GLN A 20 -1.35 -2.21 6.23
N THR A 21 -0.15 -2.27 6.88
CA THR A 21 1.11 -2.79 6.34
C THR A 21 1.08 -4.30 6.16
N TYR A 22 0.39 -5.00 7.11
CA TYR A 22 0.10 -6.43 7.23
C TYR A 22 -0.71 -6.99 6.07
N GLU A 23 -1.87 -6.34 5.78
CA GLU A 23 -2.85 -6.74 4.75
C GLU A 23 -2.42 -6.50 3.31
N LEU A 24 -1.71 -5.37 3.04
CA LEU A 24 -1.15 -4.98 1.73
C LEU A 24 -0.02 -5.87 1.24
N GLU A 25 0.91 -6.27 2.15
CA GLU A 25 2.00 -7.22 1.92
C GLU A 25 1.57 -8.66 1.71
N ARG A 26 0.48 -9.12 2.40
CA ARG A 26 -0.01 -10.50 2.30
C ARG A 26 -0.78 -10.85 1.04
N ARG A 27 -1.55 -9.88 0.45
CA ARG A 27 -2.10 -9.99 -0.91
C ARG A 27 -1.05 -9.76 -2.01
N PHE A 28 0.11 -9.08 -1.73
CA PHE A 28 1.23 -8.91 -2.69
C PHE A 28 2.10 -10.17 -2.87
N ARG A 29 2.12 -11.11 -1.88
CA ARG A 29 2.85 -12.38 -1.92
C ARG A 29 2.09 -13.51 -2.60
N GLN A 30 0.74 -13.65 -2.37
CA GLN A 30 -0.15 -14.65 -2.87
C GLN A 30 -0.72 -14.32 -4.25
N GLN A 31 -0.70 -13.01 -4.64
CA GLN A 31 -1.24 -12.49 -5.88
C GLN A 31 -0.20 -11.55 -6.44
N ARG A 32 -0.56 -10.90 -7.59
CA ARG A 32 -0.16 -9.56 -7.96
C ARG A 32 -1.32 -8.58 -7.81
N TYR A 33 -2.42 -8.88 -8.52
CA TYR A 33 -3.49 -8.02 -8.97
C TYR A 33 -4.79 -8.55 -8.41
N LEU A 34 -5.72 -7.60 -8.14
CA LEU A 34 -6.94 -7.77 -7.38
C LEU A 34 -7.87 -6.76 -7.95
N SER A 35 -9.03 -7.26 -8.48
CA SER A 35 -10.05 -6.55 -9.25
C SER A 35 -11.09 -5.97 -8.31
N ALA A 36 -12.00 -5.08 -8.81
CA ALA A 36 -13.00 -4.29 -8.07
C ALA A 36 -13.92 -4.97 -7.04
N PRO A 37 -14.44 -6.21 -7.17
CA PRO A 37 -15.22 -6.90 -6.12
C PRO A 37 -14.40 -7.30 -4.88
N GLU A 38 -13.09 -7.59 -5.03
CA GLU A 38 -12.14 -7.95 -3.97
C GLU A 38 -11.22 -6.81 -3.53
N ARG A 39 -10.99 -5.72 -4.34
CA ARG A 39 -10.12 -4.59 -4.04
C ARG A 39 -10.82 -3.52 -3.21
N GLU A 40 -12.15 -3.32 -3.45
CA GLU A 40 -13.04 -2.41 -2.76
C GLU A 40 -13.52 -2.97 -1.43
N HIS A 41 -13.46 -4.32 -1.27
CA HIS A 41 -13.82 -5.11 -0.11
C HIS A 41 -12.70 -5.16 0.91
N LEU A 42 -11.43 -5.07 0.41
CA LEU A 42 -10.15 -4.92 1.11
C LEU A 42 -10.06 -3.59 1.81
N ALA A 43 -10.40 -2.56 1.01
CA ALA A 43 -10.45 -1.14 1.32
C ALA A 43 -11.54 -0.69 2.26
N SER A 44 -12.71 -1.40 2.30
CA SER A 44 -13.82 -1.20 3.22
C SER A 44 -13.60 -1.89 4.55
N LEU A 45 -12.83 -3.01 4.53
CA LEU A 45 -12.40 -3.80 5.68
C LEU A 45 -11.32 -3.11 6.51
N ILE A 46 -10.36 -2.40 5.85
CA ILE A 46 -9.20 -1.80 6.49
C ILE A 46 -9.33 -0.28 6.62
N ARG A 47 -10.32 0.35 5.91
CA ARG A 47 -10.87 1.69 6.07
C ARG A 47 -10.13 2.78 5.30
N LEU A 48 -9.75 2.49 4.02
CA LEU A 48 -9.02 3.39 3.13
C LEU A 48 -9.90 3.80 1.97
N THR A 49 -9.33 4.66 1.08
CA THR A 49 -9.89 5.15 -0.17
C THR A 49 -9.36 4.29 -1.34
N PRO A 50 -10.12 4.14 -2.47
CA PRO A 50 -9.73 3.48 -3.71
C PRO A 50 -8.49 4.01 -4.45
N THR A 51 -8.01 5.25 -4.17
CA THR A 51 -6.91 5.89 -4.89
C THR A 51 -5.56 5.55 -4.28
N GLN A 52 -5.45 5.53 -2.91
CA GLN A 52 -4.29 5.07 -2.13
C GLN A 52 -4.03 3.57 -2.25
N VAL A 53 -5.12 2.72 -2.30
CA VAL A 53 -5.01 1.25 -2.55
C VAL A 53 -4.50 0.90 -3.95
N LYS A 54 -5.05 1.55 -5.03
CA LYS A 54 -4.68 1.34 -6.43
C LYS A 54 -3.23 1.69 -6.78
N ILE A 55 -2.73 2.85 -6.25
CA ILE A 55 -1.38 3.36 -6.48
C ILE A 55 -0.31 2.79 -5.55
N TRP A 56 -0.68 2.01 -4.47
CA TRP A 56 0.24 1.18 -3.69
C TRP A 56 0.58 -0.10 -4.46
N PHE A 57 -0.43 -0.72 -5.14
CA PHE A 57 -0.26 -1.94 -5.95
C PHE A 57 0.31 -1.67 -7.34
N GLN A 58 0.32 -0.38 -7.77
CA GLN A 58 1.00 0.16 -8.94
C GLN A 58 2.50 0.29 -8.73
N ASN A 59 2.92 0.80 -7.53
CA ASN A 59 4.27 1.23 -7.22
C ASN A 59 5.12 0.18 -6.54
N HIS A 60 4.50 -0.81 -5.81
CA HIS A 60 5.20 -1.77 -4.95
C HIS A 60 5.62 -3.05 -5.63
N ARG A 61 5.81 -3.02 -6.99
CA ARG A 61 6.60 -3.98 -7.75
C ARG A 61 8.07 -3.61 -7.79
N TYR A 62 8.42 -2.30 -7.91
CA TYR A 62 9.49 -1.66 -7.07
C TYR A 62 10.94 -2.03 -7.43
N LYS A 63 11.23 -2.45 -8.70
CA LYS A 63 12.55 -2.95 -9.20
C LYS A 63 13.11 -4.11 -8.38
N THR A 64 12.35 -5.23 -8.40
CA THR A 64 12.02 -6.14 -7.31
C THR A 64 13.14 -6.83 -6.53
N LYS A 65 14.29 -7.11 -7.21
CA LYS A 65 15.49 -7.72 -6.66
C LYS A 65 16.36 -6.80 -5.80
N ARG A 66 16.42 -5.47 -6.14
CA ARG A 66 17.12 -4.44 -5.41
C ARG A 66 16.09 -3.37 -5.11
N ALA A 67 15.09 -3.71 -4.26
CA ALA A 67 13.91 -2.91 -3.96
C ALA A 67 14.09 -2.18 -2.64
N GLN A 68 14.92 -2.77 -1.72
CA GLN A 68 15.54 -2.22 -0.50
C GLN A 68 16.58 -1.14 -0.80
N ASN A 69 17.19 -1.38 -1.98
CA ASN A 69 18.29 -0.70 -2.68
C ASN A 69 18.10 0.74 -3.03
N GLU A 70 16.81 1.17 -3.10
CA GLU A 70 16.30 2.38 -3.76
C GLU A 70 16.97 3.76 -3.56
N LYS A 71 17.62 4.08 -2.40
CA LYS A 71 18.60 5.15 -2.28
C LYS A 71 19.99 4.55 -2.20
N GLY A 72 20.85 4.93 -3.17
CA GLY A 72 22.24 4.49 -3.29
C GLY A 72 22.46 4.00 -4.69
N TYR A 73 21.55 3.08 -5.13
CA TYR A 73 21.56 2.30 -6.36
C TYR A 73 21.14 3.05 -7.62
N GLU A 74 20.42 4.18 -7.44
CA GLU A 74 19.83 5.03 -8.44
C GLU A 74 20.41 6.42 -8.29
N GLY A 75 21.75 6.50 -8.07
CA GLY A 75 22.45 7.76 -7.92
C GLY A 75 23.76 7.45 -7.26
N HIS A 76 23.96 7.96 -6.02
CA HIS A 76 25.16 7.80 -5.24
C HIS A 76 24.70 7.74 -3.78
N PRO A 77 25.24 6.90 -2.89
CA PRO A 77 24.91 6.91 -1.47
C PRO A 77 25.58 8.11 -0.81
N ALA A 1 2.27 18.09 5.53
CA ALA A 1 1.05 17.33 5.15
C ALA A 1 1.06 16.99 3.69
N SER A 2 -0.08 16.44 3.18
CA SER A 2 -0.25 16.00 1.81
C SER A 2 -1.64 16.42 1.41
N ASP A 3 -2.30 15.62 0.50
CA ASP A 3 -3.62 15.91 -0.02
C ASP A 3 -4.16 14.57 -0.46
N GLY A 4 -5.49 14.38 -0.30
CA GLY A 4 -6.16 13.14 -0.65
C GLY A 4 -7.59 13.28 -0.25
N LEU A 5 -8.17 12.20 0.34
CA LEU A 5 -9.57 12.12 0.79
C LEU A 5 -9.64 11.91 2.29
N PRO A 6 -9.07 10.88 2.98
CA PRO A 6 -9.11 10.75 4.44
C PRO A 6 -8.02 11.61 5.09
N ASN A 7 -8.44 12.65 5.87
CA ASN A 7 -7.62 13.58 6.63
C ASN A 7 -7.62 13.10 8.07
N LYS A 8 -6.91 11.97 8.29
CA LYS A 8 -6.89 11.20 9.51
C LYS A 8 -5.44 10.98 9.86
N LYS A 9 -4.59 10.88 8.80
CA LYS A 9 -3.15 10.93 8.86
C LYS A 9 -2.77 11.47 7.51
N ARG A 10 -1.71 12.32 7.46
CA ARG A 10 -1.15 12.90 6.25
C ARG A 10 0.32 12.55 6.20
N LYS A 11 0.59 11.23 5.99
CA LYS A 11 1.85 10.62 5.63
C LYS A 11 2.78 10.36 6.80
N ARG A 12 3.69 11.34 7.07
CA ARG A 12 4.80 11.37 8.00
C ARG A 12 4.50 11.07 9.49
N ARG A 13 5.12 10.02 10.11
CA ARG A 13 6.05 9.01 9.60
C ARG A 13 5.30 7.75 9.24
N VAL A 14 6.01 6.82 8.54
CA VAL A 14 5.55 5.73 7.71
C VAL A 14 5.65 4.40 8.45
N LEU A 15 5.75 4.56 9.77
CA LEU A 15 6.02 3.55 10.79
C LEU A 15 4.78 2.74 11.16
N PHE A 16 4.73 1.49 10.63
CA PHE A 16 3.64 0.55 10.63
C PHE A 16 3.85 -0.57 11.63
N THR A 17 2.70 -1.11 12.14
CA THR A 17 2.59 -2.28 13.01
C THR A 17 1.99 -3.40 12.18
N LYS A 18 1.66 -4.56 12.82
CA LYS A 18 1.27 -5.81 12.18
C LYS A 18 -0.20 -5.94 11.84
N ALA A 19 -0.98 -4.82 11.94
CA ALA A 19 -2.26 -4.59 11.29
C ALA A 19 -2.09 -4.03 9.87
N GLN A 20 -1.16 -3.05 9.69
CA GLN A 20 -0.92 -2.24 8.51
C GLN A 20 -0.14 -3.01 7.45
N THR A 21 0.95 -3.73 7.89
CA THR A 21 1.85 -4.59 7.10
C THR A 21 1.14 -5.84 6.59
N TYR A 22 0.18 -6.37 7.42
CA TYR A 22 -0.73 -7.49 7.17
C TYR A 22 -1.62 -7.25 5.95
N GLU A 23 -2.40 -6.13 5.96
CA GLU A 23 -3.39 -5.75 4.94
C GLU A 23 -2.82 -5.41 3.57
N LEU A 24 -1.64 -4.72 3.55
CA LEU A 24 -0.87 -4.33 2.37
C LEU A 24 -0.25 -5.48 1.57
N GLU A 25 0.22 -6.54 2.28
CA GLU A 25 0.78 -7.77 1.73
C GLU A 25 -0.25 -8.74 1.20
N ARG A 26 -1.52 -8.72 1.74
CA ARG A 26 -2.65 -9.53 1.27
C ARG A 26 -3.15 -9.10 -0.08
N ARG A 27 -3.31 -7.74 -0.26
CA ARG A 27 -3.80 -7.17 -1.52
C ARG A 27 -2.77 -7.28 -2.66
N PHE A 28 -1.44 -7.29 -2.31
CA PHE A 28 -0.27 -7.41 -3.19
C PHE A 28 -0.13 -8.79 -3.84
N ARG A 29 -0.49 -9.88 -3.12
CA ARG A 29 -0.45 -11.26 -3.61
C ARG A 29 -1.64 -11.64 -4.51
N GLN A 30 -2.75 -10.84 -4.53
CA GLN A 30 -3.89 -10.97 -5.42
C GLN A 30 -3.78 -10.08 -6.66
N GLN A 31 -3.15 -8.88 -6.58
CA GLN A 31 -3.23 -7.85 -7.59
C GLN A 31 -2.15 -6.84 -7.25
N ARG A 32 -1.64 -6.11 -8.27
CA ARG A 32 -0.52 -5.16 -8.15
C ARG A 32 -1.05 -3.75 -8.12
N TYR A 33 -2.15 -3.52 -8.88
CA TYR A 33 -2.85 -2.25 -9.01
C TYR A 33 -4.28 -2.47 -8.56
N LEU A 34 -4.76 -1.44 -7.82
CA LEU A 34 -6.01 -1.33 -7.10
C LEU A 34 -6.35 0.12 -7.28
N SER A 35 -7.57 0.38 -7.86
CA SER A 35 -8.05 1.68 -8.32
C SER A 35 -8.79 2.38 -7.21
N ALA A 36 -9.02 3.72 -7.34
CA ALA A 36 -9.55 4.68 -6.36
C ALA A 36 -10.78 4.34 -5.51
N PRO A 37 -11.85 3.61 -5.93
CA PRO A 37 -12.97 3.20 -5.06
C PRO A 37 -12.60 2.18 -3.97
N GLU A 38 -11.63 1.27 -4.24
CA GLU A 38 -11.10 0.28 -3.31
C GLU A 38 -9.74 0.62 -2.71
N ARG A 39 -8.92 1.56 -3.30
CA ARG A 39 -7.60 1.97 -2.83
C ARG A 39 -7.70 2.98 -1.69
N GLU A 40 -8.65 3.96 -1.82
CA GLU A 40 -8.90 5.06 -0.90
C GLU A 40 -9.75 4.64 0.29
N HIS A 41 -10.50 3.50 0.12
CA HIS A 41 -11.35 2.85 1.09
C HIS A 41 -10.54 1.92 1.99
N LEU A 42 -9.39 1.41 1.48
CA LEU A 42 -8.36 0.63 2.17
C LEU A 42 -7.51 1.52 3.07
N ALA A 43 -7.31 2.81 2.67
CA ALA A 43 -6.61 3.87 3.37
C ALA A 43 -7.44 4.55 4.42
N SER A 44 -8.79 4.55 4.27
CA SER A 44 -9.76 5.09 5.21
C SER A 44 -10.12 4.11 6.31
N LEU A 45 -10.05 2.78 5.98
CA LEU A 45 -10.29 1.64 6.84
C LEU A 45 -9.13 1.39 7.79
N ILE A 46 -7.86 1.51 7.29
CA ILE A 46 -6.65 1.21 8.04
C ILE A 46 -6.00 2.47 8.63
N ARG A 47 -6.41 3.70 8.15
CA ARG A 47 -6.28 5.02 8.76
C ARG A 47 -5.02 5.78 8.32
N LEU A 48 -4.77 5.92 6.98
CA LEU A 48 -3.59 6.56 6.42
C LEU A 48 -3.96 7.64 5.43
N THR A 49 -2.95 8.04 4.59
CA THR A 49 -2.99 8.99 3.50
C THR A 49 -2.98 8.23 2.16
N PRO A 50 -3.64 8.76 1.09
CA PRO A 50 -3.57 8.27 -0.30
C PRO A 50 -2.20 8.30 -0.97
N THR A 51 -1.23 9.12 -0.49
CA THR A 51 0.09 9.31 -1.04
C THR A 51 1.07 8.28 -0.49
N GLN A 52 0.90 7.78 0.77
CA GLN A 52 1.75 6.77 1.37
C GLN A 52 1.38 5.36 0.95
N VAL A 53 0.05 5.10 0.69
CA VAL A 53 -0.46 3.86 0.09
C VAL A 53 -0.05 3.71 -1.38
N LYS A 54 -0.11 4.82 -2.17
CA LYS A 54 0.36 4.93 -3.57
C LYS A 54 1.83 4.58 -3.79
N ILE A 55 2.76 5.10 -2.93
CA ILE A 55 4.19 4.85 -3.05
C ILE A 55 4.70 3.58 -2.35
N TRP A 56 3.86 2.87 -1.53
CA TRP A 56 4.11 1.50 -1.06
C TRP A 56 3.91 0.48 -2.18
N PHE A 57 2.85 0.67 -3.01
CA PHE A 57 2.47 -0.19 -4.14
C PHE A 57 3.22 0.12 -5.42
N GLN A 58 3.96 1.26 -5.44
CA GLN A 58 4.89 1.69 -6.47
C GLN A 58 6.26 1.04 -6.30
N ASN A 59 6.73 0.91 -5.03
CA ASN A 59 8.07 0.46 -4.66
C ASN A 59 8.18 -1.02 -4.38
N HIS A 60 7.08 -1.69 -3.94
CA HIS A 60 7.05 -3.11 -3.56
C HIS A 60 6.79 -4.06 -4.72
N ARG A 61 6.50 -3.53 -5.96
CA ARG A 61 6.77 -4.09 -7.27
C ARG A 61 8.15 -3.62 -7.67
N TYR A 62 9.24 -4.17 -7.11
CA TYR A 62 9.48 -5.51 -6.63
C TYR A 62 10.38 -5.50 -5.43
N LYS A 63 11.58 -6.07 -5.70
CA LYS A 63 12.47 -7.06 -5.04
C LYS A 63 11.88 -7.76 -3.82
N THR A 64 10.77 -8.46 -4.15
CA THR A 64 9.71 -9.01 -3.33
C THR A 64 10.05 -10.19 -2.42
N LYS A 65 10.95 -11.13 -2.84
CA LYS A 65 11.50 -12.24 -2.07
C LYS A 65 12.79 -11.84 -1.36
N ARG A 66 12.76 -10.75 -0.58
CA ARG A 66 13.92 -10.16 0.06
C ARG A 66 13.43 -9.57 1.37
N ALA A 67 14.35 -8.92 2.12
CA ALA A 67 14.10 -8.05 3.25
C ALA A 67 14.21 -6.64 2.74
N GLN A 68 13.02 -6.00 2.56
CA GLN A 68 12.86 -4.64 2.10
C GLN A 68 12.74 -3.74 3.29
N ASN A 69 13.92 -3.18 3.65
CA ASN A 69 14.16 -2.33 4.78
C ASN A 69 14.95 -1.16 4.29
N GLU A 70 14.25 -0.41 3.39
CA GLU A 70 14.13 1.03 3.35
C GLU A 70 12.90 1.32 4.20
N LYS A 71 12.89 2.47 4.93
CA LYS A 71 12.20 2.65 6.21
C LYS A 71 10.69 2.56 6.23
N GLY A 72 10.20 1.51 6.95
CA GLY A 72 8.82 1.23 7.28
C GLY A 72 8.05 0.55 6.16
N TYR A 73 8.59 -0.60 5.67
CA TYR A 73 8.02 -1.41 4.60
C TYR A 73 7.47 -2.71 5.15
N GLU A 74 8.38 -3.66 5.45
CA GLU A 74 8.15 -4.98 6.00
C GLU A 74 8.37 -4.96 7.50
N GLY A 75 7.53 -4.16 8.22
CA GLY A 75 7.51 -3.97 9.65
C GLY A 75 7.93 -2.55 9.97
N HIS A 76 8.94 -2.41 10.87
CA HIS A 76 9.57 -1.16 11.28
C HIS A 76 11.01 -1.21 10.80
N PRO A 77 11.73 -0.07 10.66
CA PRO A 77 13.14 -0.04 10.33
C PRO A 77 13.97 -0.53 11.51
N ALA A 1 -16.01 13.53 17.21
CA ALA A 1 -15.39 13.30 18.53
C ALA A 1 -16.31 12.54 19.45
N SER A 2 -16.89 11.41 18.95
CA SER A 2 -17.81 10.56 19.68
C SER A 2 -17.60 9.14 19.22
N ASP A 3 -17.16 8.96 17.94
CA ASP A 3 -16.92 7.68 17.30
C ASP A 3 -15.69 7.88 16.45
N GLY A 4 -14.51 7.97 17.14
CA GLY A 4 -13.21 8.29 16.57
C GLY A 4 -12.81 9.65 17.07
N LEU A 5 -11.48 9.84 17.31
CA LEU A 5 -10.88 11.08 17.80
C LEU A 5 -9.77 11.42 16.80
N PRO A 6 -9.15 12.64 16.71
CA PRO A 6 -8.05 12.92 15.80
C PRO A 6 -6.71 12.49 16.42
N ASN A 7 -6.43 11.16 16.41
CA ASN A 7 -5.24 10.55 16.97
C ASN A 7 -5.17 9.22 16.27
N LYS A 8 -6.13 8.32 16.60
CA LYS A 8 -6.16 6.94 16.14
C LYS A 8 -7.61 6.55 16.05
N LYS A 9 -7.94 5.72 15.04
CA LYS A 9 -9.26 5.21 14.77
C LYS A 9 -9.03 4.10 13.78
N ARG A 10 -8.83 2.86 14.32
CA ARG A 10 -8.65 1.58 13.62
C ARG A 10 -7.30 1.44 12.94
N LYS A 11 -6.25 0.99 13.69
CA LYS A 11 -4.91 0.67 13.21
C LYS A 11 -4.06 1.90 12.91
N ARG A 12 -4.30 2.99 13.70
CA ARG A 12 -3.62 4.28 13.78
C ARG A 12 -3.63 5.16 12.53
N ARG A 13 -4.10 6.43 12.68
CA ARG A 13 -4.22 7.46 11.66
C ARG A 13 -2.93 8.24 11.52
N VAL A 14 -2.51 8.42 10.24
CA VAL A 14 -1.80 7.41 9.45
C VAL A 14 -0.33 7.26 9.79
N LEU A 15 -0.02 6.02 10.18
CA LEU A 15 1.24 5.45 10.54
C LEU A 15 1.19 4.11 9.84
N PHE A 16 2.39 3.60 9.44
CA PHE A 16 2.62 2.35 8.80
C PHE A 16 3.24 1.46 9.85
N THR A 17 2.35 0.73 10.56
CA THR A 17 2.59 -0.14 11.70
C THR A 17 2.52 -1.59 11.24
N LYS A 18 2.57 -2.57 12.18
CA LYS A 18 2.70 -4.01 11.96
C LYS A 18 1.45 -4.74 11.49
N ALA A 19 0.31 -4.01 11.33
CA ALA A 19 -0.89 -4.42 10.61
C ALA A 19 -0.79 -4.13 9.12
N GLN A 20 -0.35 -2.88 8.76
CA GLN A 20 -0.27 -2.28 7.43
C GLN A 20 0.81 -2.92 6.58
N THR A 21 2.03 -3.12 7.15
CA THR A 21 3.22 -3.67 6.52
C THR A 21 3.11 -5.18 6.31
N TYR A 22 2.37 -5.89 7.21
CA TYR A 22 2.14 -7.33 7.21
C TYR A 22 1.26 -7.80 6.06
N GLU A 23 0.14 -7.07 5.85
CA GLU A 23 -0.86 -7.33 4.81
C GLU A 23 -0.45 -6.96 3.39
N LEU A 24 0.30 -5.84 3.21
CA LEU A 24 0.82 -5.34 1.93
C LEU A 24 1.91 -6.17 1.32
N GLU A 25 2.88 -6.65 2.15
CA GLU A 25 3.96 -7.55 1.82
C GLU A 25 3.55 -8.98 1.54
N ARG A 26 2.47 -9.50 2.20
CA ARG A 26 1.97 -10.86 1.95
C ARG A 26 1.22 -11.04 0.63
N ARG A 27 0.34 -10.06 0.25
CA ARG A 27 -0.30 -9.98 -1.08
C ARG A 27 0.51 -9.28 -2.15
N PHE A 28 1.75 -8.80 -1.86
CA PHE A 28 2.80 -8.50 -2.84
C PHE A 28 3.60 -9.75 -3.28
N ARG A 29 3.91 -10.72 -2.36
CA ARG A 29 4.80 -11.85 -2.59
C ARG A 29 4.13 -13.06 -3.22
N GLN A 30 2.98 -13.55 -2.66
CA GLN A 30 2.23 -14.73 -3.13
C GLN A 30 1.12 -14.38 -4.10
N GLN A 31 1.08 -13.12 -4.57
CA GLN A 31 0.18 -12.62 -5.60
C GLN A 31 1.02 -11.63 -6.38
N ARG A 32 0.44 -11.11 -7.50
CA ARG A 32 0.39 -9.69 -7.81
C ARG A 32 -1.05 -9.34 -7.44
N TYR A 33 -2.04 -9.71 -8.31
CA TYR A 33 -3.28 -10.46 -8.10
C TYR A 33 -4.25 -9.96 -7.04
N LEU A 34 -4.86 -8.78 -7.29
CA LEU A 34 -5.91 -8.22 -6.46
C LEU A 34 -6.61 -7.17 -7.29
N SER A 35 -7.95 -7.35 -7.52
CA SER A 35 -8.80 -6.49 -8.33
C SER A 35 -9.69 -5.73 -7.37
N ALA A 36 -10.39 -4.66 -7.87
CA ALA A 36 -11.21 -3.66 -7.16
C ALA A 36 -12.19 -4.08 -6.06
N PRO A 37 -12.93 -5.23 -6.09
CA PRO A 37 -13.79 -5.69 -4.98
C PRO A 37 -13.05 -6.12 -3.71
N GLU A 38 -11.84 -6.72 -3.82
CA GLU A 38 -10.98 -7.13 -2.71
C GLU A 38 -9.82 -6.17 -2.42
N ARG A 39 -9.55 -5.15 -3.29
CA ARG A 39 -8.46 -4.18 -3.21
C ARG A 39 -8.85 -2.95 -2.40
N GLU A 40 -10.08 -2.42 -2.62
CA GLU A 40 -10.68 -1.29 -1.92
C GLU A 40 -11.32 -1.70 -0.60
N HIS A 41 -11.63 -3.02 -0.44
CA HIS A 41 -12.18 -3.65 0.75
C HIS A 41 -11.08 -4.03 1.73
N LEU A 42 -9.83 -4.23 1.20
CA LEU A 42 -8.55 -4.34 1.91
C LEU A 42 -8.12 -3.01 2.51
N ALA A 43 -8.44 -1.89 1.82
CA ALA A 43 -8.25 -0.50 2.27
C ALA A 43 -9.25 -0.06 3.32
N SER A 44 -10.47 -0.64 3.34
CA SER A 44 -11.49 -0.44 4.35
C SER A 44 -11.31 -1.29 5.60
N LEU A 45 -10.67 -2.48 5.44
CA LEU A 45 -10.37 -3.48 6.46
C LEU A 45 -9.17 -3.08 7.30
N ILE A 46 -8.12 -2.47 6.65
CA ILE A 46 -6.86 -2.11 7.29
C ILE A 46 -6.83 -0.63 7.63
N ARG A 47 -7.72 0.20 6.99
CA ARG A 47 -8.04 1.59 7.27
C ARG A 47 -7.09 2.57 6.61
N LEU A 48 -7.12 2.65 5.26
CA LEU A 48 -6.41 3.61 4.46
C LEU A 48 -7.35 4.08 3.39
N THR A 49 -6.79 4.67 2.30
CA THR A 49 -7.45 5.12 1.10
C THR A 49 -7.09 4.15 -0.03
N PRO A 50 -8.01 3.86 -1.01
CA PRO A 50 -7.75 3.09 -2.23
C PRO A 50 -6.72 3.67 -3.19
N THR A 51 -6.38 4.98 -3.08
CA THR A 51 -5.44 5.73 -3.89
C THR A 51 -4.01 5.57 -3.39
N GLN A 52 -3.79 5.36 -2.04
CA GLN A 52 -2.46 5.17 -1.45
C GLN A 52 -2.00 3.73 -1.54
N VAL A 53 -2.95 2.73 -1.49
CA VAL A 53 -2.68 1.30 -1.80
C VAL A 53 -2.38 1.08 -3.30
N LYS A 54 -3.02 1.87 -4.21
CA LYS A 54 -2.73 2.03 -5.64
C LYS A 54 -1.30 2.39 -5.98
N ILE A 55 -0.75 3.50 -5.40
CA ILE A 55 0.62 3.97 -5.63
C ILE A 55 1.68 3.27 -4.78
N TRP A 56 1.28 2.38 -3.80
CA TRP A 56 2.16 1.46 -3.07
C TRP A 56 2.56 0.27 -3.93
N PHE A 57 1.58 -0.33 -4.68
CA PHE A 57 1.76 -1.47 -5.59
C PHE A 57 2.33 -1.08 -6.93
N GLN A 58 2.33 0.25 -7.24
CA GLN A 58 2.96 0.90 -8.38
C GLN A 58 4.46 1.10 -8.18
N ASN A 59 4.87 1.42 -6.92
CA ASN A 59 6.24 1.77 -6.53
C ASN A 59 7.07 0.58 -6.10
N HIS A 60 6.46 -0.42 -5.39
CA HIS A 60 7.14 -1.54 -4.73
C HIS A 60 7.57 -2.69 -5.67
N ARG A 61 7.18 -2.62 -6.99
CA ARG A 61 7.55 -3.49 -8.11
C ARG A 61 8.85 -3.11 -8.81
N TYR A 62 10.00 -2.95 -8.08
CA TYR A 62 11.25 -2.55 -8.67
C TYR A 62 12.42 -3.32 -8.11
N LYS A 63 12.38 -4.69 -8.18
CA LYS A 63 13.45 -5.64 -7.75
C LYS A 63 13.96 -5.46 -6.30
N THR A 64 13.02 -5.07 -5.39
CA THR A 64 13.28 -4.29 -4.17
C THR A 64 13.80 -5.09 -2.98
N LYS A 65 13.61 -6.45 -2.97
CA LYS A 65 13.76 -7.36 -1.84
C LYS A 65 15.20 -7.67 -1.46
N ARG A 66 16.04 -8.12 -2.44
CA ARG A 66 17.32 -8.73 -2.13
C ARG A 66 18.32 -8.43 -3.22
N ALA A 67 17.90 -8.44 -4.52
CA ALA A 67 18.78 -8.18 -5.66
C ALA A 67 18.58 -6.75 -6.13
N GLN A 68 19.46 -5.86 -5.59
CA GLN A 68 19.51 -4.42 -5.70
C GLN A 68 19.55 -3.81 -7.08
N ASN A 69 20.73 -3.94 -7.69
CA ASN A 69 21.26 -3.13 -8.77
C ASN A 69 21.60 -4.03 -9.93
N GLU A 70 20.60 -4.85 -10.36
CA GLU A 70 20.58 -5.60 -11.64
C GLU A 70 20.84 -4.83 -12.96
N LYS A 71 20.02 -3.80 -13.37
CA LYS A 71 20.42 -2.69 -14.21
C LYS A 71 20.64 -1.50 -13.28
N GLY A 72 20.97 -0.33 -13.89
CA GLY A 72 21.46 0.93 -13.32
C GLY A 72 20.61 1.57 -12.28
N TYR A 73 19.30 1.50 -12.54
CA TYR A 73 18.20 1.82 -11.69
C TYR A 73 17.04 1.67 -12.65
N GLU A 74 16.34 2.79 -12.79
CA GLU A 74 15.08 3.05 -13.43
C GLU A 74 15.29 3.96 -14.62
N GLY A 75 15.90 3.35 -15.67
CA GLY A 75 16.33 3.99 -16.90
C GLY A 75 17.82 3.90 -16.94
N HIS A 76 18.48 4.76 -16.13
CA HIS A 76 19.91 4.85 -15.95
C HIS A 76 20.20 5.30 -14.52
N PRO A 77 19.66 6.38 -13.92
CA PRO A 77 19.85 6.67 -12.49
C PRO A 77 19.01 5.72 -11.66
N ALA A 1 -14.88 18.92 21.55
CA ALA A 1 -14.42 17.59 22.04
C ALA A 1 -15.13 17.21 23.31
N SER A 2 -16.49 17.37 23.33
CA SER A 2 -17.35 17.00 24.44
C SER A 2 -18.64 16.52 23.82
N ASP A 3 -19.20 17.32 22.86
CA ASP A 3 -20.36 17.02 22.05
C ASP A 3 -20.02 17.67 20.73
N GLY A 4 -19.46 16.89 19.79
CA GLY A 4 -18.98 17.44 18.53
C GLY A 4 -18.46 16.34 17.67
N LEU A 5 -17.28 16.61 17.02
CA LEU A 5 -16.63 15.75 16.02
C LEU A 5 -15.42 15.01 16.56
N PRO A 6 -14.42 15.58 17.30
CA PRO A 6 -13.26 14.84 17.81
C PRO A 6 -13.59 14.16 19.14
N ASN A 7 -14.33 13.02 19.08
CA ASN A 7 -14.72 12.19 20.19
C ASN A 7 -14.52 10.78 19.69
N LYS A 8 -15.09 10.49 18.48
CA LYS A 8 -14.98 9.23 17.79
C LYS A 8 -14.99 9.60 16.33
N LYS A 9 -13.81 9.42 15.67
CA LYS A 9 -13.59 9.75 14.28
C LYS A 9 -12.55 8.77 13.77
N ARG A 10 -12.39 8.69 12.42
CA ARG A 10 -11.57 7.73 11.70
C ARG A 10 -10.32 8.42 11.19
N LYS A 11 -9.73 7.88 10.09
CA LYS A 11 -8.56 8.39 9.40
C LYS A 11 -9.01 8.81 8.02
N ARG A 12 -9.59 10.04 7.95
CA ARG A 12 -10.14 10.72 6.84
C ARG A 12 -9.75 12.17 7.04
N ARG A 13 -8.90 12.87 6.20
CA ARG A 13 -8.07 12.61 5.03
C ARG A 13 -7.18 11.37 4.95
N VAL A 14 -5.86 11.66 4.91
CA VAL A 14 -4.73 10.74 4.79
C VAL A 14 -4.08 10.56 6.15
N LEU A 15 -3.69 9.30 6.46
CA LEU A 15 -2.86 8.93 7.59
C LEU A 15 -2.31 7.59 7.19
N PHE A 16 -0.96 7.49 7.04
CA PHE A 16 -0.20 6.30 6.80
C PHE A 16 0.49 5.95 8.10
N THR A 17 -0.17 5.05 8.86
CA THR A 17 0.24 4.52 10.16
C THR A 17 0.44 3.02 10.00
N LYS A 18 0.56 2.26 11.12
CA LYS A 18 0.96 0.86 11.21
C LYS A 18 -0.10 -0.16 10.80
N ALA A 19 -1.37 0.27 10.57
CA ALA A 19 -2.47 -0.51 10.02
C ALA A 19 -2.45 -0.58 8.50
N GLN A 20 -2.02 0.55 7.86
CA GLN A 20 -1.97 0.81 6.43
C GLN A 20 -0.84 0.06 5.77
N THR A 21 0.39 0.09 6.38
CA THR A 21 1.61 -0.55 5.93
C THR A 21 1.57 -2.08 6.13
N TYR A 22 0.82 -2.55 7.18
CA TYR A 22 0.57 -3.93 7.56
C TYR A 22 -0.22 -4.71 6.50
N GLU A 23 -1.38 -4.14 6.07
CA GLU A 23 -2.31 -4.73 5.11
C GLU A 23 -1.85 -4.73 3.66
N LEU A 24 -1.17 -3.64 3.22
CA LEU A 24 -0.64 -3.43 1.86
C LEU A 24 0.51 -4.33 1.50
N GLU A 25 1.48 -4.52 2.44
CA GLU A 25 2.60 -5.45 2.35
C GLU A 25 2.22 -6.92 2.47
N ARG A 26 1.17 -7.29 3.27
CA ARG A 26 0.77 -8.68 3.48
C ARG A 26 0.02 -9.34 2.34
N ARG A 27 -0.84 -8.59 1.58
CA ARG A 27 -1.37 -9.06 0.29
C ARG A 27 -0.32 -9.00 -0.85
N PHE A 28 0.67 -8.05 -0.82
CA PHE A 28 1.67 -7.80 -1.88
C PHE A 28 2.72 -8.91 -2.01
N ARG A 29 2.92 -9.74 -0.95
CA ARG A 29 3.71 -10.97 -0.94
C ARG A 29 3.11 -12.15 -1.73
N GLN A 30 1.76 -12.28 -1.73
CA GLN A 30 1.00 -13.39 -2.31
C GLN A 30 0.42 -13.07 -3.70
N GLN A 31 0.05 -11.80 -4.00
CA GLN A 31 -0.69 -11.45 -5.21
C GLN A 31 -0.36 -10.02 -5.56
N ARG A 32 -0.36 -9.70 -6.89
CA ARG A 32 0.01 -8.41 -7.45
C ARG A 32 -1.21 -7.64 -7.91
N TYR A 33 -2.21 -8.36 -8.50
CA TYR A 33 -3.39 -7.78 -9.12
C TYR A 33 -4.63 -7.93 -8.26
N LEU A 34 -5.36 -6.79 -8.17
CA LEU A 34 -6.47 -6.46 -7.30
C LEU A 34 -7.80 -6.60 -8.02
N SER A 35 -8.54 -7.76 -7.99
CA SER A 35 -9.91 -7.88 -8.55
C SER A 35 -10.93 -7.14 -7.69
N ALA A 36 -11.98 -6.54 -8.32
CA ALA A 36 -12.87 -5.50 -7.80
C ALA A 36 -13.61 -5.71 -6.48
N PRO A 37 -14.17 -6.90 -6.12
CA PRO A 37 -14.80 -7.16 -4.82
C PRO A 37 -13.84 -7.21 -3.63
N GLU A 38 -12.52 -7.44 -3.86
CA GLU A 38 -11.46 -7.44 -2.85
C GLU A 38 -10.57 -6.20 -2.87
N ARG A 39 -10.57 -5.35 -3.95
CA ARG A 39 -9.78 -4.12 -4.11
C ARG A 39 -10.45 -2.95 -3.39
N GLU A 40 -11.80 -2.80 -3.59
CA GLU A 40 -12.68 -1.77 -3.08
C GLU A 40 -13.01 -1.98 -1.61
N HIS A 41 -12.97 -3.26 -1.16
CA HIS A 41 -13.29 -3.75 0.16
C HIS A 41 -12.11 -3.65 1.09
N LEU A 42 -10.87 -3.68 0.52
CA LEU A 42 -9.57 -3.41 1.16
C LEU A 42 -9.38 -1.94 1.49
N ALA A 43 -9.93 -1.04 0.61
CA ALA A 43 -9.99 0.42 0.74
C ALA A 43 -11.03 0.92 1.72
N SER A 44 -12.17 0.18 1.89
CA SER A 44 -13.25 0.47 2.82
C SER A 44 -13.00 -0.06 4.21
N LEU A 45 -12.19 -1.14 4.31
CA LEU A 45 -11.73 -1.79 5.53
C LEU A 45 -10.67 -0.99 6.25
N ILE A 46 -9.71 -0.39 5.48
CA ILE A 46 -8.56 0.31 6.03
C ILE A 46 -8.72 1.81 6.02
N ARG A 47 -9.73 2.35 5.25
CA ARG A 47 -10.26 3.71 5.27
C ARG A 47 -9.49 4.68 4.38
N LEU A 48 -9.27 4.31 3.08
CA LEU A 48 -8.62 5.14 2.08
C LEU A 48 -9.52 5.18 0.86
N THR A 49 -9.00 5.75 -0.27
CA THR A 49 -9.64 5.87 -1.57
C THR A 49 -9.25 4.68 -2.44
N PRO A 50 -10.15 4.18 -3.34
CA PRO A 50 -9.87 3.16 -4.36
C PRO A 50 -8.80 3.48 -5.40
N THR A 51 -8.47 4.79 -5.63
CA THR A 51 -7.54 5.27 -6.62
C THR A 51 -6.11 5.30 -6.07
N GLN A 52 -5.92 5.51 -4.72
CA GLN A 52 -4.61 5.52 -4.09
C GLN A 52 -4.11 4.13 -3.76
N VAL A 53 -5.04 3.16 -3.48
CA VAL A 53 -4.74 1.73 -3.28
C VAL A 53 -4.35 1.03 -4.60
N LYS A 54 -5.07 1.33 -5.72
CA LYS A 54 -4.86 0.88 -7.09
C LYS A 54 -3.48 1.25 -7.63
N ILE A 55 -3.06 2.54 -7.44
CA ILE A 55 -1.76 3.05 -7.92
C ILE A 55 -0.60 2.87 -6.93
N TRP A 56 -0.84 2.39 -5.66
CA TRP A 56 0.19 1.88 -4.73
C TRP A 56 0.72 0.54 -5.19
N PHE A 57 -0.20 -0.33 -5.73
CA PHE A 57 0.10 -1.65 -6.28
C PHE A 57 0.67 -1.61 -7.68
N GLN A 58 0.21 -0.64 -8.52
CA GLN A 58 0.61 -0.36 -9.89
C GLN A 58 2.06 0.11 -10.02
N ASN A 59 2.48 0.97 -9.05
CA ASN A 59 3.86 1.42 -8.81
C ASN A 59 4.64 0.46 -7.91
N HIS A 60 3.93 -0.53 -7.29
CA HIS A 60 4.41 -1.65 -6.48
C HIS A 60 5.20 -2.71 -7.24
N ARG A 61 4.63 -3.21 -8.40
CA ARG A 61 5.05 -4.43 -9.09
C ARG A 61 6.21 -4.35 -10.07
N TYR A 62 6.84 -3.15 -10.23
CA TYR A 62 8.23 -2.95 -9.87
C TYR A 62 9.28 -3.18 -10.93
N LYS A 63 9.94 -2.05 -11.21
CA LYS A 63 11.29 -1.51 -10.83
C LYS A 63 12.27 -2.21 -9.89
N THR A 64 11.94 -3.47 -9.57
CA THR A 64 12.35 -4.48 -8.58
C THR A 64 13.83 -4.74 -8.25
N LYS A 65 14.74 -3.79 -8.61
CA LYS A 65 16.18 -3.75 -8.38
C LYS A 65 16.51 -3.05 -7.07
N ARG A 66 16.05 -3.67 -5.94
CA ARG A 66 16.33 -3.29 -4.57
C ARG A 66 17.38 -4.26 -4.07
N ALA A 67 17.13 -5.57 -4.32
CA ALA A 67 18.11 -6.64 -4.37
C ALA A 67 18.36 -6.90 -5.86
N GLN A 68 17.92 -7.98 -6.57
CA GLN A 68 17.55 -9.36 -6.31
C GLN A 68 18.73 -10.12 -6.85
N ASN A 69 19.32 -11.05 -6.05
CA ASN A 69 20.52 -11.75 -6.40
C ASN A 69 20.31 -13.24 -6.21
N GLU A 70 19.30 -13.74 -6.98
CA GLU A 70 19.18 -15.07 -7.56
C GLU A 70 20.19 -15.24 -8.66
N LYS A 71 21.13 -16.16 -8.34
CA LYS A 71 22.59 -16.02 -8.49
C LYS A 71 23.17 -15.63 -9.84
N GLY A 72 23.79 -14.42 -9.81
CA GLY A 72 24.57 -13.73 -10.81
C GLY A 72 23.75 -13.05 -11.87
N TYR A 73 23.12 -11.94 -11.45
CA TYR A 73 22.22 -11.11 -12.22
C TYR A 73 22.57 -9.67 -11.90
N GLU A 74 21.75 -9.00 -11.07
CA GLU A 74 21.73 -7.62 -10.67
C GLU A 74 22.06 -7.55 -9.19
N GLY A 75 23.37 -7.76 -8.92
CA GLY A 75 23.95 -7.79 -7.59
C GLY A 75 25.36 -7.34 -7.74
N HIS A 76 26.31 -8.30 -7.87
CA HIS A 76 27.73 -8.09 -8.10
C HIS A 76 28.10 -7.94 -9.58
N PRO A 77 27.56 -8.67 -10.59
CA PRO A 77 27.80 -8.36 -12.00
C PRO A 77 27.13 -7.06 -12.40
N ALA A 1 -22.75 21.36 -10.86
CA ALA A 1 -21.30 21.19 -11.11
C ALA A 1 -20.56 20.98 -9.82
N SER A 2 -21.06 20.04 -8.96
CA SER A 2 -20.47 19.68 -7.68
C SER A 2 -20.73 18.22 -7.48
N ASP A 3 -21.89 17.73 -8.00
CA ASP A 3 -22.38 16.37 -7.86
C ASP A 3 -23.12 16.11 -9.15
N GLY A 4 -23.13 14.82 -9.62
CA GLY A 4 -23.77 14.41 -10.86
C GLY A 4 -22.73 13.84 -11.79
N LEU A 5 -22.17 14.69 -12.70
CA LEU A 5 -21.07 14.32 -13.62
C LEU A 5 -19.69 14.50 -12.98
N PRO A 6 -19.32 15.61 -12.28
CA PRO A 6 -18.14 15.66 -11.41
C PRO A 6 -18.43 15.03 -10.06
N ASN A 7 -17.91 13.80 -9.83
CA ASN A 7 -18.09 12.97 -8.65
C ASN A 7 -16.82 12.96 -7.81
N LYS A 8 -16.37 14.17 -7.39
CA LYS A 8 -15.17 14.41 -6.60
C LYS A 8 -15.62 14.86 -5.24
N LYS A 9 -15.81 13.86 -4.32
CA LYS A 9 -16.24 14.04 -2.94
C LYS A 9 -15.20 13.39 -2.07
N ARG A 10 -14.05 14.09 -1.90
CA ARG A 10 -12.92 13.60 -1.14
C ARG A 10 -12.08 14.79 -0.77
N LYS A 11 -11.36 14.68 0.37
CA LYS A 11 -10.46 15.67 0.91
C LYS A 11 -9.28 14.88 1.44
N ARG A 12 -9.27 14.55 2.75
CA ARG A 12 -8.48 13.58 3.48
C ARG A 12 -6.96 13.65 3.44
N ARG A 13 -6.32 13.85 4.64
CA ARG A 13 -4.91 13.72 4.89
C ARG A 13 -4.71 12.34 5.46
N VAL A 14 -3.66 11.67 4.94
CA VAL A 14 -3.49 10.24 4.89
C VAL A 14 -2.11 9.96 5.36
N LEU A 15 -2.08 9.07 6.37
CA LEU A 15 -0.92 8.59 7.08
C LEU A 15 -1.18 7.11 7.30
N PHE A 16 -0.25 6.22 6.84
CA PHE A 16 -0.31 4.78 6.91
C PHE A 16 0.34 4.28 8.19
N THR A 17 -0.29 3.25 8.82
CA THR A 17 0.17 2.49 9.98
C THR A 17 0.50 1.08 9.51
N LYS A 18 0.72 0.13 10.46
CA LYS A 18 1.17 -1.24 10.23
C LYS A 18 0.07 -2.23 9.90
N ALA A 19 -1.17 -1.75 9.61
CA ALA A 19 -2.24 -2.44 8.90
C ALA A 19 -2.12 -2.33 7.38
N GLN A 20 -1.74 -1.11 6.88
CA GLN A 20 -1.78 -0.64 5.51
C GLN A 20 -0.62 -1.19 4.70
N THR A 21 0.62 -0.98 5.24
CA THR A 21 1.91 -1.39 4.72
C THR A 21 2.06 -2.90 4.71
N TYR A 22 1.56 -3.57 5.80
CA TYR A 22 1.47 -5.01 6.01
C TYR A 22 0.74 -5.76 4.92
N GLU A 23 -0.54 -5.36 4.63
CA GLU A 23 -1.46 -5.99 3.66
C GLU A 23 -1.03 -5.90 2.20
N LEU A 24 -0.47 -4.72 1.80
CA LEU A 24 0.03 -4.42 0.45
C LEU A 24 1.25 -5.22 0.02
N GLU A 25 2.21 -5.46 0.96
CA GLU A 25 3.41 -6.25 0.80
C GLU A 25 3.21 -7.74 0.84
N ARG A 26 2.13 -8.25 1.55
CA ARG A 26 1.78 -9.67 1.59
C ARG A 26 1.30 -10.18 0.27
N ARG A 27 0.28 -9.46 -0.32
CA ARG A 27 -0.36 -9.95 -1.53
C ARG A 27 0.37 -9.54 -2.82
N PHE A 28 1.45 -8.69 -2.69
CA PHE A 28 2.51 -8.45 -3.68
C PHE A 28 3.52 -9.60 -3.79
N ARG A 29 3.79 -10.38 -2.69
CA ARG A 29 4.55 -11.63 -2.68
C ARG A 29 3.78 -12.83 -3.24
N GLN A 30 2.43 -12.86 -3.09
CA GLN A 30 1.53 -13.93 -3.45
C GLN A 30 0.94 -13.76 -4.85
N GLN A 31 0.86 -12.50 -5.39
CA GLN A 31 0.22 -12.20 -6.64
C GLN A 31 1.09 -11.19 -7.36
N ARG A 32 0.75 -10.91 -8.65
CA ARG A 32 1.18 -9.76 -9.42
C ARG A 32 0.04 -8.78 -9.59
N TYR A 33 -1.17 -9.35 -9.88
CA TYR A 33 -2.33 -8.70 -10.41
C TYR A 33 -3.51 -9.21 -9.61
N LEU A 34 -4.57 -8.36 -9.49
CA LEU A 34 -5.67 -8.56 -8.58
C LEU A 34 -6.81 -7.76 -9.13
N SER A 35 -7.94 -8.47 -9.42
CA SER A 35 -9.15 -7.99 -10.07
C SER A 35 -10.17 -7.57 -9.03
N ALA A 36 -11.19 -6.78 -9.49
CA ALA A 36 -12.21 -6.02 -8.74
C ALA A 36 -12.93 -6.64 -7.53
N PRO A 37 -13.34 -7.93 -7.41
CA PRO A 37 -14.03 -8.46 -6.23
C PRO A 37 -13.15 -8.58 -4.97
N GLU A 38 -11.83 -8.89 -5.11
CA GLU A 38 -10.84 -8.96 -4.03
C GLU A 38 -10.07 -7.67 -3.82
N ARG A 39 -9.80 -6.89 -4.92
CA ARG A 39 -9.09 -5.61 -4.99
C ARG A 39 -9.75 -4.46 -4.24
N GLU A 40 -11.09 -4.34 -4.38
CA GLU A 40 -11.97 -3.33 -3.82
C GLU A 40 -12.40 -3.66 -2.40
N HIS A 41 -12.29 -4.96 -2.01
CA HIS A 41 -12.52 -5.52 -0.68
C HIS A 41 -11.36 -5.27 0.27
N LEU A 42 -10.14 -5.06 -0.32
CA LEU A 42 -8.87 -4.65 0.28
C LEU A 42 -8.95 -3.22 0.75
N ALA A 43 -9.30 -2.35 -0.22
CA ALA A 43 -9.52 -0.91 -0.15
C ALA A 43 -10.65 -0.44 0.74
N SER A 44 -11.72 -1.27 0.92
CA SER A 44 -12.87 -0.99 1.78
C SER A 44 -12.66 -1.37 3.22
N LEU A 45 -11.96 -2.51 3.49
CA LEU A 45 -11.66 -3.02 4.81
C LEU A 45 -10.41 -2.41 5.43
N ILE A 46 -9.48 -1.85 4.59
CA ILE A 46 -8.26 -1.17 5.04
C ILE A 46 -8.47 0.34 5.05
N ARG A 47 -9.49 0.84 4.29
CA ARG A 47 -10.08 2.18 4.33
C ARG A 47 -9.28 3.19 3.53
N LEU A 48 -9.15 2.98 2.20
CA LEU A 48 -8.47 3.86 1.27
C LEU A 48 -9.32 3.98 0.02
N THR A 49 -8.75 4.63 -1.04
CA THR A 49 -9.36 4.91 -2.34
C THR A 49 -8.97 3.81 -3.35
N PRO A 50 -9.82 3.45 -4.35
CA PRO A 50 -9.52 2.55 -5.47
C PRO A 50 -8.41 3.01 -6.42
N THR A 51 -8.10 4.34 -6.47
CA THR A 51 -7.12 4.96 -7.34
C THR A 51 -5.73 4.92 -6.72
N GLN A 52 -5.58 4.92 -5.35
CA GLN A 52 -4.31 4.84 -4.67
C GLN A 52 -3.80 3.41 -4.55
N VAL A 53 -4.73 2.41 -4.45
CA VAL A 53 -4.44 0.97 -4.50
C VAL A 53 -3.96 0.50 -5.88
N LYS A 54 -4.62 0.96 -6.99
CA LYS A 54 -4.25 0.65 -8.39
C LYS A 54 -2.91 1.23 -8.83
N ILE A 55 -2.54 2.48 -8.39
CA ILE A 55 -1.25 3.10 -8.70
C ILE A 55 -0.13 2.77 -7.71
N TRP A 56 -0.40 2.04 -6.57
CA TRP A 56 0.60 1.41 -5.70
C TRP A 56 1.15 0.15 -6.34
N PHE A 57 0.27 -0.68 -6.97
CA PHE A 57 0.63 -1.91 -7.68
C PHE A 57 1.23 -1.67 -9.06
N GLN A 58 1.02 -0.45 -9.62
CA GLN A 58 1.59 0.07 -10.85
C GLN A 58 3.04 0.51 -10.68
N ASN A 59 3.36 1.12 -9.51
CA ASN A 59 4.64 1.74 -9.20
C ASN A 59 5.63 0.80 -8.51
N HIS A 60 5.14 -0.19 -7.71
CA HIS A 60 5.94 -1.06 -6.88
C HIS A 60 6.39 -2.35 -7.56
N ARG A 61 6.67 -2.35 -8.91
CA ARG A 61 7.17 -3.40 -9.82
C ARG A 61 8.15 -4.45 -9.27
N TYR A 62 9.12 -4.04 -8.39
CA TYR A 62 9.67 -4.85 -7.32
C TYR A 62 10.93 -5.62 -7.68
N LYS A 63 10.94 -6.25 -8.89
CA LYS A 63 11.83 -7.33 -9.40
C LYS A 63 12.14 -8.48 -8.44
N THR A 64 11.11 -8.80 -7.59
CA THR A 64 11.15 -9.52 -6.33
C THR A 64 10.90 -11.02 -6.55
N LYS A 65 9.95 -11.35 -7.47
CA LYS A 65 9.45 -12.69 -7.77
C LYS A 65 10.24 -13.38 -8.88
N ARG A 66 11.53 -12.97 -9.03
CA ARG A 66 12.57 -13.64 -9.79
C ARG A 66 13.78 -13.46 -8.92
N ALA A 67 14.48 -14.58 -8.62
CA ALA A 67 15.48 -14.74 -7.59
C ALA A 67 16.87 -14.66 -8.18
N GLN A 68 17.46 -13.43 -8.13
CA GLN A 68 18.70 -13.01 -8.79
C GLN A 68 19.90 -12.86 -7.89
N ASN A 69 19.73 -13.49 -6.74
CA ASN A 69 20.51 -13.60 -5.53
C ASN A 69 21.81 -14.30 -5.62
N GLU A 70 21.83 -15.44 -6.37
CA GLU A 70 21.66 -16.81 -5.82
C GLU A 70 22.39 -17.22 -4.56
N LYS A 71 23.71 -17.40 -4.64
CA LYS A 71 24.60 -17.58 -3.52
C LYS A 71 25.66 -16.53 -3.48
N GLY A 72 25.58 -15.70 -2.41
CA GLY A 72 26.53 -14.71 -1.94
C GLY A 72 26.62 -13.47 -2.78
N TYR A 73 25.58 -12.62 -2.64
CA TYR A 73 25.36 -11.37 -3.36
C TYR A 73 26.27 -10.24 -2.94
N GLU A 74 26.11 -9.85 -1.67
CA GLU A 74 26.98 -9.11 -0.81
C GLU A 74 26.08 -8.76 0.34
N GLY A 75 25.44 -7.57 0.22
CA GLY A 75 24.53 -6.96 1.19
C GLY A 75 25.26 -5.87 1.91
N HIS A 76 26.22 -6.29 2.79
CA HIS A 76 27.11 -5.46 3.58
C HIS A 76 28.51 -5.62 3.00
N PRO A 77 29.49 -4.73 3.29
CA PRO A 77 30.88 -4.91 2.88
C PRO A 77 31.53 -6.09 3.60
N ALA A 1 -20.47 15.16 9.63
CA ALA A 1 -19.35 15.47 8.71
C ALA A 1 -18.04 15.40 9.44
N SER A 2 -17.90 16.21 10.53
CA SER A 2 -16.72 16.29 11.35
C SER A 2 -17.18 16.69 12.75
N ASP A 3 -18.45 16.35 13.15
CA ASP A 3 -19.08 16.79 14.40
C ASP A 3 -19.40 15.57 15.22
N GLY A 4 -18.56 15.26 16.23
CA GLY A 4 -18.76 14.21 17.21
C GLY A 4 -17.63 13.23 17.08
N LEU A 5 -17.93 12.04 16.52
CA LEU A 5 -16.97 11.01 16.18
C LEU A 5 -17.43 10.30 14.91
N PRO A 6 -17.50 10.90 13.69
CA PRO A 6 -18.01 10.23 12.50
C PRO A 6 -16.88 9.49 11.76
N ASN A 7 -17.22 8.42 10.99
CA ASN A 7 -16.28 7.59 10.23
C ASN A 7 -16.18 8.02 8.77
N LYS A 8 -16.88 9.13 8.39
CA LYS A 8 -16.88 9.78 7.10
C LYS A 8 -16.05 11.04 7.23
N LYS A 9 -14.96 11.11 6.40
CA LYS A 9 -13.88 12.10 6.39
C LYS A 9 -12.87 11.82 7.49
N ARG A 10 -12.59 10.51 7.70
CA ARG A 10 -11.69 9.99 8.71
C ARG A 10 -11.05 8.79 8.04
N LYS A 11 -10.24 9.07 7.00
CA LYS A 11 -9.45 8.09 6.26
C LYS A 11 -8.21 8.82 5.81
N ARG A 12 -8.33 10.18 5.65
CA ARG A 12 -7.38 11.21 5.19
C ARG A 12 -5.90 11.05 5.49
N ARG A 13 -5.54 11.15 6.80
CA ARG A 13 -4.20 11.21 7.36
C ARG A 13 -3.51 9.87 7.41
N VAL A 14 -2.14 9.94 7.42
CA VAL A 14 -1.24 8.88 7.04
C VAL A 14 -0.59 8.29 8.26
N LEU A 15 -0.52 6.94 8.28
CA LEU A 15 0.17 6.17 9.29
C LEU A 15 0.60 4.93 8.56
N PHE A 16 1.95 4.69 8.47
CA PHE A 16 2.59 3.49 7.98
C PHE A 16 3.15 2.77 9.19
N THR A 17 2.30 1.88 9.74
CA THR A 17 2.50 1.03 10.90
C THR A 17 2.49 -0.42 10.43
N LYS A 18 2.41 -1.41 11.38
CA LYS A 18 2.54 -2.85 11.17
C LYS A 18 1.32 -3.55 10.61
N ALA A 19 0.19 -2.81 10.42
CA ALA A 19 -1.01 -3.20 9.69
C ALA A 19 -0.85 -3.06 8.18
N GLN A 20 -0.19 -1.94 7.77
CA GLN A 20 0.02 -1.43 6.43
C GLN A 20 1.03 -2.23 5.64
N THR A 21 2.23 -2.49 6.24
CA THR A 21 3.35 -3.21 5.63
C THR A 21 3.09 -4.72 5.52
N TYR A 22 2.26 -5.27 6.46
CA TYR A 22 1.78 -6.65 6.55
C TYR A 22 0.87 -7.04 5.40
N GLU A 23 -0.19 -6.23 5.15
CA GLU A 23 -1.23 -6.46 4.14
C GLU A 23 -0.80 -6.24 2.69
N LEU A 24 0.08 -5.23 2.45
CA LEU A 24 0.66 -4.87 1.16
C LEU A 24 1.67 -5.86 0.61
N GLU A 25 2.56 -6.40 1.48
CA GLU A 25 3.49 -7.48 1.19
C GLU A 25 2.88 -8.86 1.01
N ARG A 26 1.75 -9.16 1.73
CA ARG A 26 1.07 -10.47 1.70
C ARG A 26 0.21 -10.73 0.49
N ARG A 27 -0.37 -9.65 -0.12
CA ARG A 27 -0.94 -9.69 -1.47
C ARG A 27 0.12 -9.62 -2.57
N PHE A 28 1.33 -9.00 -2.33
CA PHE A 28 2.43 -8.91 -3.31
C PHE A 28 3.16 -10.24 -3.58
N ARG A 29 3.03 -11.24 -2.66
CA ARG A 29 3.52 -12.61 -2.78
C ARG A 29 2.72 -13.48 -3.74
N GLN A 30 1.36 -13.40 -3.66
CA GLN A 30 0.39 -14.22 -4.35
C GLN A 30 -0.09 -13.58 -5.65
N GLN A 31 0.03 -12.23 -5.82
CA GLN A 31 -0.36 -11.55 -7.05
C GLN A 31 0.40 -10.25 -7.17
N ARG A 32 0.28 -9.61 -8.36
CA ARG A 32 0.81 -8.31 -8.73
C ARG A 32 -0.32 -7.31 -8.76
N TYR A 33 -1.50 -7.81 -9.19
CA TYR A 33 -2.72 -7.08 -9.45
C TYR A 33 -3.82 -7.86 -8.80
N LEU A 34 -4.82 -7.14 -8.21
CA LEU A 34 -5.80 -7.61 -7.24
C LEU A 34 -7.11 -7.70 -8.08
N SER A 35 -8.13 -6.80 -7.96
CA SER A 35 -8.93 -6.25 -9.04
C SER A 35 -9.42 -4.95 -8.44
N ALA A 36 -10.53 -4.36 -8.99
CA ALA A 36 -11.09 -3.07 -8.53
C ALA A 36 -11.87 -3.10 -7.22
N PRO A 37 -12.91 -3.94 -6.95
CA PRO A 37 -13.66 -3.94 -5.69
C PRO A 37 -12.93 -4.52 -4.49
N GLU A 38 -11.76 -5.17 -4.71
CA GLU A 38 -10.90 -5.80 -3.71
C GLU A 38 -9.70 -4.94 -3.31
N ARG A 39 -9.23 -3.95 -4.15
CA ARG A 39 -8.22 -2.95 -3.81
C ARG A 39 -8.83 -1.76 -3.08
N GLU A 40 -10.12 -1.40 -3.35
CA GLU A 40 -10.84 -0.31 -2.68
C GLU A 40 -11.40 -0.72 -1.32
N HIS A 41 -11.63 -2.04 -1.12
CA HIS A 41 -12.12 -2.69 0.09
C HIS A 41 -11.00 -2.97 1.07
N LEU A 42 -9.76 -3.14 0.53
CA LEU A 42 -8.48 -3.24 1.21
C LEU A 42 -8.00 -1.89 1.72
N ALA A 43 -8.42 -0.78 1.05
CA ALA A 43 -8.17 0.61 1.38
C ALA A 43 -9.10 1.13 2.47
N SER A 44 -10.35 0.60 2.53
CA SER A 44 -11.33 0.89 3.57
C SER A 44 -11.12 0.08 4.84
N LEU A 45 -10.47 -1.11 4.69
CA LEU A 45 -10.05 -2.03 5.74
C LEU A 45 -8.82 -1.54 6.50
N ILE A 46 -7.85 -0.93 5.77
CA ILE A 46 -6.55 -0.53 6.31
C ILE A 46 -6.47 0.94 6.62
N ARG A 47 -7.44 1.76 6.09
CA ARG A 47 -7.78 3.13 6.44
C ARG A 47 -6.98 4.15 5.63
N LEU A 48 -6.68 3.78 4.36
CA LEU A 48 -5.85 4.49 3.41
C LEU A 48 -6.70 4.87 2.22
N THR A 49 -6.10 5.58 1.23
CA THR A 49 -6.72 6.05 0.00
C THR A 49 -6.51 5.01 -1.12
N PRO A 50 -7.48 4.77 -2.04
CA PRO A 50 -7.35 3.93 -3.24
C PRO A 50 -6.30 4.35 -4.27
N THR A 51 -5.83 5.63 -4.23
CA THR A 51 -4.86 6.24 -5.12
C THR A 51 -3.44 5.98 -4.64
N GLN A 52 -3.18 5.84 -3.30
CA GLN A 52 -1.86 5.56 -2.74
C GLN A 52 -1.51 4.07 -2.81
N VAL A 53 -2.55 3.18 -2.65
CA VAL A 53 -2.46 1.72 -2.81
C VAL A 53 -2.27 1.30 -4.27
N LYS A 54 -2.92 2.01 -5.24
CA LYS A 54 -2.76 1.92 -6.69
C LYS A 54 -1.32 2.17 -7.15
N ILE A 55 -0.66 3.28 -6.69
CA ILE A 55 0.71 3.61 -7.05
C ILE A 55 1.80 2.90 -6.23
N TRP A 56 1.43 2.15 -5.13
CA TRP A 56 2.31 1.24 -4.39
C TRP A 56 2.54 -0.05 -5.16
N PHE A 57 1.45 -0.60 -5.79
CA PHE A 57 1.43 -1.81 -6.59
C PHE A 57 1.81 -1.59 -8.04
N GLN A 58 1.89 -0.31 -8.49
CA GLN A 58 2.36 0.15 -9.79
C GLN A 58 3.88 0.17 -9.87
N ASN A 59 4.55 0.60 -8.76
CA ASN A 59 6.00 0.80 -8.66
C ASN A 59 6.75 -0.46 -8.23
N HIS A 60 6.07 -1.40 -7.51
CA HIS A 60 6.64 -2.64 -6.99
C HIS A 60 6.84 -3.76 -8.01
N ARG A 61 5.97 -3.90 -9.04
CA ARG A 61 5.99 -4.95 -10.07
C ARG A 61 6.89 -4.68 -11.28
N TYR A 62 8.15 -4.20 -11.07
CA TYR A 62 9.23 -4.57 -11.96
C TYR A 62 10.32 -3.59 -11.68
N LYS A 63 11.40 -4.12 -11.05
CA LYS A 63 12.65 -3.54 -10.54
C LYS A 63 12.40 -3.42 -9.05
N THR A 64 12.36 -4.59 -8.35
CA THR A 64 11.76 -4.76 -7.04
C THR A 64 12.76 -4.60 -5.90
N LYS A 65 14.05 -5.00 -6.13
CA LYS A 65 15.23 -4.73 -5.34
C LYS A 65 15.91 -3.46 -5.82
N ARG A 66 15.21 -2.29 -5.74
CA ARG A 66 15.66 -1.03 -6.26
C ARG A 66 15.35 0.03 -5.23
N ALA A 67 15.75 -0.28 -3.95
CA ALA A 67 15.70 0.59 -2.79
C ALA A 67 17.08 1.16 -2.51
N GLN A 68 18.14 0.45 -3.01
CA GLN A 68 19.57 0.77 -3.07
C GLN A 68 19.94 1.97 -3.90
N ASN A 69 19.09 2.13 -4.92
CA ASN A 69 19.09 3.14 -5.93
C ASN A 69 17.66 3.56 -6.04
N GLU A 70 17.30 4.32 -4.99
CA GLU A 70 16.31 5.37 -4.94
C GLU A 70 17.09 6.64 -5.14
N LYS A 71 16.55 7.49 -6.04
CA LYS A 71 17.14 8.63 -6.74
C LYS A 71 17.88 9.64 -5.87
N GLY A 72 19.18 9.77 -6.21
CA GLY A 72 20.23 10.08 -5.30
C GLY A 72 21.49 9.75 -6.05
N TYR A 73 22.03 8.52 -5.87
CA TYR A 73 22.95 7.89 -6.84
C TYR A 73 23.73 6.60 -6.51
N GLU A 74 23.66 6.01 -5.29
CA GLU A 74 24.64 5.11 -4.71
C GLU A 74 24.10 3.71 -4.63
N GLY A 75 23.95 3.07 -5.82
CA GLY A 75 23.50 1.70 -5.92
C GLY A 75 23.74 1.26 -7.33
N HIS A 76 24.90 0.59 -7.58
CA HIS A 76 25.32 0.06 -8.87
C HIS A 76 25.37 -1.46 -8.72
N PRO A 77 24.90 -2.28 -9.68
CA PRO A 77 25.01 -3.73 -9.62
C PRO A 77 26.44 -4.16 -9.90
N ALA A 1 -24.83 25.27 16.58
CA ALA A 1 -23.90 25.26 15.41
C ALA A 1 -22.50 25.66 15.80
N SER A 2 -22.08 25.40 17.07
CA SER A 2 -20.81 25.82 17.60
C SER A 2 -20.45 24.95 18.81
N ASP A 3 -21.08 23.74 18.95
CA ASP A 3 -20.80 22.77 20.01
C ASP A 3 -20.52 21.46 19.32
N GLY A 4 -19.38 21.41 18.59
CA GLY A 4 -18.88 20.28 17.81
C GLY A 4 -19.40 20.27 16.39
N LEU A 5 -18.48 20.20 15.38
CA LEU A 5 -18.83 20.18 13.98
C LEU A 5 -17.57 19.70 13.25
N PRO A 6 -17.30 18.38 13.07
CA PRO A 6 -18.16 17.22 13.36
C PRO A 6 -18.13 16.86 14.85
N ASN A 7 -19.27 16.31 15.36
CA ASN A 7 -19.50 15.97 16.76
C ASN A 7 -19.30 14.48 16.98
N LYS A 8 -18.26 13.91 16.32
CA LYS A 8 -17.77 12.55 16.45
C LYS A 8 -16.27 12.71 16.41
N LYS A 9 -15.59 12.00 15.47
CA LYS A 9 -14.16 12.10 15.25
C LYS A 9 -13.92 11.67 13.84
N ARG A 10 -12.77 12.13 13.26
CA ARG A 10 -12.25 11.75 11.96
C ARG A 10 -10.95 11.04 12.20
N LYS A 11 -10.71 9.93 11.45
CA LYS A 11 -9.53 9.07 11.50
C LYS A 11 -8.65 9.38 10.30
N ARG A 12 -9.31 9.59 9.12
CA ARG A 12 -8.91 10.37 7.96
C ARG A 12 -7.63 10.05 7.20
N ARG A 13 -6.47 10.53 7.73
CA ARG A 13 -5.18 10.69 7.05
C ARG A 13 -4.36 9.42 7.11
N VAL A 14 -3.22 9.44 6.35
CA VAL A 14 -2.43 8.30 5.93
C VAL A 14 -1.21 8.15 6.81
N LEU A 15 -0.88 6.88 7.14
CA LEU A 15 0.32 6.50 7.86
C LEU A 15 0.71 5.18 7.25
N PHE A 16 2.04 4.97 7.02
CA PHE A 16 2.69 3.74 6.67
C PHE A 16 3.44 3.26 7.90
N THR A 17 2.80 2.34 8.64
CA THR A 17 3.28 1.65 9.82
C THR A 17 3.21 0.16 9.54
N LYS A 18 3.35 -0.72 10.59
CA LYS A 18 3.53 -2.16 10.52
C LYS A 18 2.31 -2.99 10.14
N ALA A 19 1.09 -2.38 10.16
CA ALA A 19 -0.18 -2.95 9.71
C ALA A 19 -0.34 -2.92 8.20
N GLN A 20 0.20 -1.83 7.59
CA GLN A 20 0.10 -1.45 6.18
C GLN A 20 1.04 -2.28 5.33
N THR A 21 2.29 -2.50 5.83
CA THR A 21 3.35 -3.28 5.20
C THR A 21 3.09 -4.79 5.29
N TYR A 22 2.40 -5.24 6.37
CA TYR A 22 1.96 -6.61 6.65
C TYR A 22 0.93 -7.12 5.64
N GLU A 23 -0.13 -6.32 5.40
CA GLU A 23 -1.26 -6.66 4.51
C GLU A 23 -0.96 -6.57 3.02
N LEU A 24 -0.13 -5.59 2.57
CA LEU A 24 0.30 -5.39 1.18
C LEU A 24 1.23 -6.45 0.65
N GLU A 25 2.25 -6.87 1.47
CA GLU A 25 3.17 -7.96 1.20
C GLU A 25 2.57 -9.35 1.26
N ARG A 26 1.53 -9.59 2.11
CA ARG A 26 0.85 -10.87 2.27
C ARG A 26 -0.13 -11.24 1.18
N ARG A 27 -0.78 -10.22 0.53
CA ARG A 27 -1.51 -10.38 -0.73
C ARG A 27 -0.58 -10.48 -1.95
N PHE A 28 0.67 -9.89 -1.89
CA PHE A 28 1.66 -9.84 -2.96
C PHE A 28 2.28 -11.20 -3.30
N ARG A 29 2.70 -12.01 -2.28
CA ARG A 29 3.24 -13.40 -2.36
C ARG A 29 2.29 -14.43 -3.01
N GLN A 30 0.95 -14.17 -2.97
CA GLN A 30 -0.12 -15.00 -3.45
C GLN A 30 -0.61 -14.57 -4.84
N GLN A 31 -0.55 -13.25 -5.20
CA GLN A 31 -1.24 -12.73 -6.38
C GLN A 31 -0.75 -11.32 -6.58
N ARG A 32 -0.73 -10.83 -7.85
CA ARG A 32 -0.26 -9.51 -8.25
C ARG A 32 -1.44 -8.58 -8.47
N TYR A 33 -2.55 -9.15 -8.99
CA TYR A 33 -3.79 -8.48 -9.30
C TYR A 33 -4.89 -9.04 -8.43
N LEU A 34 -5.68 -8.08 -7.92
CA LEU A 34 -6.76 -8.17 -6.94
C LEU A 34 -7.71 -7.15 -7.47
N SER A 35 -8.96 -7.59 -7.78
CA SER A 35 -9.99 -6.85 -8.52
C SER A 35 -10.76 -5.92 -7.62
N ALA A 36 -11.53 -4.95 -8.19
CA ALA A 36 -12.29 -3.85 -7.58
C ALA A 36 -13.08 -4.08 -6.28
N PRO A 37 -13.89 -5.14 -6.05
CA PRO A 37 -14.61 -5.36 -4.78
C PRO A 37 -13.72 -5.79 -3.61
N GLU A 38 -12.58 -6.49 -3.87
CA GLU A 38 -11.59 -6.91 -2.88
C GLU A 38 -10.41 -5.94 -2.74
N ARG A 39 -10.15 -5.04 -3.73
CA ARG A 39 -9.05 -4.06 -3.79
C ARG A 39 -9.37 -2.82 -2.97
N GLU A 40 -10.65 -2.34 -3.03
CA GLU A 40 -11.15 -1.16 -2.33
C GLU A 40 -11.59 -1.48 -0.90
N HIS A 41 -11.82 -2.79 -0.59
CA HIS A 41 -12.15 -3.36 0.69
C HIS A 41 -10.90 -3.59 1.54
N LEU A 42 -9.72 -3.73 0.86
CA LEU A 42 -8.34 -3.73 1.39
C LEU A 42 -7.96 -2.39 1.99
N ALA A 43 -8.23 -1.35 1.18
CA ALA A 43 -8.09 0.09 1.43
C ALA A 43 -8.98 0.68 2.51
N SER A 44 -10.22 0.14 2.69
CA SER A 44 -11.19 0.54 3.69
C SER A 44 -10.98 -0.13 5.03
N LEU A 45 -10.38 -1.36 5.02
CA LEU A 45 -10.02 -2.17 6.17
C LEU A 45 -8.76 -1.67 6.87
N ILE A 46 -7.79 -1.12 6.09
CA ILE A 46 -6.49 -0.71 6.57
C ILE A 46 -6.37 0.80 6.72
N ARG A 47 -7.22 1.59 5.98
CA ARG A 47 -7.37 3.05 6.00
C ARG A 47 -6.39 3.77 5.09
N LEU A 48 -6.57 3.65 3.75
CA LEU A 48 -5.87 4.43 2.74
C LEU A 48 -6.89 4.77 1.66
N THR A 49 -6.39 5.25 0.50
CA THR A 49 -7.13 5.58 -0.71
C THR A 49 -7.00 4.39 -1.69
N PRO A 50 -8.05 4.05 -2.50
CA PRO A 50 -8.03 3.06 -3.58
C PRO A 50 -7.07 3.35 -4.75
N THR A 51 -6.61 4.63 -4.92
CA THR A 51 -5.74 5.11 -5.97
C THR A 51 -4.27 4.91 -5.60
N GLN A 52 -3.90 4.94 -4.28
CA GLN A 52 -2.53 4.73 -3.81
C GLN A 52 -2.18 3.25 -3.69
N VAL A 53 -3.19 2.39 -3.34
CA VAL A 53 -3.07 0.92 -3.33
C VAL A 53 -2.99 0.33 -4.74
N LYS A 54 -3.73 0.91 -5.74
CA LYS A 54 -3.67 0.63 -7.17
C LYS A 54 -2.29 0.85 -7.79
N ILE A 55 -1.61 2.01 -7.49
CA ILE A 55 -0.26 2.30 -7.98
C ILE A 55 0.88 1.72 -7.14
N TRP A 56 0.59 1.09 -5.95
CA TRP A 56 1.51 0.25 -5.17
C TRP A 56 1.71 -1.10 -5.83
N PHE A 57 0.61 -1.73 -6.33
CA PHE A 57 0.57 -3.03 -6.99
C PHE A 57 0.89 -2.96 -8.47
N GLN A 58 0.92 -1.75 -9.05
CA GLN A 58 1.39 -1.41 -10.39
C GLN A 58 2.91 -1.32 -10.44
N ASN A 59 3.54 -0.84 -9.33
CA ASN A 59 4.98 -0.59 -9.19
C ASN A 59 5.75 -1.78 -8.66
N HIS A 60 5.20 -2.53 -7.66
CA HIS A 60 5.90 -3.52 -6.85
C HIS A 60 6.09 -4.88 -7.47
N ARG A 61 5.39 -5.23 -8.61
CA ARG A 61 5.75 -6.15 -9.65
C ARG A 61 6.50 -5.35 -10.67
N TYR A 62 7.79 -5.09 -10.49
CA TYR A 62 8.80 -5.67 -9.65
C TYR A 62 9.84 -4.70 -9.17
N LYS A 63 9.44 -3.71 -8.34
CA LYS A 63 10.35 -3.01 -7.47
C LYS A 63 10.07 -3.58 -6.11
N THR A 64 10.41 -4.91 -6.07
CA THR A 64 10.13 -5.99 -5.14
C THR A 64 10.92 -5.95 -3.83
N LYS A 65 11.30 -4.72 -3.33
CA LYS A 65 12.42 -4.26 -2.51
C LYS A 65 13.08 -5.19 -1.52
N ARG A 66 13.78 -6.18 -2.14
CA ARG A 66 14.75 -7.14 -1.66
C ARG A 66 16.14 -6.61 -1.96
N ALA A 67 16.54 -5.48 -1.30
CA ALA A 67 17.77 -4.75 -1.54
C ALA A 67 18.84 -5.08 -0.52
N GLN A 68 18.61 -6.16 0.29
CA GLN A 68 19.46 -6.61 1.40
C GLN A 68 20.27 -7.82 1.11
N ASN A 69 20.24 -8.14 -0.18
CA ASN A 69 21.30 -8.76 -0.92
C ASN A 69 20.84 -9.03 -2.33
N GLU A 70 19.52 -9.35 -2.49
CA GLU A 70 18.95 -10.43 -3.33
C GLU A 70 19.47 -10.50 -4.76
N LYS A 71 20.10 -11.68 -5.04
CA LYS A 71 21.50 -11.87 -5.44
C LYS A 71 22.08 -11.03 -6.57
N GLY A 72 23.08 -10.19 -6.18
CA GLY A 72 23.87 -9.28 -6.98
C GLY A 72 23.22 -7.94 -7.19
N TYR A 73 22.76 -7.31 -6.07
CA TYR A 73 21.99 -6.07 -6.01
C TYR A 73 22.79 -4.81 -6.22
N GLU A 74 23.85 -4.66 -5.41
CA GLU A 74 24.86 -3.63 -5.43
C GLU A 74 26.19 -4.33 -5.53
N GLY A 75 26.35 -5.17 -6.59
CA GLY A 75 27.56 -5.92 -6.84
C GLY A 75 27.33 -6.80 -8.03
N HIS A 76 27.62 -6.26 -9.24
CA HIS A 76 27.57 -6.96 -10.51
C HIS A 76 28.70 -6.41 -11.39
N PRO A 77 28.83 -5.13 -11.76
CA PRO A 77 29.99 -4.62 -12.49
C PRO A 77 31.20 -4.54 -11.56
N ALA A 1 -6.61 18.10 24.54
CA ALA A 1 -7.78 18.54 23.74
C ALA A 1 -8.30 17.41 22.88
N SER A 2 -8.50 16.21 23.48
CA SER A 2 -8.99 15.03 22.80
C SER A 2 -9.69 14.22 23.88
N ASP A 3 -9.64 12.87 23.79
CA ASP A 3 -10.19 11.95 24.76
C ASP A 3 -9.33 10.70 24.71
N GLY A 4 -8.16 10.78 24.02
CA GLY A 4 -7.25 9.68 23.84
C GLY A 4 -6.39 10.06 22.68
N LEU A 5 -6.16 9.09 21.75
CA LEU A 5 -5.40 9.26 20.54
C LEU A 5 -5.73 8.22 19.48
N PRO A 6 -5.91 6.87 19.66
CA PRO A 6 -5.89 5.91 18.56
C PRO A 6 -7.31 5.62 18.06
N ASN A 7 -8.04 6.65 17.56
CA ASN A 7 -9.39 6.57 17.08
C ASN A 7 -9.59 7.78 16.20
N LYS A 8 -8.87 8.88 16.55
CA LYS A 8 -8.88 10.20 15.94
C LYS A 8 -7.72 10.29 14.97
N LYS A 9 -6.60 9.63 15.33
CA LYS A 9 -5.38 9.57 14.56
C LYS A 9 -4.75 8.25 14.91
N ARG A 10 -4.94 7.25 14.01
CA ARG A 10 -4.30 5.95 14.07
C ARG A 10 -3.79 5.63 12.68
N LYS A 11 -4.24 6.43 11.65
CA LYS A 11 -3.69 6.48 10.31
C LYS A 11 -3.26 7.91 10.12
N ARG A 12 -4.24 8.86 10.09
CA ARG A 12 -4.13 10.31 10.09
C ARG A 12 -3.50 10.96 8.87
N ARG A 13 -2.14 10.98 8.87
CA ARG A 13 -1.23 11.50 7.86
C ARG A 13 -0.77 10.34 7.03
N VAL A 14 0.25 10.58 6.18
CA VAL A 14 0.60 9.88 4.95
C VAL A 14 1.05 8.44 5.11
N LEU A 15 2.36 8.30 5.35
CA LEU A 15 3.17 7.09 5.50
C LEU A 15 2.71 6.11 6.58
N PHE A 16 2.80 4.80 6.22
CA PHE A 16 2.06 3.68 6.75
C PHE A 16 2.84 2.93 7.81
N THR A 17 2.08 2.32 8.78
CA THR A 17 2.58 1.63 9.97
C THR A 17 2.48 0.12 9.78
N LYS A 18 2.73 -0.69 10.85
CA LYS A 18 3.05 -2.11 10.84
C LYS A 18 1.91 -3.09 10.55
N ALA A 19 0.63 -2.60 10.52
CA ALA A 19 -0.54 -3.32 10.04
C ALA A 19 -0.70 -3.21 8.53
N GLN A 20 -0.46 -1.97 8.00
CA GLN A 20 -0.63 -1.54 6.62
C GLN A 20 0.46 -2.09 5.72
N THR A 21 1.74 -2.00 6.16
CA THR A 21 2.96 -2.46 5.50
C THR A 21 3.00 -3.97 5.37
N TYR A 22 2.56 -4.69 6.45
CA TYR A 22 2.41 -6.14 6.58
C TYR A 22 1.51 -6.75 5.50
N GLU A 23 0.24 -6.27 5.39
CA GLU A 23 -0.79 -6.77 4.46
C GLU A 23 -0.50 -6.55 2.96
N LEU A 24 0.12 -5.38 2.63
CA LEU A 24 0.53 -4.97 1.28
C LEU A 24 1.64 -5.80 0.64
N GLU A 25 2.63 -6.22 1.45
CA GLU A 25 3.75 -7.08 1.13
C GLU A 25 3.38 -8.56 1.00
N ARG A 26 2.33 -9.03 1.74
CA ARG A 26 1.77 -10.39 1.64
C ARG A 26 1.14 -10.66 0.28
N ARG A 27 0.24 -9.73 -0.21
CA ARG A 27 -0.31 -9.73 -1.55
C ARG A 27 0.72 -9.61 -2.70
N PHE A 28 1.82 -8.78 -2.56
CA PHE A 28 2.85 -8.54 -3.59
C PHE A 28 3.73 -9.76 -3.90
N ARG A 29 3.88 -10.69 -2.92
CA ARG A 29 4.56 -11.98 -3.03
C ARG A 29 3.82 -13.02 -3.87
N GLN A 30 2.46 -13.05 -3.78
CA GLN A 30 1.55 -14.00 -4.33
C GLN A 30 0.99 -13.57 -5.69
N GLN A 31 0.89 -12.25 -5.97
CA GLN A 31 0.10 -11.74 -7.09
C GLN A 31 0.47 -10.29 -7.28
N ARG A 32 0.22 -9.71 -8.49
CA ARG A 32 0.40 -8.30 -8.80
C ARG A 32 -0.95 -7.62 -8.88
N TYR A 33 -1.95 -8.36 -9.44
CA TYR A 33 -3.30 -7.92 -9.72
C TYR A 33 -4.27 -8.68 -8.82
N LEU A 34 -5.31 -7.95 -8.39
CA LEU A 34 -6.31 -8.31 -7.41
C LEU A 34 -7.49 -7.48 -7.79
N SER A 35 -8.66 -8.14 -8.05
CA SER A 35 -9.89 -7.59 -8.63
C SER A 35 -10.73 -6.89 -7.57
N ALA A 36 -11.71 -6.03 -8.00
CA ALA A 36 -12.55 -5.14 -7.19
C ALA A 36 -13.31 -5.67 -5.97
N PRO A 37 -13.89 -6.90 -5.91
CA PRO A 37 -14.53 -7.47 -4.71
C PRO A 37 -13.56 -7.78 -3.56
N GLU A 38 -12.28 -8.13 -3.86
CA GLU A 38 -11.21 -8.38 -2.89
C GLU A 38 -10.23 -7.22 -2.71
N ARG A 39 -10.11 -6.24 -3.66
CA ARG A 39 -9.17 -5.12 -3.63
C ARG A 39 -9.69 -4.00 -2.74
N GLU A 40 -11.01 -3.69 -2.86
CA GLU A 40 -11.70 -2.60 -2.16
C GLU A 40 -12.14 -3.02 -0.77
N HIS A 41 -12.19 -4.36 -0.50
CA HIS A 41 -12.51 -5.01 0.75
C HIS A 41 -11.27 -5.13 1.63
N LEU A 42 -10.06 -5.11 0.99
CA LEU A 42 -8.73 -4.99 1.60
C LEU A 42 -8.46 -3.58 2.10
N ALA A 43 -9.00 -2.56 1.38
CA ALA A 43 -8.99 -1.14 1.71
C ALA A 43 -9.98 -0.75 2.79
N SER A 44 -11.12 -1.48 2.92
CA SER A 44 -12.16 -1.24 3.92
C SER A 44 -11.84 -1.84 5.28
N LEU A 45 -11.14 -2.99 5.31
CA LEU A 45 -10.68 -3.70 6.49
C LEU A 45 -9.37 -3.18 7.03
N ILE A 46 -8.51 -2.54 6.17
CA ILE A 46 -7.24 -1.94 6.60
C ILE A 46 -7.38 -0.45 6.86
N ARG A 47 -8.44 0.20 6.30
CA ARG A 47 -8.94 1.55 6.58
C ARG A 47 -8.24 2.62 5.74
N LEU A 48 -8.20 2.43 4.41
CA LEU A 48 -7.64 3.36 3.44
C LEU A 48 -8.63 3.44 2.29
N THR A 49 -8.22 4.06 1.15
CA THR A 49 -9.03 4.29 -0.03
C THR A 49 -8.65 3.25 -1.09
N PRO A 50 -9.59 2.74 -1.95
CA PRO A 50 -9.34 1.87 -3.09
C PRO A 50 -8.45 2.43 -4.21
N THR A 51 -8.28 3.78 -4.28
CA THR A 51 -7.54 4.51 -5.30
C THR A 51 -6.07 4.64 -4.91
N GLN A 52 -5.73 4.71 -3.57
CA GLN A 52 -4.37 4.79 -3.07
C GLN A 52 -3.69 3.42 -3.04
N VAL A 53 -4.49 2.32 -2.78
CA VAL A 53 -4.05 0.92 -2.81
C VAL A 53 -3.77 0.47 -4.23
N LYS A 54 -4.61 0.88 -5.23
CA LYS A 54 -4.41 0.69 -6.65
C LYS A 54 -3.19 1.42 -7.25
N ILE A 55 -2.77 2.66 -6.77
CA ILE A 55 -1.47 3.25 -7.13
C ILE A 55 -0.26 2.71 -6.33
N TRP A 56 -0.46 1.89 -5.24
CA TRP A 56 0.62 1.16 -4.54
C TRP A 56 1.08 -0.05 -5.34
N PHE A 57 0.11 -0.75 -6.02
CA PHE A 57 0.29 -1.91 -6.88
C PHE A 57 0.65 -1.56 -8.31
N GLN A 58 0.52 -0.25 -8.69
CA GLN A 58 1.08 0.41 -9.87
C GLN A 58 2.59 0.57 -9.77
N ASN A 59 3.08 0.94 -8.55
CA ASN A 59 4.45 1.32 -8.24
C ASN A 59 5.33 0.17 -7.81
N HIS A 60 4.75 -0.95 -7.27
CA HIS A 60 5.48 -2.13 -6.76
C HIS A 60 6.19 -2.92 -7.88
N ARG A 61 5.47 -3.07 -9.04
CA ARG A 61 5.84 -3.83 -10.25
C ARG A 61 6.71 -3.03 -11.20
N TYR A 62 7.64 -2.19 -10.67
CA TYR A 62 8.63 -1.48 -11.44
C TYR A 62 9.32 -0.66 -10.41
N LYS A 63 10.43 -1.26 -9.98
CA LYS A 63 11.59 -0.88 -9.19
C LYS A 63 11.84 -2.03 -8.25
N THR A 64 12.55 -3.08 -8.80
CA THR A 64 13.18 -4.29 -8.25
C THR A 64 14.07 -4.09 -7.03
N LYS A 65 15.41 -4.11 -7.29
CA LYS A 65 16.48 -4.37 -6.33
C LYS A 65 16.94 -3.13 -5.57
N ARG A 66 17.37 -2.07 -6.31
CA ARG A 66 17.70 -0.75 -5.77
C ARG A 66 16.58 0.14 -6.25
N ALA A 67 15.58 0.35 -5.36
CA ALA A 67 14.31 0.98 -5.68
C ALA A 67 14.28 2.44 -5.28
N GLN A 68 14.72 3.26 -6.25
CA GLN A 68 14.72 4.71 -6.33
C GLN A 68 13.35 5.30 -6.61
N ASN A 69 12.95 5.06 -7.87
CA ASN A 69 11.98 5.71 -8.79
C ASN A 69 10.51 5.58 -8.53
N GLU A 70 10.26 5.16 -7.29
CA GLU A 70 9.01 5.07 -6.57
C GLU A 70 8.68 6.43 -6.04
N LYS A 71 7.82 7.06 -6.88
CA LYS A 71 7.81 8.44 -7.37
C LYS A 71 7.96 9.60 -6.39
N GLY A 72 8.37 10.74 -7.00
CA GLY A 72 9.17 11.81 -6.45
C GLY A 72 10.50 11.75 -7.15
N TYR A 73 10.50 12.12 -8.48
CA TYR A 73 11.53 12.00 -9.54
C TYR A 73 12.90 12.64 -9.39
N GLU A 74 13.35 12.89 -8.14
CA GLU A 74 14.55 13.57 -7.75
C GLU A 74 15.25 12.75 -6.69
N GLY A 75 16.03 11.73 -7.13
CA GLY A 75 16.98 11.03 -6.28
C GLY A 75 17.05 9.58 -6.64
N HIS A 76 18.00 9.19 -7.54
CA HIS A 76 18.22 7.83 -7.98
C HIS A 76 19.63 7.83 -8.54
N PRO A 77 20.50 6.83 -8.30
CA PRO A 77 21.77 6.67 -9.00
C PRO A 77 21.51 6.17 -10.41
N ALA A 1 -23.46 -2.22 -11.24
CA ALA A 1 -24.48 -3.27 -11.51
C ALA A 1 -23.82 -4.51 -12.04
N SER A 2 -23.05 -4.38 -13.17
CA SER A 2 -22.31 -5.44 -13.82
C SER A 2 -20.99 -4.85 -14.23
N ASP A 3 -20.51 -3.80 -13.51
CA ASP A 3 -19.31 -3.06 -13.82
C ASP A 3 -18.65 -2.72 -12.51
N GLY A 4 -17.57 -3.47 -12.14
CA GLY A 4 -16.73 -3.23 -10.97
C GLY A 4 -15.49 -2.53 -11.43
N LEU A 5 -15.36 -1.23 -11.07
CA LEU A 5 -14.36 -0.33 -11.57
C LEU A 5 -14.14 0.71 -10.48
N PRO A 6 -13.04 1.51 -10.38
CA PRO A 6 -12.72 2.30 -9.20
C PRO A 6 -13.48 3.63 -9.14
N ASN A 7 -13.75 4.12 -7.89
CA ASN A 7 -14.24 5.45 -7.57
C ASN A 7 -13.03 6.20 -7.03
N LYS A 8 -12.46 7.08 -7.90
CA LYS A 8 -11.11 7.59 -7.82
C LYS A 8 -11.00 8.94 -7.12
N LYS A 9 -9.77 9.24 -6.64
CA LYS A 9 -9.32 10.55 -6.17
C LYS A 9 -8.80 10.41 -4.76
N ARG A 10 -8.62 11.58 -4.10
CA ARG A 10 -8.18 11.80 -2.72
C ARG A 10 -6.67 11.87 -2.60
N LYS A 11 -6.07 11.03 -1.69
CA LYS A 11 -4.65 10.87 -1.39
C LYS A 11 -4.19 11.91 -0.37
N ARG A 12 -4.87 11.92 0.81
CA ARG A 12 -4.80 12.85 1.90
C ARG A 12 -3.65 12.70 2.88
N ARG A 13 -3.86 13.29 4.10
CA ARG A 13 -3.15 13.45 5.38
C ARG A 13 -2.44 12.32 6.06
N VAL A 14 -2.68 11.21 5.40
CA VAL A 14 -2.52 9.82 5.74
C VAL A 14 -1.21 9.29 5.25
N LEU A 15 -0.48 8.74 6.24
CA LEU A 15 0.87 8.24 6.18
C LEU A 15 0.84 7.08 7.15
N PHE A 16 1.29 5.89 6.69
CA PHE A 16 0.91 4.57 7.15
C PHE A 16 1.62 4.02 8.37
N THR A 17 0.85 3.20 9.15
CA THR A 17 1.21 2.54 10.40
C THR A 17 1.17 1.04 10.15
N LYS A 18 1.25 0.20 11.23
CA LYS A 18 1.50 -1.24 11.21
C LYS A 18 0.31 -2.13 10.87
N ALA A 19 -0.89 -1.54 10.61
CA ALA A 19 -2.04 -2.18 10.00
C ALA A 19 -1.97 -2.17 8.47
N GLN A 20 -1.54 -1.00 7.89
CA GLN A 20 -1.54 -0.64 6.49
C GLN A 20 -0.38 -1.30 5.76
N THR A 21 0.84 -1.29 6.37
CA THR A 21 2.07 -1.94 5.93
C THR A 21 2.01 -3.46 5.96
N TYR A 22 1.25 -4.03 6.95
CA TYR A 22 1.00 -5.45 7.17
C TYR A 22 0.21 -6.11 6.04
N GLU A 23 -0.93 -5.48 5.66
CA GLU A 23 -1.87 -5.92 4.62
C GLU A 23 -1.36 -5.81 3.18
N LEU A 24 -0.57 -4.75 2.87
CA LEU A 24 0.04 -4.48 1.56
C LEU A 24 1.18 -5.41 1.17
N GLU A 25 2.06 -5.77 2.14
CA GLU A 25 3.11 -6.77 2.04
C GLU A 25 2.63 -8.21 1.96
N ARG A 26 1.49 -8.56 2.63
CA ARG A 26 0.92 -9.92 2.59
C ARG A 26 0.17 -10.28 1.32
N ARG A 27 -0.41 -9.26 0.61
CA ARG A 27 -0.90 -9.42 -0.77
C ARG A 27 0.25 -9.46 -1.79
N PHE A 28 1.40 -8.75 -1.53
CA PHE A 28 2.57 -8.65 -2.40
C PHE A 28 3.38 -9.97 -2.54
N ARG A 29 3.27 -10.87 -1.52
CA ARG A 29 3.84 -12.22 -1.49
C ARG A 29 3.12 -13.24 -2.38
N GLN A 30 1.76 -13.22 -2.39
CA GLN A 30 0.86 -14.15 -3.01
C GLN A 30 0.46 -13.75 -4.42
N GLN A 31 0.55 -12.43 -4.77
CA GLN A 31 0.13 -11.92 -6.07
C GLN A 31 0.85 -10.59 -6.25
N ARG A 32 1.05 -10.13 -7.53
CA ARG A 32 1.72 -8.88 -7.86
C ARG A 32 0.68 -7.87 -8.28
N TYR A 33 -0.39 -8.40 -8.92
CA TYR A 33 -1.52 -7.70 -9.46
C TYR A 33 -2.76 -8.34 -8.87
N LEU A 34 -3.79 -7.49 -8.65
CA LEU A 34 -5.01 -7.77 -7.93
C LEU A 34 -5.98 -6.82 -8.56
N SER A 35 -7.10 -7.39 -9.09
CA SER A 35 -8.06 -6.76 -10.00
C SER A 35 -9.22 -6.16 -9.23
N ALA A 36 -9.96 -5.21 -9.87
CA ALA A 36 -10.92 -4.25 -9.32
C ALA A 36 -11.95 -4.69 -8.27
N PRO A 37 -12.68 -5.83 -8.33
CA PRO A 37 -13.63 -6.27 -7.30
C PRO A 37 -13.02 -6.64 -5.94
N GLU A 38 -11.78 -7.22 -5.93
CA GLU A 38 -11.02 -7.62 -4.76
C GLU A 38 -10.00 -6.57 -4.31
N ARG A 39 -9.59 -5.60 -5.19
CA ARG A 39 -8.55 -4.60 -4.90
C ARG A 39 -9.12 -3.39 -4.17
N GLU A 40 -10.40 -3.01 -4.51
CA GLU A 40 -11.17 -1.93 -3.90
C GLU A 40 -11.83 -2.38 -2.60
N HIS A 41 -11.91 -3.72 -2.37
CA HIS A 41 -12.39 -4.41 -1.18
C HIS A 41 -11.32 -4.45 -0.10
N LEU A 42 -10.02 -4.45 -0.52
CA LEU A 42 -8.80 -4.32 0.29
C LEU A 42 -8.60 -2.90 0.82
N ALA A 43 -9.02 -1.89 0.01
CA ALA A 43 -9.03 -0.46 0.32
C ALA A 43 -10.19 -0.03 1.18
N SER A 44 -11.34 -0.75 1.13
CA SER A 44 -12.52 -0.54 1.96
C SER A 44 -12.41 -1.21 3.32
N LEU A 45 -11.57 -2.28 3.37
CA LEU A 45 -11.18 -3.05 4.55
C LEU A 45 -10.19 -2.30 5.43
N ILE A 46 -9.21 -1.58 4.81
CA ILE A 46 -8.12 -0.92 5.51
C ILE A 46 -8.30 0.60 5.62
N ARG A 47 -9.22 1.20 4.81
CA ARG A 47 -9.73 2.57 4.86
C ARG A 47 -8.89 3.56 4.03
N LEU A 48 -8.72 3.29 2.71
CA LEU A 48 -8.04 4.16 1.77
C LEU A 48 -8.88 4.24 0.51
N THR A 49 -8.31 4.88 -0.56
CA THR A 49 -8.91 5.09 -1.87
C THR A 49 -8.19 4.22 -2.92
N PRO A 50 -8.85 3.92 -4.09
CA PRO A 50 -8.35 3.07 -5.15
C PRO A 50 -7.13 3.54 -5.93
N THR A 51 -6.77 4.87 -5.91
CA THR A 51 -5.68 5.47 -6.67
C THR A 51 -4.37 5.42 -5.90
N GLN A 52 -4.40 5.44 -4.53
CA GLN A 52 -3.22 5.37 -3.69
C GLN A 52 -2.76 3.95 -3.44
N VAL A 53 -3.73 2.97 -3.38
CA VAL A 53 -3.45 1.53 -3.38
C VAL A 53 -2.88 1.05 -4.71
N LYS A 54 -3.43 1.52 -5.87
CA LYS A 54 -2.95 1.31 -7.22
C LYS A 54 -1.58 1.93 -7.54
N ILE A 55 -1.21 3.16 -7.02
CA ILE A 55 0.18 3.67 -7.12
C ILE A 55 1.17 3.05 -6.12
N TRP A 56 0.72 2.26 -5.10
CA TRP A 56 1.57 1.44 -4.24
C TRP A 56 2.08 0.18 -4.95
N PHE A 57 1.19 -0.50 -5.73
CA PHE A 57 1.49 -1.71 -6.52
C PHE A 57 2.07 -1.40 -7.90
N GLN A 58 2.11 -0.09 -8.28
CA GLN A 58 2.90 0.52 -9.34
C GLN A 58 4.39 0.58 -9.01
N ASN A 59 4.72 0.97 -7.74
CA ASN A 59 6.04 1.33 -7.24
C ASN A 59 6.81 0.16 -6.68
N HIS A 60 6.13 -0.81 -6.01
CA HIS A 60 6.74 -1.86 -5.18
C HIS A 60 7.25 -3.09 -5.95
N ARG A 61 6.86 -3.26 -7.25
CA ARG A 61 7.39 -4.20 -8.26
C ARG A 61 8.58 -3.65 -9.06
N TYR A 62 9.69 -3.13 -8.42
CA TYR A 62 10.65 -2.32 -9.10
C TYR A 62 12.01 -2.24 -8.42
N LYS A 63 12.70 -3.38 -8.13
CA LYS A 63 14.12 -3.41 -7.65
C LYS A 63 14.29 -2.73 -6.28
N THR A 64 13.46 -3.15 -5.30
CA THR A 64 12.81 -2.32 -4.29
C THR A 64 13.65 -2.33 -3.03
N LYS A 65 14.48 -1.28 -3.01
CA LYS A 65 15.13 -0.49 -1.97
C LYS A 65 14.27 0.04 -0.81
N ARG A 66 13.18 -0.67 -0.44
CA ARG A 66 12.13 -0.26 0.48
C ARG A 66 12.26 -1.10 1.73
N ALA A 67 12.92 -0.51 2.77
CA ALA A 67 13.14 -1.03 4.11
C ALA A 67 12.15 -0.38 5.04
N GLN A 68 10.94 -1.00 5.08
CA GLN A 68 9.77 -0.57 5.83
C GLN A 68 9.58 -1.45 7.02
N ASN A 69 10.14 -0.97 8.14
CA ASN A 69 10.12 -1.59 9.44
C ASN A 69 10.08 -0.48 10.47
N GLU A 70 9.02 0.36 10.33
CA GLU A 70 8.53 1.42 11.23
C GLU A 70 8.15 0.97 12.66
N LYS A 71 6.85 0.61 12.97
CA LYS A 71 6.41 0.04 14.23
C LYS A 71 6.44 -1.47 14.12
N GLY A 72 7.21 -2.08 15.07
CA GLY A 72 7.60 -3.48 15.11
C GLY A 72 8.99 -3.61 14.63
N TYR A 73 9.90 -2.94 15.37
CA TYR A 73 11.30 -2.97 15.25
C TYR A 73 11.68 -2.91 16.71
N GLU A 74 12.82 -3.55 16.93
CA GLU A 74 13.51 -3.97 18.14
C GLU A 74 14.33 -2.88 18.82
N GLY A 75 13.76 -1.66 18.97
CA GLY A 75 14.35 -0.51 19.62
C GLY A 75 15.04 0.39 18.62
N HIS A 76 16.40 0.48 18.73
CA HIS A 76 17.25 1.28 17.88
C HIS A 76 18.63 0.63 18.01
N PRO A 77 19.46 0.49 16.96
CA PRO A 77 20.83 0.02 17.07
C PRO A 77 21.70 1.13 17.65
N ALA A 1 -18.19 20.28 5.62
CA ALA A 1 -18.96 21.55 5.70
C ALA A 1 -18.06 22.73 5.38
N SER A 2 -17.31 22.66 4.24
CA SER A 2 -16.42 23.71 3.80
C SER A 2 -16.37 23.56 2.29
N ASP A 3 -15.19 23.81 1.68
CA ASP A 3 -14.92 23.73 0.25
C ASP A 3 -13.52 23.19 0.09
N GLY A 4 -12.64 23.47 1.10
CA GLY A 4 -11.27 23.00 1.20
C GLY A 4 -11.22 21.91 2.23
N LEU A 5 -11.39 20.65 1.77
CA LEU A 5 -11.47 19.46 2.59
C LEU A 5 -11.20 18.30 1.64
N PRO A 6 -11.04 17.01 2.07
CA PRO A 6 -11.05 15.84 1.18
C PRO A 6 -12.49 15.45 0.85
N ASN A 7 -12.96 15.75 -0.39
CA ASN A 7 -14.34 15.67 -0.84
C ASN A 7 -14.66 14.29 -1.38
N LYS A 8 -13.70 13.72 -2.17
CA LYS A 8 -13.73 12.37 -2.72
C LYS A 8 -12.72 11.56 -1.94
N LYS A 9 -13.09 10.30 -1.57
CA LYS A 9 -12.33 9.32 -0.81
C LYS A 9 -12.49 9.55 0.69
N ARG A 10 -11.54 10.33 1.30
CA ARG A 10 -11.42 10.69 2.72
C ARG A 10 -10.83 9.54 3.51
N LYS A 11 -9.62 9.10 3.08
CA LYS A 11 -8.92 7.93 3.61
C LYS A 11 -7.48 8.32 3.87
N ARG A 12 -7.05 9.52 3.40
CA ARG A 12 -5.87 10.27 3.73
C ARG A 12 -6.07 11.04 5.04
N ARG A 13 -5.02 11.23 5.89
CA ARG A 13 -3.59 11.06 5.68
C ARG A 13 -3.09 9.64 5.85
N VAL A 14 -1.84 9.44 5.34
CA VAL A 14 -1.25 8.16 4.99
C VAL A 14 -0.09 7.88 5.91
N LEU A 15 0.02 6.61 6.36
CA LEU A 15 1.09 6.10 7.16
C LEU A 15 1.44 4.74 6.59
N PHE A 16 2.76 4.43 6.47
CA PHE A 16 3.32 3.14 6.22
C PHE A 16 3.94 2.62 7.52
N THR A 17 3.29 1.59 8.10
CA THR A 17 3.68 0.82 9.26
C THR A 17 3.54 -0.65 8.87
N LYS A 18 3.60 -1.58 9.87
CA LYS A 18 3.69 -3.04 9.71
C LYS A 18 2.40 -3.75 9.34
N ALA A 19 1.24 -3.04 9.34
CA ALA A 19 -0.07 -3.49 8.85
C ALA A 19 -0.18 -3.44 7.34
N GLN A 20 0.50 -2.42 6.73
CA GLN A 20 0.47 -1.99 5.34
C GLN A 20 1.30 -2.92 4.50
N THR A 21 2.57 -3.14 4.94
CA THR A 21 3.58 -4.02 4.33
C THR A 21 3.18 -5.50 4.40
N TYR A 22 2.45 -5.91 5.49
CA TYR A 22 1.87 -7.22 5.76
C TYR A 22 0.86 -7.65 4.68
N GLU A 23 -0.30 -6.91 4.54
CA GLU A 23 -1.41 -7.28 3.64
C GLU A 23 -1.08 -7.21 2.15
N LEU A 24 -0.20 -6.25 1.76
CA LEU A 24 0.30 -6.05 0.40
C LEU A 24 1.21 -7.15 -0.15
N GLU A 25 2.11 -7.71 0.70
CA GLU A 25 3.03 -8.80 0.39
C GLU A 25 2.39 -10.17 0.33
N ARG A 26 1.27 -10.40 1.09
CA ARG A 26 0.50 -11.64 1.08
C ARG A 26 -0.25 -11.84 -0.21
N ARG A 27 -1.00 -10.75 -0.62
CA ARG A 27 -1.77 -10.75 -1.84
C ARG A 27 -0.98 -10.36 -3.07
N PHE A 28 0.36 -10.09 -2.94
CA PHE A 28 1.34 -10.06 -4.02
C PHE A 28 1.80 -11.46 -4.46
N ARG A 29 1.93 -12.44 -3.51
CA ARG A 29 2.20 -13.86 -3.79
C ARG A 29 1.03 -14.63 -4.39
N GLN A 30 -0.22 -14.28 -3.99
CA GLN A 30 -1.46 -14.90 -4.36
C GLN A 30 -2.10 -14.27 -5.59
N GLN A 31 -1.83 -12.97 -5.89
CA GLN A 31 -2.42 -12.27 -7.02
C GLN A 31 -1.38 -11.33 -7.59
N ARG A 32 -1.25 -11.26 -8.95
CA ARG A 32 -0.72 -10.12 -9.76
C ARG A 32 -1.86 -9.39 -10.43
N TYR A 33 -2.75 -8.68 -9.69
CA TYR A 33 -4.00 -8.19 -10.29
C TYR A 33 -4.46 -6.89 -9.66
N LEU A 34 -5.54 -6.71 -8.81
CA LEU A 34 -6.44 -7.46 -7.94
C LEU A 34 -7.76 -6.82 -8.40
N SER A 35 -8.97 -7.47 -8.20
CA SER A 35 -10.24 -7.03 -8.76
C SER A 35 -10.89 -5.97 -7.89
N ALA A 36 -11.67 -5.04 -8.52
CA ALA A 36 -12.20 -3.79 -7.97
C ALA A 36 -13.03 -3.82 -6.68
N PRO A 37 -13.95 -4.79 -6.40
CA PRO A 37 -14.67 -4.92 -5.12
C PRO A 37 -13.80 -5.28 -3.91
N GLU A 38 -12.64 -5.96 -4.12
CA GLU A 38 -11.66 -6.28 -3.09
C GLU A 38 -10.44 -5.34 -3.08
N ARG A 39 -10.19 -4.49 -4.14
CA ARG A 39 -9.03 -3.62 -4.24
C ARG A 39 -9.23 -2.28 -3.54
N GLU A 40 -10.47 -1.71 -3.68
CA GLU A 40 -10.97 -0.45 -3.11
C GLU A 40 -11.35 -0.63 -1.64
N HIS A 41 -11.72 -1.89 -1.25
CA HIS A 41 -12.15 -2.31 0.06
C HIS A 41 -10.97 -2.64 0.94
N LEU A 42 -9.81 -3.00 0.31
CA LEU A 42 -8.49 -3.18 0.90
C LEU A 42 -7.82 -1.86 1.23
N ALA A 43 -8.10 -0.80 0.43
CA ALA A 43 -7.71 0.60 0.61
C ALA A 43 -8.50 1.30 1.70
N SER A 44 -9.76 0.87 1.94
CA SER A 44 -10.64 1.31 3.01
C SER A 44 -10.42 0.60 4.33
N LEU A 45 -9.93 -0.68 4.26
CA LEU A 45 -9.63 -1.58 5.37
C LEU A 45 -8.35 -1.19 6.09
N ILE A 46 -7.32 -0.76 5.32
CA ILE A 46 -6.00 -0.47 5.84
C ILE A 46 -5.72 1.03 5.90
N ARG A 47 -6.50 1.88 5.17
CA ARG A 47 -6.59 3.33 5.24
C ARG A 47 -5.58 4.05 4.34
N LEU A 48 -5.72 3.90 3.00
CA LEU A 48 -4.89 4.57 2.01
C LEU A 48 -5.77 5.03 0.88
N THR A 49 -5.14 5.57 -0.20
CA THR A 49 -5.77 6.00 -1.45
C THR A 49 -5.79 4.81 -2.45
N PRO A 50 -6.85 4.67 -3.29
CA PRO A 50 -6.94 3.70 -4.40
C PRO A 50 -5.91 3.83 -5.52
N THR A 51 -5.28 5.03 -5.69
CA THR A 51 -4.31 5.34 -6.72
C THR A 51 -2.90 4.95 -6.28
N GLN A 52 -2.60 4.91 -4.94
CA GLN A 52 -1.31 4.50 -4.41
C GLN A 52 -1.18 2.99 -4.30
N VAL A 53 -2.31 2.26 -4.04
CA VAL A 53 -2.40 0.80 -4.02
C VAL A 53 -2.29 0.19 -5.43
N LYS A 54 -2.91 0.86 -6.46
CA LYS A 54 -2.80 0.58 -7.90
C LYS A 54 -1.37 0.63 -8.44
N ILE A 55 -0.62 1.72 -8.15
CA ILE A 55 0.78 1.91 -8.55
C ILE A 55 1.80 1.27 -7.61
N TRP A 56 1.36 0.63 -6.46
CA TRP A 56 2.16 -0.27 -5.61
C TRP A 56 2.33 -1.62 -6.30
N PHE A 57 1.24 -2.17 -6.94
CA PHE A 57 1.27 -3.42 -7.71
C PHE A 57 1.90 -3.27 -9.08
N GLN A 58 1.99 -2.01 -9.60
CA GLN A 58 2.67 -1.62 -10.82
C GLN A 58 4.18 -1.51 -10.65
N ASN A 59 4.66 -1.04 -9.46
CA ASN A 59 6.05 -0.77 -9.15
C ASN A 59 6.77 -1.92 -8.46
N HIS A 60 6.06 -2.82 -7.72
CA HIS A 60 6.64 -3.90 -6.93
C HIS A 60 6.78 -5.21 -7.71
N ARG A 61 6.73 -5.17 -9.08
CA ARG A 61 7.01 -6.29 -9.99
C ARG A 61 8.48 -6.45 -10.30
N TYR A 62 9.26 -5.34 -10.15
CA TYR A 62 10.43 -5.31 -9.33
C TYR A 62 10.74 -3.86 -9.12
N LYS A 63 10.79 -3.50 -7.83
CA LYS A 63 11.99 -3.66 -7.03
C LYS A 63 11.60 -4.48 -5.81
N THR A 64 11.50 -5.82 -6.03
CA THR A 64 10.94 -6.89 -5.19
C THR A 64 11.72 -7.38 -3.99
N LYS A 65 12.90 -6.77 -3.63
CA LYS A 65 13.84 -7.25 -2.64
C LYS A 65 13.52 -6.69 -1.27
N ARG A 66 14.47 -5.92 -0.69
CA ARG A 66 14.41 -5.36 0.63
C ARG A 66 15.60 -4.43 0.74
N ALA A 67 16.77 -4.89 0.19
CA ALA A 67 18.03 -4.17 0.13
C ALA A 67 18.19 -3.59 -1.25
N GLN A 68 17.95 -2.25 -1.36
CA GLN A 68 18.01 -1.43 -2.56
C GLN A 68 19.25 -0.58 -2.55
N ASN A 69 20.29 -1.23 -2.04
CA ASN A 69 21.64 -0.76 -1.82
C ASN A 69 22.45 -2.03 -1.91
N GLU A 70 22.34 -2.73 -3.07
CA GLU A 70 23.03 -3.97 -3.47
C GLU A 70 24.56 -4.02 -3.36
N LYS A 71 25.40 -3.50 -4.32
CA LYS A 71 26.86 -3.46 -4.22
C LYS A 71 27.28 -2.11 -3.69
N GLY A 72 28.21 -2.13 -2.69
CA GLY A 72 28.66 -0.98 -1.93
C GLY A 72 27.83 -0.86 -0.67
N TYR A 73 27.96 -1.91 0.21
CA TYR A 73 27.11 -2.30 1.37
C TYR A 73 27.14 -1.38 2.57
N GLU A 74 26.81 -0.11 2.32
CA GLU A 74 26.75 1.05 3.18
C GLU A 74 25.32 1.25 3.64
N GLY A 75 24.88 0.27 4.46
CA GLY A 75 23.55 0.17 5.00
C GLY A 75 23.65 -0.94 5.99
N HIS A 76 23.78 -0.59 7.29
CA HIS A 76 24.10 -1.49 8.39
C HIS A 76 22.97 -1.42 9.39
N PRO A 77 21.98 -2.34 9.41
CA PRO A 77 20.85 -2.31 10.34
C PRO A 77 21.32 -2.75 11.72
N ALA A 1 -22.09 17.48 12.78
CA ALA A 1 -22.71 17.35 14.11
C ALA A 1 -22.86 18.70 14.76
N SER A 2 -21.76 19.50 14.82
CA SER A 2 -21.75 20.82 15.42
C SER A 2 -20.66 21.65 14.76
N ASP A 3 -20.17 21.22 13.57
CA ASP A 3 -19.13 21.91 12.82
C ASP A 3 -19.19 21.31 11.43
N GLY A 4 -20.41 21.25 10.84
CA GLY A 4 -20.67 20.70 9.51
C GLY A 4 -21.03 19.24 9.57
N LEU A 5 -19.99 18.36 9.56
CA LEU A 5 -20.08 16.91 9.75
C LEU A 5 -19.21 16.61 10.97
N PRO A 6 -19.21 15.41 11.64
CA PRO A 6 -18.27 15.09 12.73
C PRO A 6 -16.93 14.66 12.13
N ASN A 7 -15.94 15.59 12.12
CA ASN A 7 -14.66 15.49 11.42
C ASN A 7 -13.59 15.19 12.45
N LYS A 8 -13.51 13.90 12.82
CA LYS A 8 -12.61 13.33 13.79
C LYS A 8 -12.43 11.88 13.40
N LYS A 9 -13.35 11.38 12.52
CA LYS A 9 -13.41 10.04 11.98
C LYS A 9 -13.33 10.12 10.47
N ARG A 10 -13.40 11.37 9.91
CA ARG A 10 -13.46 11.66 8.49
C ARG A 10 -12.12 12.22 8.07
N LYS A 11 -11.53 11.62 7.00
CA LYS A 11 -10.25 11.93 6.37
C LYS A 11 -9.08 11.30 7.10
N ARG A 12 -8.69 11.92 8.25
CA ARG A 12 -7.81 11.47 9.30
C ARG A 12 -6.34 11.23 8.94
N ARG A 13 -5.63 10.46 9.80
CA ARG A 13 -4.21 10.13 9.72
C ARG A 13 -4.06 8.71 9.27
N VAL A 14 -2.82 8.44 8.82
CA VAL A 14 -2.34 7.27 8.15
C VAL A 14 -0.98 7.03 8.77
N LEU A 15 -0.68 5.74 9.08
CA LEU A 15 0.55 5.32 9.73
C LEU A 15 0.91 3.99 9.12
N PHE A 16 2.23 3.71 8.98
CA PHE A 16 2.83 2.49 8.54
C PHE A 16 3.43 1.81 9.76
N THR A 17 2.66 0.85 10.30
CA THR A 17 2.96 -0.02 11.43
C THR A 17 2.96 -1.45 10.92
N LYS A 18 2.95 -2.46 11.85
CA LYS A 18 3.12 -3.89 11.59
C LYS A 18 1.89 -4.63 11.05
N ALA A 19 0.71 -3.93 10.97
CA ALA A 19 -0.51 -4.37 10.30
C ALA A 19 -0.45 -4.16 8.79
N GLN A 20 0.15 -3.02 8.38
CA GLN A 20 0.23 -2.45 7.04
C GLN A 20 1.22 -3.18 6.18
N THR A 21 2.44 -3.45 6.73
CA THR A 21 3.57 -4.09 6.07
C THR A 21 3.36 -5.61 5.95
N TYR A 22 2.58 -6.21 6.90
CA TYR A 22 2.15 -7.60 6.96
C TYR A 22 1.24 -7.98 5.81
N GLU A 23 0.15 -7.19 5.59
CA GLU A 23 -0.89 -7.44 4.58
C GLU A 23 -0.49 -7.12 3.14
N LEU A 24 0.37 -6.09 2.91
CA LEU A 24 0.88 -5.67 1.61
C LEU A 24 1.91 -6.60 1.00
N GLU A 25 2.89 -7.07 1.83
CA GLU A 25 3.90 -8.07 1.49
C GLU A 25 3.37 -9.49 1.30
N ARG A 26 2.29 -9.89 2.05
CA ARG A 26 1.67 -11.21 1.97
C ARG A 26 0.76 -11.43 0.78
N ARG A 27 0.11 -10.33 0.28
CA ARG A 27 -0.55 -10.31 -1.03
C ARG A 27 0.42 -10.12 -2.20
N PHE A 28 1.65 -9.56 -1.99
CA PHE A 28 2.65 -9.36 -3.06
C PHE A 28 3.41 -10.63 -3.44
N ARG A 29 3.67 -11.58 -2.49
CA ARG A 29 4.37 -12.85 -2.70
C ARG A 29 3.50 -13.94 -3.32
N GLN A 30 2.24 -14.11 -2.82
CA GLN A 30 1.31 -15.16 -3.17
C GLN A 30 0.40 -14.77 -4.32
N GLN A 31 0.28 -13.45 -4.63
CA GLN A 31 -0.67 -12.93 -5.59
C GLN A 31 -0.01 -11.79 -6.34
N ARG A 32 -0.79 -11.20 -7.30
CA ARG A 32 -1.15 -9.79 -7.31
C ARG A 32 -2.64 -9.72 -6.88
N TYR A 33 -3.58 -10.04 -7.81
CA TYR A 33 -4.91 -10.63 -7.74
C TYR A 33 -6.01 -9.61 -7.50
N LEU A 34 -5.86 -8.83 -6.41
CA LEU A 34 -6.68 -7.74 -5.88
C LEU A 34 -6.86 -6.57 -6.86
N SER A 35 -8.10 -6.47 -7.40
CA SER A 35 -8.58 -5.43 -8.29
C SER A 35 -9.58 -4.64 -7.47
N ALA A 36 -10.26 -3.62 -8.07
CA ALA A 36 -11.03 -2.54 -7.43
C ALA A 36 -12.02 -2.86 -6.30
N PRO A 37 -12.93 -3.86 -6.34
CA PRO A 37 -13.87 -4.17 -5.23
C PRO A 37 -13.19 -4.74 -3.98
N GLU A 38 -12.11 -5.56 -4.14
CA GLU A 38 -11.33 -6.19 -3.09
C GLU A 38 -10.10 -5.37 -2.65
N ARG A 39 -9.69 -4.32 -3.43
CA ARG A 39 -8.62 -3.36 -3.12
C ARG A 39 -9.12 -2.23 -2.24
N GLU A 40 -10.44 -1.87 -2.32
CA GLU A 40 -11.14 -0.92 -1.48
C GLU A 40 -11.53 -1.51 -0.13
N HIS A 41 -11.59 -2.87 -0.05
CA HIS A 41 -11.90 -3.68 1.11
C HIS A 41 -10.65 -3.90 1.96
N LEU A 42 -9.45 -3.88 1.30
CA LEU A 42 -8.09 -3.96 1.84
C LEU A 42 -7.73 -2.70 2.59
N ALA A 43 -7.94 -1.57 1.87
CA ALA A 43 -7.77 -0.18 2.24
C ALA A 43 -8.68 0.34 3.33
N SER A 44 -9.94 -0.18 3.44
CA SER A 44 -10.91 0.16 4.47
C SER A 44 -10.75 -0.65 5.74
N LEU A 45 -10.23 -1.90 5.62
CA LEU A 45 -9.91 -2.81 6.71
C LEU A 45 -8.64 -2.41 7.47
N ILE A 46 -7.64 -1.82 6.76
CA ILE A 46 -6.32 -1.52 7.31
C ILE A 46 -6.13 -0.02 7.55
N ARG A 47 -6.94 0.87 6.88
CA ARG A 47 -7.17 2.31 7.12
C ARG A 47 -6.32 3.24 6.30
N LEU A 48 -6.37 3.17 4.93
CA LEU A 48 -5.58 4.03 4.07
C LEU A 48 -6.47 4.64 3.01
N THR A 49 -5.81 5.32 2.02
CA THR A 49 -6.38 5.97 0.86
C THR A 49 -6.29 5.01 -0.34
N PRO A 50 -7.26 5.03 -1.30
CA PRO A 50 -7.26 4.29 -2.56
C PRO A 50 -6.12 4.61 -3.54
N THR A 51 -5.47 5.81 -3.41
CA THR A 51 -4.43 6.31 -4.29
C THR A 51 -3.05 5.86 -3.82
N GLN A 52 -2.85 5.60 -2.48
CA GLN A 52 -1.59 5.12 -1.94
C GLN A 52 -1.44 3.61 -2.07
N VAL A 53 -2.58 2.83 -1.97
CA VAL A 53 -2.64 1.38 -2.23
C VAL A 53 -2.44 1.01 -3.70
N LYS A 54 -3.03 1.81 -4.65
CA LYS A 54 -2.90 1.77 -6.10
C LYS A 54 -1.46 1.94 -6.57
N ILE A 55 -0.73 2.99 -6.07
CA ILE A 55 0.65 3.27 -6.46
C ILE A 55 1.70 2.50 -5.65
N TRP A 56 1.31 1.72 -4.59
CA TRP A 56 2.17 0.77 -3.87
C TRP A 56 2.35 -0.51 -4.70
N PHE A 57 1.24 -1.03 -5.31
CA PHE A 57 1.22 -2.24 -6.15
C PHE A 57 1.61 -1.96 -7.59
N GLN A 58 1.65 -0.67 -8.01
CA GLN A 58 2.14 -0.17 -9.30
C GLN A 58 3.66 -0.18 -9.40
N ASN A 59 4.36 0.22 -8.30
CA ASN A 59 5.81 0.44 -8.23
C ASN A 59 6.60 -0.79 -7.84
N HIS A 60 5.96 -1.78 -7.14
CA HIS A 60 6.56 -3.03 -6.66
C HIS A 60 6.78 -4.10 -7.73
N ARG A 61 5.88 -4.21 -8.76
CA ARG A 61 5.91 -5.19 -9.85
C ARG A 61 6.78 -4.83 -11.05
N TYR A 62 7.64 -3.79 -10.92
CA TYR A 62 8.88 -3.71 -11.64
C TYR A 62 9.57 -2.45 -11.20
N LYS A 63 10.13 -2.65 -10.00
CA LYS A 63 11.33 -2.11 -9.41
C LYS A 63 11.23 -2.44 -7.95
N THR A 64 12.01 -3.48 -7.52
CA THR A 64 12.00 -4.21 -6.27
C THR A 64 12.69 -3.49 -5.11
N LYS A 65 11.99 -2.43 -4.68
CA LYS A 65 12.08 -1.58 -3.50
C LYS A 65 11.59 -2.21 -2.19
N ARG A 66 11.62 -3.57 -2.07
CA ARG A 66 11.05 -4.35 -0.97
C ARG A 66 12.22 -4.89 -0.15
N ALA A 67 12.01 -6.00 0.62
CA ALA A 67 13.00 -6.62 1.50
C ALA A 67 13.62 -7.81 0.84
N GLN A 68 14.58 -7.49 -0.04
CA GLN A 68 15.57 -8.36 -0.63
C GLN A 68 16.89 -8.03 0.03
N ASN A 69 17.33 -8.97 0.90
CA ASN A 69 18.63 -8.98 1.54
C ASN A 69 19.24 -10.31 1.22
N GLU A 70 19.47 -10.44 -0.11
CA GLU A 70 20.63 -11.02 -0.73
C GLU A 70 21.61 -9.87 -0.90
N LYS A 71 22.91 -10.22 -0.90
CA LYS A 71 24.11 -9.45 -0.58
C LYS A 71 24.28 -8.09 -1.26
N GLY A 72 24.19 -7.05 -0.40
CA GLY A 72 24.25 -5.63 -0.67
C GLY A 72 22.92 -5.07 -1.10
N TYR A 73 22.00 -4.85 -0.10
CA TYR A 73 20.62 -4.40 -0.23
C TYR A 73 20.40 -3.00 -0.77
N GLU A 74 21.20 -2.09 -0.17
CA GLU A 74 21.50 -0.71 -0.53
C GLU A 74 22.57 -0.63 -1.60
N GLY A 75 22.25 -1.24 -2.78
CA GLY A 75 23.02 -1.27 -3.99
C GLY A 75 22.15 -0.70 -5.07
N HIS A 76 21.42 -1.57 -5.82
CA HIS A 76 20.39 -1.19 -6.76
C HIS A 76 19.16 -2.01 -6.38
N PRO A 77 18.16 -1.49 -5.65
CA PRO A 77 16.92 -2.20 -5.33
C PRO A 77 16.07 -2.38 -6.58
N ALA A 1 -13.48 31.55 3.72
CA ALA A 1 -12.95 32.50 4.74
C ALA A 1 -13.18 31.96 6.13
N SER A 2 -14.44 31.59 6.45
CA SER A 2 -14.84 31.05 7.74
C SER A 2 -15.93 30.02 7.48
N ASP A 3 -15.95 29.44 6.24
CA ASP A 3 -16.87 28.40 5.85
C ASP A 3 -16.18 27.69 4.71
N GLY A 4 -16.33 26.34 4.65
CA GLY A 4 -15.74 25.53 3.63
C GLY A 4 -16.30 24.15 3.77
N LEU A 5 -15.43 23.12 3.60
CA LEU A 5 -15.79 21.72 3.72
C LEU A 5 -14.56 20.98 4.26
N PRO A 6 -14.21 20.96 5.58
CA PRO A 6 -13.05 20.23 6.08
C PRO A 6 -13.46 18.81 6.49
N ASN A 7 -13.54 17.88 5.50
CA ASN A 7 -13.93 16.50 5.65
C ASN A 7 -12.71 15.60 5.56
N LYS A 8 -12.76 14.44 6.25
CA LYS A 8 -11.71 13.44 6.34
C LYS A 8 -12.13 12.25 5.50
N LYS A 9 -12.40 12.52 4.19
CA LYS A 9 -12.83 11.57 3.18
C LYS A 9 -11.86 11.63 2.04
N ARG A 10 -10.90 12.60 2.10
CA ARG A 10 -9.79 12.81 1.19
C ARG A 10 -8.53 12.21 1.80
N LYS A 11 -8.48 12.20 3.15
CA LYS A 11 -7.46 11.56 3.95
C LYS A 11 -7.39 12.33 5.23
N ARG A 12 -6.34 13.20 5.36
CA ARG A 12 -6.01 14.18 6.40
C ARG A 12 -6.23 13.82 7.88
N ARG A 13 -5.28 13.09 8.55
CA ARG A 13 -3.96 12.66 8.16
C ARG A 13 -4.03 11.18 7.84
N VAL A 14 -2.89 10.66 7.32
CA VAL A 14 -2.69 9.36 6.74
C VAL A 14 -1.34 8.93 7.22
N LEU A 15 -1.24 7.63 7.58
CA LEU A 15 -0.06 7.01 8.12
C LEU A 15 0.12 5.71 7.39
N PHE A 16 1.39 5.41 7.00
CA PHE A 16 1.89 4.17 6.48
C PHE A 16 2.71 3.53 7.58
N THR A 17 2.07 2.62 8.33
CA THR A 17 2.62 1.83 9.43
C THR A 17 2.55 0.36 9.01
N LYS A 18 2.74 -0.59 9.98
CA LYS A 18 2.90 -2.03 9.79
C LYS A 18 1.62 -2.81 9.47
N ALA A 19 0.43 -2.16 9.64
CA ALA A 19 -0.89 -2.66 9.25
C ALA A 19 -1.17 -2.50 7.77
N GLN A 20 -0.69 -1.35 7.20
CA GLN A 20 -0.88 -0.86 5.85
C GLN A 20 -0.05 -1.63 4.85
N THR A 21 1.25 -1.90 5.21
CA THR A 21 2.24 -2.61 4.41
C THR A 21 1.97 -4.13 4.37
N TYR A 22 1.41 -4.68 5.48
CA TYR A 22 1.00 -6.08 5.68
C TYR A 22 -0.13 -6.51 4.75
N GLU A 23 -1.22 -5.69 4.71
CA GLU A 23 -2.43 -5.94 3.93
C GLU A 23 -2.30 -5.72 2.42
N LEU A 24 -1.49 -4.73 1.98
CA LEU A 24 -1.22 -4.40 0.58
C LEU A 24 -0.36 -5.42 -0.15
N GLU A 25 0.72 -5.93 0.50
CA GLU A 25 1.56 -7.03 0.07
C GLU A 25 0.90 -8.40 0.04
N ARG A 26 -0.05 -8.68 0.99
CA ARG A 26 -0.73 -9.97 1.12
C ARG A 26 -1.85 -10.23 0.14
N ARG A 27 -2.51 -9.14 -0.37
CA ARG A 27 -3.38 -9.18 -1.56
C ARG A 27 -2.57 -9.20 -2.85
N PHE A 28 -1.36 -8.56 -2.89
CA PHE A 28 -0.46 -8.45 -4.06
C PHE A 28 0.23 -9.76 -4.45
N ARG A 29 0.41 -10.72 -3.49
CA ARG A 29 1.03 -12.04 -3.71
C ARG A 29 0.08 -13.05 -4.36
N GLN A 30 -1.23 -13.05 -3.98
CA GLN A 30 -2.26 -13.96 -4.38
C GLN A 30 -3.02 -13.50 -5.62
N GLN A 31 -3.05 -12.17 -5.91
CA GLN A 31 -3.86 -11.60 -6.97
C GLN A 31 -3.27 -10.25 -7.31
N ARG A 32 -3.49 -9.78 -8.57
CA ARG A 32 -3.00 -8.50 -9.09
C ARG A 32 -4.13 -7.52 -9.17
N TYR A 33 -5.34 -8.03 -9.52
CA TYR A 33 -6.58 -7.30 -9.70
C TYR A 33 -7.58 -7.76 -8.67
N LEU A 34 -8.26 -6.73 -8.14
CA LEU A 34 -9.22 -6.74 -7.06
C LEU A 34 -10.17 -5.64 -7.39
N SER A 35 -11.47 -6.01 -7.64
CA SER A 35 -12.56 -5.18 -8.20
C SER A 35 -13.37 -4.66 -7.03
N ALA A 36 -14.40 -3.82 -7.32
CA ALA A 36 -15.38 -3.11 -6.48
C ALA A 36 -15.55 -3.39 -4.99
N PRO A 37 -16.21 -4.51 -4.61
CA PRO A 37 -16.81 -4.76 -3.30
C PRO A 37 -15.77 -5.05 -2.26
N GLU A 38 -14.75 -5.83 -2.69
CA GLU A 38 -13.54 -6.20 -1.98
C GLU A 38 -12.44 -5.16 -2.02
N ARG A 39 -12.37 -4.23 -3.04
CA ARG A 39 -11.20 -3.32 -3.15
C ARG A 39 -11.34 -2.09 -2.23
N GLU A 40 -12.59 -1.58 -2.09
CA GLU A 40 -13.00 -0.42 -1.31
C GLU A 40 -13.25 -0.78 0.15
N HIS A 41 -13.47 -2.10 0.45
CA HIS A 41 -13.63 -2.68 1.76
C HIS A 41 -12.29 -2.94 2.44
N LEU A 42 -11.21 -3.08 1.62
CA LEU A 42 -9.80 -3.09 1.99
C LEU A 42 -9.33 -1.72 2.47
N ALA A 43 -9.77 -0.65 1.74
CA ALA A 43 -9.58 0.77 2.04
C ALA A 43 -10.34 1.30 3.24
N SER A 44 -11.55 0.75 3.56
CA SER A 44 -12.41 1.18 4.63
C SER A 44 -12.06 0.60 5.98
N LEU A 45 -11.57 -0.67 5.99
CA LEU A 45 -11.13 -1.40 7.17
C LEU A 45 -9.69 -1.08 7.56
N ILE A 46 -8.82 -0.63 6.60
CA ILE A 46 -7.44 -0.23 6.90
C ILE A 46 -7.31 1.27 7.12
N ARG A 47 -8.27 2.08 6.59
CA ARG A 47 -8.48 3.50 6.78
C ARG A 47 -7.63 4.33 5.81
N LEU A 48 -7.89 4.19 4.48
CA LEU A 48 -7.32 5.02 3.43
C LEU A 48 -8.44 5.30 2.44
N THR A 49 -8.08 5.97 1.30
CA THR A 49 -8.98 6.37 0.23
C THR A 49 -8.93 5.31 -0.90
N PRO A 50 -10.03 5.06 -1.67
CA PRO A 50 -10.08 4.21 -2.87
C PRO A 50 -9.18 4.62 -4.04
N THR A 51 -8.75 5.93 -4.11
CA THR A 51 -7.95 6.51 -5.16
C THR A 51 -6.46 6.33 -4.90
N GLN A 52 -6.01 6.23 -3.61
CA GLN A 52 -4.61 5.99 -3.24
C GLN A 52 -4.24 4.52 -3.27
N VAL A 53 -5.22 3.61 -2.98
CA VAL A 53 -5.09 2.15 -3.15
C VAL A 53 -4.99 1.75 -4.62
N LYS A 54 -5.80 2.38 -5.53
CA LYS A 54 -5.68 2.22 -6.98
C LYS A 54 -4.40 2.76 -7.63
N ILE A 55 -3.76 3.89 -7.16
CA ILE A 55 -2.43 4.28 -7.65
C ILE A 55 -1.27 3.46 -7.03
N TRP A 56 -1.49 2.68 -5.91
CA TRP A 56 -0.49 1.78 -5.29
C TRP A 56 -0.28 0.51 -6.11
N PHE A 57 -1.38 -0.08 -6.66
CA PHE A 57 -1.40 -1.28 -7.48
C PHE A 57 -1.10 -0.99 -8.95
N GLN A 58 -1.14 0.31 -9.35
CA GLN A 58 -0.61 0.86 -10.59
C GLN A 58 0.91 0.91 -10.61
N ASN A 59 1.54 1.36 -9.48
CA ASN A 59 2.92 1.79 -9.40
C ASN A 59 3.92 0.74 -9.00
N HIS A 60 3.50 -0.44 -8.48
CA HIS A 60 4.43 -1.58 -8.36
C HIS A 60 4.77 -2.20 -9.71
N ARG A 61 3.73 -2.85 -10.32
CA ARG A 61 3.55 -4.07 -11.16
C ARG A 61 4.71 -4.54 -12.05
N TYR A 62 5.96 -4.48 -11.51
CA TYR A 62 7.20 -4.85 -12.15
C TYR A 62 7.91 -5.75 -11.16
N LYS A 63 9.10 -5.27 -10.77
CA LYS A 63 10.24 -5.95 -10.12
C LYS A 63 10.18 -5.91 -8.63
N THR A 64 9.78 -4.71 -8.09
CA THR A 64 10.48 -3.78 -7.19
C THR A 64 11.25 -4.29 -5.96
N LYS A 65 10.97 -5.54 -5.49
CA LYS A 65 11.41 -6.34 -4.35
C LYS A 65 12.81 -6.14 -3.79
N ARG A 66 13.82 -6.21 -4.70
CA ARG A 66 15.24 -6.01 -4.44
C ARG A 66 15.63 -4.69 -5.07
N ALA A 67 16.63 -4.00 -4.46
CA ALA A 67 17.19 -2.73 -4.88
C ALA A 67 18.42 -2.99 -5.72
N GLN A 68 18.28 -2.71 -7.05
CA GLN A 68 19.28 -2.98 -8.07
C GLN A 68 20.00 -1.70 -8.39
N ASN A 69 21.10 -1.53 -7.64
CA ASN A 69 22.00 -0.40 -7.68
C ASN A 69 23.33 -0.94 -7.20
N GLU A 70 23.98 -1.87 -7.98
CA GLU A 70 25.33 -2.37 -7.72
C GLU A 70 26.45 -1.42 -8.07
N LYS A 71 26.64 -0.52 -7.07
CA LYS A 71 27.35 0.74 -7.11
C LYS A 71 27.63 1.33 -5.76
N GLY A 72 27.36 0.51 -4.76
CA GLY A 72 27.51 0.82 -3.33
C GLY A 72 26.23 1.28 -2.69
N TYR A 73 25.16 0.45 -2.81
CA TYR A 73 23.81 0.65 -2.27
C TYR A 73 23.70 0.44 -0.78
N GLU A 74 24.01 -0.80 -0.38
CA GLU A 74 24.17 -1.33 0.96
C GLU A 74 25.64 -1.40 1.35
N GLY A 75 26.38 -0.31 1.09
CA GLY A 75 27.79 -0.21 1.39
C GLY A 75 28.25 1.13 0.92
N HIS A 76 29.56 1.24 0.59
CA HIS A 76 30.23 2.43 0.09
C HIS A 76 30.55 2.23 -1.39
N PRO A 77 30.55 3.26 -2.25
CA PRO A 77 31.00 3.14 -3.64
C PRO A 77 32.50 2.87 -3.71
N ALA A 1 -22.01 22.80 -11.25
CA ALA A 1 -21.37 23.00 -12.57
C ALA A 1 -19.88 23.14 -12.42
N SER A 2 -19.45 24.18 -11.66
CA SER A 2 -18.06 24.51 -11.37
C SER A 2 -17.98 24.87 -9.90
N ASP A 3 -18.90 24.32 -9.05
CA ASP A 3 -18.96 24.58 -7.62
C ASP A 3 -19.00 23.22 -6.96
N GLY A 4 -17.83 22.75 -6.45
CA GLY A 4 -17.68 21.50 -5.74
C GLY A 4 -16.65 21.72 -4.68
N LEU A 5 -16.00 20.61 -4.22
CA LEU A 5 -14.95 20.61 -3.22
C LEU A 5 -13.80 19.74 -3.71
N PRO A 6 -12.84 20.20 -4.57
CA PRO A 6 -11.59 19.49 -4.84
C PRO A 6 -10.52 19.96 -3.85
N ASN A 7 -10.52 19.39 -2.61
CA ASN A 7 -9.65 19.78 -1.53
C ASN A 7 -9.55 18.54 -0.68
N LYS A 8 -10.09 18.59 0.58
CA LYS A 8 -10.11 17.51 1.54
C LYS A 8 -11.56 17.19 1.82
N LYS A 9 -11.80 15.94 2.29
CA LYS A 9 -13.07 15.42 2.73
C LYS A 9 -12.77 14.72 4.04
N ARG A 10 -11.54 14.14 4.12
CA ARG A 10 -10.97 13.46 5.25
C ARG A 10 -9.54 13.94 5.32
N LYS A 11 -8.88 13.76 6.49
CA LYS A 11 -7.49 14.13 6.73
C LYS A 11 -6.80 12.89 7.22
N ARG A 12 -5.58 12.64 6.65
CA ARG A 12 -4.65 11.52 6.73
C ARG A 12 -4.33 10.87 8.09
N ARG A 13 -3.03 10.87 8.55
CA ARG A 13 -1.84 11.48 8.00
C ARG A 13 -1.06 10.41 7.29
N VAL A 14 0.11 10.80 6.70
CA VAL A 14 0.82 10.21 5.58
C VAL A 14 1.41 8.84 5.83
N LEU A 15 2.61 8.90 6.42
CA LEU A 15 3.62 7.85 6.64
C LEU A 15 3.15 6.62 7.41
N PHE A 16 3.58 5.44 6.91
CA PHE A 16 3.05 4.12 7.14
C PHE A 16 3.78 3.39 8.24
N THR A 17 3.01 2.55 9.00
CA THR A 17 3.47 1.63 10.03
C THR A 17 3.14 0.23 9.57
N LYS A 18 3.26 -0.80 10.47
CA LYS A 18 3.22 -2.23 10.18
C LYS A 18 1.80 -2.82 10.14
N ALA A 19 0.77 -1.96 9.94
CA ALA A 19 -0.54 -2.28 9.37
C ALA A 19 -0.52 -2.21 7.84
N GLN A 20 0.01 -1.08 7.29
CA GLN A 20 -0.07 -0.60 5.91
C GLN A 20 0.90 -1.33 5.00
N THR A 21 2.19 -1.44 5.41
CA THR A 21 3.31 -2.09 4.73
C THR A 21 3.17 -3.61 4.72
N TYR A 22 2.52 -4.15 5.79
CA TYR A 22 2.22 -5.55 6.05
C TYR A 22 1.22 -6.15 5.08
N GLU A 23 0.09 -5.42 4.88
CA GLU A 23 -1.02 -5.78 4.00
C GLU A 23 -0.75 -5.67 2.51
N LEU A 24 0.02 -4.64 2.08
CA LEU A 24 0.42 -4.40 0.69
C LEU A 24 1.42 -5.40 0.13
N GLU A 25 2.43 -5.81 0.94
CA GLU A 25 3.43 -6.83 0.65
C GLU A 25 2.90 -8.25 0.63
N ARG A 26 1.87 -8.59 1.50
CA ARG A 26 1.29 -9.92 1.54
C ARG A 26 0.37 -10.26 0.38
N ARG A 27 -0.47 -9.29 -0.07
CA ARG A 27 -1.37 -9.42 -1.22
C ARG A 27 -0.77 -9.08 -2.58
N PHE A 28 0.56 -8.74 -2.65
CA PHE A 28 1.46 -8.94 -3.80
C PHE A 28 1.95 -10.38 -3.95
N ARG A 29 2.34 -11.08 -2.84
CA ARG A 29 2.90 -12.44 -2.80
C ARG A 29 1.85 -13.52 -3.06
N GLN A 30 0.56 -13.26 -2.69
CA GLN A 30 -0.57 -14.13 -2.84
C GLN A 30 -1.25 -13.96 -4.20
N GLN A 31 -1.16 -12.76 -4.85
CA GLN A 31 -1.75 -12.55 -6.16
C GLN A 31 -1.27 -11.23 -6.72
N ARG A 32 -1.47 -11.07 -8.05
CA ARG A 32 -1.05 -9.94 -8.87
C ARG A 32 -2.20 -9.03 -9.26
N TYR A 33 -3.38 -9.65 -9.58
CA TYR A 33 -4.40 -9.16 -10.52
C TYR A 33 -5.33 -8.05 -10.02
N LEU A 34 -5.48 -7.96 -8.67
CA LEU A 34 -6.47 -7.27 -7.79
C LEU A 34 -7.01 -5.95 -8.31
N SER A 35 -8.30 -6.08 -8.72
CA SER A 35 -9.17 -5.12 -9.39
C SER A 35 -10.23 -4.75 -8.38
N ALA A 36 -11.08 -3.73 -8.68
CA ALA A 36 -12.00 -2.97 -7.83
C ALA A 36 -12.82 -3.63 -6.71
N PRO A 37 -13.39 -4.86 -6.78
CA PRO A 37 -14.09 -5.52 -5.67
C PRO A 37 -13.22 -5.89 -4.46
N GLU A 38 -11.93 -6.26 -4.68
CA GLU A 38 -10.94 -6.60 -3.68
C GLU A 38 -9.89 -5.50 -3.41
N ARG A 39 -9.59 -4.57 -4.37
CA ARG A 39 -8.57 -3.52 -4.27
C ARG A 39 -9.09 -2.30 -3.50
N GLU A 40 -10.41 -1.97 -3.65
CA GLU A 40 -11.12 -0.87 -2.99
C GLU A 40 -11.59 -1.24 -1.60
N HIS A 41 -11.69 -2.57 -1.32
CA HIS A 41 -12.03 -3.20 -0.06
C HIS A 41 -10.83 -3.23 0.88
N LEU A 42 -9.60 -3.25 0.29
CA LEU A 42 -8.30 -3.10 0.94
C LEU A 42 -8.03 -1.67 1.38
N ALA A 43 -8.44 -0.67 0.55
CA ALA A 43 -8.29 0.77 0.76
C ALA A 43 -9.22 1.35 1.79
N SER A 44 -10.43 0.73 1.98
CA SER A 44 -11.43 1.06 2.98
C SER A 44 -11.17 0.40 4.32
N LEU A 45 -10.53 -0.81 4.31
CA LEU A 45 -10.13 -1.61 5.45
C LEU A 45 -8.91 -1.05 6.15
N ILE A 46 -7.93 -0.48 5.39
CA ILE A 46 -6.66 -0.02 5.90
C ILE A 46 -6.60 1.50 6.03
N ARG A 47 -7.50 2.25 5.32
CA ARG A 47 -7.73 3.69 5.36
C ARG A 47 -6.77 4.48 4.48
N LEU A 48 -6.87 4.31 3.14
CA LEU A 48 -6.13 5.08 2.16
C LEU A 48 -7.05 5.35 1.00
N THR A 49 -6.50 5.89 -0.12
CA THR A 49 -7.20 6.31 -1.32
C THR A 49 -6.90 5.36 -2.49
N PRO A 50 -7.79 5.31 -3.54
CA PRO A 50 -7.72 4.39 -4.69
C PRO A 50 -6.54 4.59 -5.63
N THR A 51 -5.96 5.83 -5.70
CA THR A 51 -4.92 6.25 -6.62
C THR A 51 -3.53 5.95 -6.06
N GLN A 52 -3.36 5.88 -4.70
CA GLN A 52 -2.09 5.57 -4.05
C GLN A 52 -1.85 4.07 -3.93
N VAL A 53 -2.95 3.26 -3.74
CA VAL A 53 -2.93 1.79 -3.85
C VAL A 53 -2.68 1.29 -5.29
N LYS A 54 -3.25 2.01 -6.31
CA LYS A 54 -3.00 1.90 -7.77
C LYS A 54 -1.52 1.95 -8.17
N ILE A 55 -0.81 3.05 -7.79
CA ILE A 55 0.59 3.31 -8.15
C ILE A 55 1.62 2.64 -7.25
N TRP A 56 1.21 2.00 -6.10
CA TRP A 56 2.06 1.12 -5.29
C TRP A 56 2.22 -0.24 -5.97
N PHE A 57 1.09 -0.80 -6.50
CA PHE A 57 0.99 -2.10 -7.18
C PHE A 57 1.42 -2.04 -8.63
N GLN A 58 1.56 -0.81 -9.20
CA GLN A 58 2.10 -0.49 -10.51
C GLN A 58 3.62 -0.55 -10.54
N ASN A 59 4.26 0.00 -9.47
CA ASN A 59 5.71 0.14 -9.30
C ASN A 59 6.36 -1.09 -8.67
N HIS A 60 5.56 -1.94 -7.97
CA HIS A 60 5.98 -3.17 -7.31
C HIS A 60 5.97 -4.40 -8.21
N ARG A 61 5.30 -4.39 -9.40
CA ARG A 61 5.58 -5.24 -10.55
C ARG A 61 6.61 -4.60 -11.48
N TYR A 62 7.79 -4.16 -10.99
CA TYR A 62 8.81 -4.84 -10.21
C TYR A 62 9.94 -3.85 -10.26
N LYS A 63 10.20 -3.24 -9.08
CA LYS A 63 11.30 -3.65 -8.25
C LYS A 63 10.72 -3.91 -6.88
N THR A 64 10.15 -5.14 -6.76
CA THR A 64 9.39 -5.84 -5.74
C THR A 64 9.86 -5.78 -4.28
N LYS A 65 11.20 -5.65 -4.02
CA LYS A 65 11.81 -5.38 -2.74
C LYS A 65 11.98 -3.87 -2.54
N ARG A 66 13.25 -3.45 -2.29
CA ARG A 66 13.69 -2.09 -2.10
C ARG A 66 15.05 -2.09 -2.73
N ALA A 67 15.08 -1.97 -4.09
CA ALA A 67 16.19 -2.20 -5.00
C ALA A 67 17.31 -1.16 -5.03
N GLN A 68 17.96 -0.88 -6.21
CA GLN A 68 17.67 -1.28 -7.58
C GLN A 68 18.58 -2.41 -8.01
N ASN A 69 18.00 -3.40 -8.74
CA ASN A 69 18.67 -4.57 -9.23
C ASN A 69 17.79 -5.07 -10.34
N GLU A 70 18.05 -4.48 -11.53
CA GLU A 70 17.84 -4.98 -12.90
C GLU A 70 18.36 -6.39 -13.21
N LYS A 71 19.37 -6.48 -14.12
CA LYS A 71 20.16 -7.66 -14.58
C LYS A 71 20.77 -8.56 -13.49
N GLY A 72 22.11 -8.68 -13.47
CA GLY A 72 22.85 -9.54 -12.56
C GLY A 72 23.99 -8.79 -11.92
N TYR A 73 23.74 -7.51 -11.50
CA TYR A 73 24.77 -6.53 -11.12
C TYR A 73 25.23 -6.52 -9.67
N GLU A 74 24.41 -7.05 -8.75
CA GLU A 74 24.64 -7.22 -7.33
C GLU A 74 24.87 -8.68 -7.06
N GLY A 75 25.98 -9.22 -7.62
CA GLY A 75 26.36 -10.61 -7.50
C GLY A 75 27.74 -10.72 -8.10
N HIS A 76 28.58 -11.60 -7.51
CA HIS A 76 29.97 -11.84 -7.87
C HIS A 76 30.15 -13.04 -8.80
N PRO A 77 29.50 -14.23 -8.66
CA PRO A 77 29.63 -15.32 -9.64
C PRO A 77 28.94 -14.95 -10.95
#